data_8WHG
#
_entry.id   8WHG
#
_cell.length_a   335.102
_cell.length_b   96.071
_cell.length_c   103.790
_cell.angle_alpha   90.00
_cell.angle_beta   100.48
_cell.angle_gamma   90.00
#
_symmetry.space_group_name_H-M   'C 1 2 1'
#
loop_
_entity.id
_entity.type
_entity.pdbx_description
1 polymer '6-phosphogluconate dehydrogenase NAD-binding protein'
2 non-polymer 'NADP NICOTINAMIDE-ADENINE-DINUCLEOTIDE PHOSPHATE'
3 water water
#
_entity_poly.entity_id   1
_entity_poly.type   'polypeptide(L)'
_entity_poly.pdbx_seq_one_letter_code
;MSNTNAAQAPVSVIGLGLMGQALAAAFLKAGHPTTVWNRRAAKADQLVSEGATRAGSVADAIAASPLVVLCVSDYGAVRE
LLDPLAGSLKGKVVVNYTTGTSTQARETAEWAAGVETTYLDGAIMGPPPWLATDRAILLYSGPKAAFEEHEATLRALGAA
GTTYLDTDHGLSALYDMSLLGIMWGVLNGFLQGAALLGTAKVKATTFAPLANTLINLITERVTAYAPQIDEGKYPAGDAT
MTVHQDAMEHLAEESETLGISAEMPRFFKALADRAVADGHADSGYAAMIEQFRKPSA
;
_entity_poly.pdbx_strand_id   A,B,C,D,E,F,G,H
#
# COMPACT_ATOMS: atom_id res chain seq x y z
N ALA A 7 14.18 11.04 -37.92
CA ALA A 7 14.80 11.55 -39.14
C ALA A 7 13.93 12.61 -39.79
N GLN A 8 14.36 13.08 -40.96
CA GLN A 8 13.66 14.10 -41.74
C GLN A 8 13.47 15.41 -40.97
N ALA A 9 14.16 15.58 -39.85
CA ALA A 9 14.06 16.80 -39.04
C ALA A 9 15.40 17.07 -38.39
N PRO A 10 16.34 17.63 -39.15
CA PRO A 10 17.66 17.93 -38.58
C PRO A 10 17.60 19.13 -37.66
N VAL A 11 18.47 19.12 -36.65
CA VAL A 11 18.58 20.24 -35.71
C VAL A 11 20.06 20.44 -35.41
N SER A 12 20.42 21.70 -35.18
CA SER A 12 21.78 22.07 -34.81
C SER A 12 21.75 22.73 -33.44
N VAL A 13 22.59 22.24 -32.53
CA VAL A 13 22.74 22.83 -31.21
C VAL A 13 24.04 23.61 -31.22
N ILE A 14 23.96 24.93 -31.08
CA ILE A 14 25.13 25.80 -30.99
C ILE A 14 25.32 26.13 -29.52
N GLY A 15 26.40 25.62 -28.93
CA GLY A 15 26.65 25.80 -27.51
C GLY A 15 26.53 24.50 -26.74
N LEU A 16 27.67 23.92 -26.38
CA LEU A 16 27.66 22.61 -25.73
C LEU A 16 28.11 22.70 -24.26
N GLY A 17 27.35 23.42 -23.44
CA GLY A 17 27.55 23.39 -22.00
C GLY A 17 26.88 22.19 -21.40
N LEU A 18 26.43 22.35 -20.14
CA LEU A 18 25.66 21.28 -19.50
C LEU A 18 24.24 21.22 -20.06
N MET A 19 23.57 22.37 -20.16
CA MET A 19 22.23 22.40 -20.72
C MET A 19 22.26 22.13 -22.22
N GLY A 20 23.26 22.66 -22.92
CA GLY A 20 23.36 22.40 -24.35
C GLY A 20 23.53 20.92 -24.65
N GLN A 21 24.48 20.28 -23.97
CA GLN A 21 24.70 18.85 -24.16
C GLN A 21 23.41 18.07 -23.94
N ALA A 22 22.68 18.39 -22.87
CA ALA A 22 21.41 17.71 -22.62
C ALA A 22 20.44 17.92 -23.79
N LEU A 23 20.44 19.12 -24.38
CA LEU A 23 19.58 19.38 -25.52
C LEU A 23 19.97 18.52 -26.71
N ALA A 24 21.26 18.52 -27.07
CA ALA A 24 21.71 17.71 -28.19
C ALA A 24 21.44 16.23 -27.96
N ALA A 25 21.62 15.76 -26.71
CA ALA A 25 21.34 14.36 -26.41
C ALA A 25 19.86 14.04 -26.64
N ALA A 26 18.97 14.91 -26.16
CA ALA A 26 17.54 14.68 -26.35
C ALA A 26 17.19 14.57 -27.83
N PHE A 27 17.70 15.49 -28.65
CA PHE A 27 17.42 15.45 -30.08
C PHE A 27 18.00 14.19 -30.72
N LEU A 28 19.24 13.83 -30.35
CA LEU A 28 19.86 12.64 -30.90
C LEU A 28 19.04 11.39 -30.59
N LYS A 29 18.77 11.17 -29.30
CA LYS A 29 17.97 10.01 -28.90
C LYS A 29 16.64 9.96 -29.66
N ALA A 30 15.99 11.11 -29.81
CA ALA A 30 14.71 11.16 -30.50
C ALA A 30 14.82 10.91 -31.99
N GLY A 31 15.99 10.54 -32.52
CA GLY A 31 16.10 10.25 -33.93
C GLY A 31 16.28 11.44 -34.84
N HIS A 32 16.61 12.61 -34.29
CA HIS A 32 16.83 13.79 -35.11
C HIS A 32 18.30 13.85 -35.53
N PRO A 33 18.59 14.06 -36.82
CA PRO A 33 19.99 14.29 -37.22
C PRO A 33 20.52 15.53 -36.54
N THR A 34 21.45 15.34 -35.60
CA THR A 34 21.86 16.40 -34.68
C THR A 34 23.29 16.81 -34.98
N THR A 35 23.47 18.07 -35.42
CA THR A 35 24.77 18.68 -35.56
C THR A 35 25.03 19.60 -34.37
N VAL A 36 26.24 19.53 -33.84
CA VAL A 36 26.60 20.27 -32.63
C VAL A 36 27.85 21.12 -32.90
N TRP A 37 27.95 22.23 -32.19
CA TRP A 37 29.15 23.06 -32.24
C TRP A 37 29.35 23.75 -30.89
N ASN A 38 30.61 23.85 -30.48
CA ASN A 38 30.97 24.50 -29.23
C ASN A 38 32.33 25.15 -29.40
N ARG A 39 32.53 26.27 -28.69
CA ARG A 39 33.81 26.97 -28.71
C ARG A 39 34.94 25.97 -28.50
N ARG A 40 35.01 25.37 -27.31
CA ARG A 40 35.95 24.30 -27.04
C ARG A 40 35.45 23.03 -27.72
N ALA A 41 36.15 22.60 -28.78
CA ALA A 41 35.69 21.46 -29.57
C ALA A 41 35.59 20.20 -28.73
N ALA A 42 36.43 20.07 -27.70
CA ALA A 42 36.42 18.86 -26.88
C ALA A 42 35.06 18.61 -26.23
N LYS A 43 34.29 19.68 -25.99
CA LYS A 43 32.99 19.53 -25.35
C LYS A 43 31.95 18.89 -26.25
N ALA A 44 32.30 18.50 -27.47
CA ALA A 44 31.38 17.86 -28.39
C ALA A 44 31.73 16.41 -28.69
N ASP A 45 32.83 15.90 -28.12
CA ASP A 45 33.30 14.57 -28.48
C ASP A 45 32.27 13.50 -28.13
N GLN A 46 31.83 13.46 -26.87
CA GLN A 46 30.88 12.44 -26.45
C GLN A 46 29.68 12.36 -27.38
N LEU A 47 29.08 13.52 -27.69
CA LEU A 47 27.90 13.52 -28.55
C LEU A 47 28.24 13.02 -29.95
N VAL A 48 29.37 13.45 -30.50
CA VAL A 48 29.76 13.01 -31.84
C VAL A 48 30.01 11.51 -31.86
N SER A 49 30.71 11.00 -30.84
CA SER A 49 30.93 9.56 -30.75
C SER A 49 29.63 8.79 -30.58
N GLU A 50 28.57 9.44 -30.11
CA GLU A 50 27.27 8.82 -29.92
C GLU A 50 26.35 8.99 -31.13
N GLY A 51 26.86 9.55 -32.23
CA GLY A 51 26.08 9.73 -33.44
C GLY A 51 25.89 11.18 -33.87
N ALA A 52 26.26 12.14 -33.04
CA ALA A 52 26.07 13.54 -33.40
C ALA A 52 27.06 13.97 -34.48
N THR A 53 26.62 14.89 -35.33
CA THR A 53 27.44 15.46 -36.37
C THR A 53 28.15 16.70 -35.82
N ARG A 54 29.48 16.65 -35.78
CA ARG A 54 30.27 17.76 -35.26
C ARG A 54 30.43 18.81 -36.35
N ALA A 55 29.85 19.99 -36.16
CA ALA A 55 30.07 21.11 -37.05
C ALA A 55 31.42 21.75 -36.75
N GLY A 56 32.24 21.92 -37.78
CA GLY A 56 33.54 22.53 -37.58
C GLY A 56 33.46 24.00 -37.19
N SER A 57 32.44 24.70 -37.66
CA SER A 57 32.30 26.13 -37.43
C SER A 57 30.84 26.46 -37.13
N VAL A 58 30.62 27.68 -36.64
CA VAL A 58 29.25 28.15 -36.44
C VAL A 58 28.49 28.14 -37.75
N ALA A 59 29.18 28.44 -38.85
CA ALA A 59 28.54 28.40 -40.16
C ALA A 59 28.10 26.99 -40.52
N ASP A 60 28.98 26.01 -40.32
CA ASP A 60 28.62 24.63 -40.58
C ASP A 60 27.35 24.24 -39.83
N ALA A 61 27.28 24.59 -38.55
CA ALA A 61 26.10 24.27 -37.75
C ALA A 61 24.86 24.97 -38.31
N ILE A 62 24.98 26.24 -38.67
CA ILE A 62 23.83 26.97 -39.18
C ILE A 62 23.34 26.39 -40.50
N ALA A 63 24.26 25.90 -41.33
CA ALA A 63 23.91 25.37 -42.64
C ALA A 63 23.44 23.91 -42.59
N ALA A 64 23.54 23.24 -41.44
CA ALA A 64 23.24 21.82 -41.39
C ALA A 64 21.74 21.54 -41.27
N SER A 65 20.99 22.42 -40.64
CA SER A 65 19.59 22.17 -40.35
C SER A 65 18.78 23.44 -40.50
N PRO A 66 17.48 23.33 -40.74
CA PRO A 66 16.60 24.51 -40.71
C PRO A 66 16.25 24.98 -39.31
N LEU A 67 16.48 24.16 -38.29
CA LEU A 67 16.24 24.51 -36.90
C LEU A 67 17.58 24.67 -36.19
N VAL A 68 17.84 25.87 -35.69
CA VAL A 68 19.08 26.20 -35.02
C VAL A 68 18.77 26.52 -33.56
N VAL A 69 19.31 25.71 -32.65
CA VAL A 69 19.06 25.86 -31.22
C VAL A 69 20.26 26.52 -30.57
N LEU A 70 20.01 27.59 -29.82
CA LEU A 70 21.06 28.36 -29.18
C LEU A 70 20.99 28.20 -27.67
N CYS A 71 22.12 27.88 -27.05
CA CYS A 71 22.22 27.80 -25.60
C CYS A 71 23.67 28.12 -25.23
N VAL A 72 23.93 29.36 -24.82
CA VAL A 72 25.26 29.80 -24.44
C VAL A 72 25.22 30.46 -23.07
N SER A 73 26.33 31.07 -22.67
CA SER A 73 26.43 31.63 -21.33
C SER A 73 25.55 32.87 -21.16
N ASP A 74 25.70 33.83 -22.07
CA ASP A 74 24.97 35.09 -21.96
C ASP A 74 24.49 35.49 -23.35
N TYR A 75 23.54 36.43 -23.37
CA TYR A 75 23.09 36.99 -24.64
C TYR A 75 24.21 37.74 -25.35
N GLY A 76 25.21 38.23 -24.60
CA GLY A 76 26.38 38.80 -25.24
C GLY A 76 27.05 37.80 -26.17
N ALA A 77 27.23 36.57 -25.70
CA ALA A 77 27.68 35.49 -26.58
C ALA A 77 26.66 35.18 -27.66
N VAL A 78 25.39 35.47 -27.42
CA VAL A 78 24.36 35.25 -28.44
C VAL A 78 24.57 36.20 -29.62
N ARG A 79 24.79 37.48 -29.32
CA ARG A 79 25.00 38.46 -30.38
C ARG A 79 26.29 38.17 -31.14
N GLU A 80 27.35 37.80 -30.42
CA GLU A 80 28.64 37.56 -31.06
C GLU A 80 28.56 36.42 -32.07
N LEU A 81 27.68 35.43 -31.83
CA LEU A 81 27.55 34.30 -32.74
C LEU A 81 26.53 34.54 -33.84
N LEU A 82 25.50 35.34 -33.57
CA LEU A 82 24.43 35.55 -34.54
C LEU A 82 24.65 36.76 -35.44
N ASP A 83 25.46 37.73 -35.01
CA ASP A 83 25.71 38.91 -35.83
C ASP A 83 26.40 38.57 -37.15
N PRO A 84 27.48 37.77 -37.16
CA PRO A 84 28.24 37.58 -38.41
C PRO A 84 27.53 36.69 -39.42
N LEU A 85 26.31 36.27 -39.14
CA LEU A 85 25.56 35.42 -40.07
C LEU A 85 24.14 35.93 -40.28
N ALA A 86 23.92 37.23 -40.10
CA ALA A 86 22.60 37.80 -40.34
C ALA A 86 22.09 37.49 -41.74
N GLY A 87 22.98 37.21 -42.68
CA GLY A 87 22.58 36.80 -44.01
C GLY A 87 22.44 35.31 -44.21
N SER A 88 22.87 34.51 -43.24
CA SER A 88 22.81 33.05 -43.35
C SER A 88 21.56 32.46 -42.71
N LEU A 89 20.71 33.27 -42.10
CA LEU A 89 19.53 32.77 -41.39
C LEU A 89 18.26 32.86 -42.21
N LYS A 90 18.37 32.86 -43.54
CA LYS A 90 17.19 32.91 -44.38
C LYS A 90 16.47 31.56 -44.38
N GLY A 91 15.17 31.59 -44.08
CA GLY A 91 14.35 30.40 -44.08
C GLY A 91 14.53 29.48 -42.89
N LYS A 92 15.36 29.84 -41.93
CA LYS A 92 15.60 29.04 -40.74
C LYS A 92 14.83 29.61 -39.55
N VAL A 93 14.72 28.79 -38.50
CA VAL A 93 14.11 29.20 -37.24
C VAL A 93 15.17 29.05 -36.15
N VAL A 94 15.33 30.11 -35.36
CA VAL A 94 16.31 30.14 -34.28
C VAL A 94 15.56 30.07 -32.94
N VAL A 95 15.90 29.07 -32.14
CA VAL A 95 15.39 28.94 -30.78
C VAL A 95 16.56 29.17 -29.83
N ASN A 96 16.43 30.17 -28.98
CA ASN A 96 17.49 30.57 -28.05
C ASN A 96 17.05 30.25 -26.63
N TYR A 97 17.70 29.25 -26.02
CA TYR A 97 17.42 28.86 -24.65
C TYR A 97 18.32 29.58 -23.65
N THR A 98 19.15 30.52 -24.11
CA THR A 98 20.10 31.17 -23.23
C THR A 98 19.37 31.97 -22.16
N THR A 99 19.94 31.96 -20.95
CA THR A 99 19.38 32.70 -19.84
C THR A 99 19.68 34.19 -19.99
N GLY A 100 18.64 35.01 -19.93
CA GLY A 100 18.81 36.45 -20.06
C GLY A 100 17.60 37.18 -19.51
N THR A 101 17.69 38.50 -19.54
CA THR A 101 16.57 39.34 -19.11
C THR A 101 15.56 39.49 -20.22
N SER A 102 14.33 39.87 -19.84
CA SER A 102 13.30 40.13 -20.84
C SER A 102 13.76 41.19 -21.84
N THR A 103 14.44 42.22 -21.36
CA THR A 103 14.94 43.27 -22.26
C THR A 103 15.88 42.69 -23.29
N GLN A 104 16.80 41.81 -22.86
CA GLN A 104 17.72 41.19 -23.82
C GLN A 104 16.96 40.33 -24.83
N ALA A 105 15.88 39.68 -24.39
CA ALA A 105 15.11 38.84 -25.30
C ALA A 105 14.46 39.66 -26.41
N ARG A 106 13.86 40.80 -26.05
CA ARG A 106 13.21 41.64 -27.06
C ARG A 106 14.23 42.22 -28.03
N GLU A 107 15.42 42.58 -27.54
CA GLU A 107 16.43 43.17 -28.41
C GLU A 107 16.89 42.18 -29.46
N THR A 108 17.18 40.94 -29.05
CA THR A 108 17.55 39.92 -30.04
C THR A 108 16.42 39.64 -31.00
N ALA A 109 15.17 39.81 -30.56
CA ALA A 109 14.04 39.71 -31.48
C ALA A 109 14.06 40.82 -32.50
N GLU A 110 14.22 42.07 -32.04
CA GLU A 110 14.35 43.20 -32.95
C GLU A 110 15.40 42.91 -34.02
N TRP A 111 16.61 42.54 -33.60
CA TRP A 111 17.66 42.17 -34.55
C TRP A 111 17.17 41.08 -35.49
N ALA A 112 16.59 40.02 -34.94
CA ALA A 112 16.08 38.94 -35.76
C ALA A 112 15.04 39.46 -36.76
N ALA A 113 14.10 40.26 -36.28
CA ALA A 113 13.08 40.82 -37.17
C ALA A 113 13.71 41.67 -38.26
N GLY A 114 14.90 42.21 -38.02
CA GLY A 114 15.55 43.04 -39.03
C GLY A 114 16.28 42.27 -40.10
N VAL A 115 16.81 41.09 -39.75
CA VAL A 115 17.55 40.28 -40.71
C VAL A 115 16.62 39.27 -41.37
N GLU A 116 15.31 39.47 -41.19
CA GLU A 116 14.30 38.60 -41.77
C GLU A 116 14.60 37.13 -41.47
N THR A 117 14.38 36.75 -40.22
CA THR A 117 14.59 35.38 -39.77
C THR A 117 13.67 35.12 -38.58
N THR A 118 13.16 33.89 -38.51
CA THR A 118 12.26 33.52 -37.43
C THR A 118 13.06 33.21 -36.17
N TYR A 119 12.67 33.83 -35.06
CA TYR A 119 13.41 33.72 -33.81
C TYR A 119 12.44 33.38 -32.69
N LEU A 120 12.70 32.28 -31.98
CA LEU A 120 11.92 31.87 -30.82
C LEU A 120 12.79 31.96 -29.58
N ASP A 121 12.26 32.60 -28.54
CA ASP A 121 12.95 32.73 -27.26
C ASP A 121 12.43 31.65 -26.31
N GLY A 122 13.31 30.76 -25.89
CA GLY A 122 12.94 29.63 -25.05
C GLY A 122 13.63 29.67 -23.70
N ALA A 123 12.92 29.22 -22.67
CA ALA A 123 13.44 29.19 -21.31
C ALA A 123 13.30 27.78 -20.75
N ILE A 124 14.41 27.18 -20.35
CA ILE A 124 14.41 25.88 -19.71
C ILE A 124 14.35 26.09 -18.20
N MET A 125 13.32 25.53 -17.56
CA MET A 125 13.08 25.71 -16.13
C MET A 125 13.54 24.46 -15.40
N GLY A 126 14.79 24.46 -14.95
CA GLY A 126 15.31 23.37 -14.15
C GLY A 126 16.65 22.85 -14.64
N PRO A 127 17.19 21.85 -13.93
CA PRO A 127 18.50 21.32 -14.28
C PRO A 127 18.44 20.53 -15.58
N PRO A 128 19.59 20.30 -16.22
CA PRO A 128 19.61 19.55 -17.49
C PRO A 128 19.02 18.17 -17.34
N PRO A 129 19.26 17.47 -16.22
CA PRO A 129 18.71 16.11 -16.08
C PRO A 129 17.20 16.04 -16.27
N TRP A 130 16.48 17.15 -16.04
CA TRP A 130 15.03 17.15 -16.21
C TRP A 130 14.62 17.09 -17.67
N LEU A 131 15.53 17.39 -18.60
CA LEU A 131 15.18 17.40 -20.01
C LEU A 131 14.76 16.02 -20.47
N ALA A 132 13.83 15.98 -21.43
CA ALA A 132 13.33 14.73 -21.97
C ALA A 132 12.83 13.81 -20.85
N THR A 133 12.25 14.42 -19.82
CA THR A 133 11.62 13.69 -18.73
C THR A 133 10.31 14.38 -18.37
N ASP A 134 9.54 13.73 -17.51
CA ASP A 134 8.27 14.33 -17.07
C ASP A 134 8.49 15.64 -16.32
N ARG A 135 9.69 15.87 -15.78
CA ARG A 135 9.98 17.08 -15.02
C ARG A 135 10.36 18.26 -15.89
N ALA A 136 10.54 18.06 -17.19
CA ALA A 136 11.04 19.11 -18.08
C ALA A 136 9.96 20.15 -18.33
N ILE A 137 10.33 21.43 -18.17
CA ILE A 137 9.44 22.55 -18.41
C ILE A 137 10.16 23.52 -19.34
N LEU A 138 9.57 23.78 -20.51
CA LEU A 138 10.17 24.67 -21.51
C LEU A 138 9.10 25.63 -22.01
N LEU A 139 9.37 26.92 -21.89
CA LEU A 139 8.45 27.96 -22.33
C LEU A 139 9.01 28.66 -23.56
N TYR A 140 8.11 29.02 -24.48
CA TYR A 140 8.51 29.66 -25.73
C TYR A 140 7.71 30.95 -25.93
N SER A 141 8.37 31.93 -26.54
CA SER A 141 7.75 33.21 -26.85
C SER A 141 8.15 33.63 -28.25
N GLY A 142 7.16 34.11 -29.02
CA GLY A 142 7.41 34.58 -30.36
C GLY A 142 6.32 34.19 -31.34
N PRO A 143 6.71 34.02 -32.60
CA PRO A 143 5.71 33.65 -33.63
C PRO A 143 5.12 32.29 -33.35
N LYS A 144 3.80 32.26 -33.12
CA LYS A 144 3.13 30.99 -32.86
C LYS A 144 3.25 30.04 -34.04
N ALA A 145 3.34 30.56 -35.25
CA ALA A 145 3.46 29.71 -36.43
C ALA A 145 4.75 28.88 -36.37
N ALA A 146 5.90 29.55 -36.21
CA ALA A 146 7.17 28.84 -36.17
C ALA A 146 7.17 27.78 -35.08
N PHE A 147 6.62 28.10 -33.91
CA PHE A 147 6.54 27.12 -32.82
C PHE A 147 5.82 25.85 -33.29
N GLU A 148 4.64 26.01 -33.88
CA GLU A 148 3.88 24.84 -34.34
C GLU A 148 4.61 24.10 -35.45
N GLU A 149 5.38 24.80 -36.28
CA GLU A 149 6.11 24.13 -37.35
C GLU A 149 7.08 23.09 -36.77
N HIS A 150 7.70 23.39 -35.64
CA HIS A 150 8.67 22.50 -35.02
C HIS A 150 8.17 21.90 -33.71
N GLU A 151 6.88 22.03 -33.40
CA GLU A 151 6.36 21.50 -32.15
C GLU A 151 6.72 20.03 -31.97
N ALA A 152 6.60 19.24 -33.05
CA ALA A 152 7.00 17.84 -32.97
C ALA A 152 8.46 17.71 -32.59
N THR A 153 9.34 18.51 -33.20
CA THR A 153 10.76 18.44 -32.86
C THR A 153 11.02 18.98 -31.45
N LEU A 154 10.41 20.12 -31.11
CA LEU A 154 10.65 20.71 -29.80
C LEU A 154 10.21 19.78 -28.68
N ARG A 155 9.10 19.07 -28.87
CA ARG A 155 8.58 18.21 -27.81
C ARG A 155 9.51 17.05 -27.48
N ALA A 156 10.55 16.82 -28.28
CA ALA A 156 11.53 15.79 -27.94
C ALA A 156 12.24 16.09 -26.62
N LEU A 157 12.30 17.35 -26.22
CA LEU A 157 12.93 17.76 -24.97
C LEU A 157 11.98 17.69 -23.78
N GLY A 158 10.69 17.40 -24.01
CA GLY A 158 9.71 17.34 -22.95
C GLY A 158 8.31 17.57 -23.46
N ALA A 159 7.61 16.49 -23.78
CA ALA A 159 6.28 16.62 -24.39
C ALA A 159 5.33 17.39 -23.48
N ALA A 160 5.13 16.90 -22.25
CA ALA A 160 4.17 17.53 -21.36
C ALA A 160 4.59 18.93 -20.96
N GLY A 161 5.90 19.15 -20.77
CA GLY A 161 6.38 20.43 -20.28
C GLY A 161 6.48 21.53 -21.30
N THR A 162 6.28 21.23 -22.59
CA THR A 162 6.39 22.25 -23.62
C THR A 162 5.17 23.17 -23.57
N THR A 163 5.43 24.48 -23.59
CA THR A 163 4.37 25.47 -23.38
C THR A 163 4.70 26.72 -24.18
N TYR A 164 3.86 27.03 -25.17
CA TYR A 164 4.01 28.27 -25.93
C TYR A 164 3.40 29.42 -25.15
N LEU A 165 4.17 30.47 -24.91
CA LEU A 165 3.69 31.60 -24.10
C LEU A 165 2.87 32.57 -24.96
N ASP A 166 3.53 33.37 -25.77
CA ASP A 166 2.86 34.35 -26.62
C ASP A 166 3.87 34.96 -27.59
N THR A 167 3.47 36.03 -28.27
CA THR A 167 4.30 36.64 -29.29
C THR A 167 5.38 37.55 -28.68
N ASP A 168 5.13 38.12 -27.52
CA ASP A 168 6.12 38.96 -26.86
C ASP A 168 7.37 38.15 -26.55
N HIS A 169 8.47 38.44 -27.23
CA HIS A 169 9.67 37.60 -27.12
C HIS A 169 10.22 37.59 -25.70
N GLY A 170 10.04 38.67 -24.95
CA GLY A 170 10.58 38.74 -23.61
C GLY A 170 9.85 37.95 -22.56
N LEU A 171 8.64 37.48 -22.86
CA LEU A 171 7.84 36.78 -21.86
C LEU A 171 8.55 35.54 -21.33
N SER A 172 9.23 34.81 -22.21
CA SER A 172 9.95 33.61 -21.77
C SER A 172 11.02 33.96 -20.74
N ALA A 173 11.83 34.96 -21.04
CA ALA A 173 12.86 35.39 -20.08
C ALA A 173 12.22 35.85 -18.77
N LEU A 174 11.17 36.66 -18.86
CA LEU A 174 10.47 37.12 -17.67
C LEU A 174 10.04 35.94 -16.81
N TYR A 175 9.27 35.01 -17.40
CA TYR A 175 8.88 33.81 -16.66
C TYR A 175 10.10 33.05 -16.14
N ASP A 176 11.18 33.01 -16.93
CA ASP A 176 12.39 32.36 -16.48
C ASP A 176 12.93 33.02 -15.21
N MET A 177 12.93 34.36 -15.17
CA MET A 177 13.45 35.07 -14.01
C MET A 177 12.52 34.91 -12.81
N SER A 178 11.21 34.97 -13.04
CA SER A 178 10.26 34.87 -11.92
C SER A 178 10.35 33.50 -11.25
N LEU A 179 10.45 32.43 -12.03
CA LEU A 179 10.51 31.10 -11.45
C LEU A 179 11.85 30.84 -10.77
N LEU A 180 12.91 31.52 -11.20
CA LEU A 180 14.22 31.31 -10.59
C LEU A 180 14.26 31.82 -9.16
N GLY A 181 13.63 32.98 -8.91
CA GLY A 181 13.54 33.46 -7.53
C GLY A 181 12.85 32.46 -6.62
N ILE A 182 11.83 31.77 -7.12
CA ILE A 182 11.17 30.74 -6.34
C ILE A 182 12.15 29.62 -6.00
N MET A 183 12.92 29.19 -6.98
CA MET A 183 13.83 28.06 -6.77
C MET A 183 14.90 28.41 -5.73
N TRP A 184 15.53 29.57 -5.86
CA TRP A 184 16.54 29.97 -4.88
C TRP A 184 15.92 30.17 -3.51
N GLY A 185 14.73 30.75 -3.45
CA GLY A 185 14.04 30.89 -2.17
C GLY A 185 13.85 29.56 -1.48
N VAL A 186 13.54 28.51 -2.25
CA VAL A 186 13.34 27.19 -1.66
C VAL A 186 14.67 26.59 -1.22
N LEU A 187 15.67 26.59 -2.11
CA LEU A 187 16.96 25.99 -1.77
C LEU A 187 17.61 26.69 -0.59
N ASN A 188 17.55 28.02 -0.57
CA ASN A 188 18.16 28.77 0.54
C ASN A 188 17.40 28.53 1.83
N GLY A 189 16.07 28.54 1.78
CA GLY A 189 15.29 28.19 2.95
C GLY A 189 15.63 26.80 3.46
N PHE A 190 15.70 25.82 2.55
CA PHE A 190 16.07 24.47 2.96
C PHE A 190 17.48 24.43 3.53
N LEU A 191 18.41 25.17 2.90
CA LEU A 191 19.78 25.19 3.39
C LEU A 191 19.85 25.82 4.78
N GLN A 192 19.10 26.89 5.02
CA GLN A 192 19.08 27.50 6.34
C GLN A 192 18.50 26.55 7.38
N GLY A 193 17.47 25.80 7.00
CA GLY A 193 16.91 24.81 7.92
C GLY A 193 17.87 23.66 8.18
N ALA A 194 18.57 23.21 7.14
CA ALA A 194 19.53 22.11 7.30
C ALA A 194 20.73 22.54 8.14
N ALA A 195 21.14 23.81 8.02
CA ALA A 195 22.23 24.29 8.86
C ALA A 195 21.86 24.22 10.33
N LEU A 196 20.62 24.56 10.67
CA LEU A 196 20.13 24.50 12.03
C LEU A 196 20.19 23.07 12.57
N LEU A 197 19.33 22.20 12.02
CA LEU A 197 19.24 20.83 12.51
C LEU A 197 20.57 20.11 12.50
N GLY A 198 21.54 20.59 11.71
CA GLY A 198 22.88 20.03 11.79
C GLY A 198 23.53 20.26 13.13
N THR A 199 23.19 21.38 13.80
CA THR A 199 23.74 21.65 15.12
C THR A 199 23.30 20.64 16.15
N ALA A 200 22.15 19.98 15.93
CA ALA A 200 21.69 18.91 16.81
C ALA A 200 22.10 17.53 16.29
N LYS A 201 23.08 17.48 15.38
CA LYS A 201 23.53 16.22 14.78
C LYS A 201 22.43 15.56 13.96
N VAL A 202 21.50 16.36 13.46
CA VAL A 202 20.47 15.87 12.55
C VAL A 202 20.99 15.98 11.12
N LYS A 203 20.81 14.93 10.34
CA LYS A 203 21.34 14.87 8.99
C LYS A 203 20.40 15.55 8.00
N ALA A 204 21.00 16.19 6.99
CA ALA A 204 20.21 16.87 5.97
C ALA A 204 19.24 15.90 5.29
N THR A 205 19.66 14.66 5.09
CA THR A 205 18.77 13.66 4.50
C THR A 205 17.56 13.42 5.39
N THR A 206 17.77 13.34 6.71
CA THR A 206 16.65 13.15 7.62
C THR A 206 15.67 14.31 7.53
N PHE A 207 16.18 15.53 7.41
CA PHE A 207 15.31 16.70 7.29
C PHE A 207 14.71 16.84 5.90
N ALA A 208 15.29 16.19 4.90
CA ALA A 208 14.81 16.34 3.53
C ALA A 208 13.35 15.95 3.36
N PRO A 209 12.91 14.77 3.78
CA PRO A 209 11.49 14.41 3.58
C PRO A 209 10.53 15.38 4.26
N LEU A 210 10.78 15.70 5.54
CA LEU A 210 9.91 16.64 6.23
C LEU A 210 9.89 17.99 5.53
N ALA A 211 11.06 18.49 5.12
CA ALA A 211 11.11 19.76 4.39
C ALA A 211 10.32 19.69 3.10
N ASN A 212 10.44 18.58 2.36
CA ASN A 212 9.73 18.45 1.10
C ASN A 212 8.22 18.35 1.33
N THR A 213 7.81 17.65 2.38
CA THR A 213 6.39 17.62 2.73
C THR A 213 5.84 19.03 2.91
N LEU A 214 6.59 19.89 3.61
CA LEU A 214 6.14 21.25 3.84
C LEU A 214 6.20 22.10 2.58
N ILE A 215 7.20 21.86 1.72
CA ILE A 215 7.29 22.58 0.46
C ILE A 215 6.04 22.31 -0.39
N ASN A 216 5.67 21.02 -0.51
CA ASN A 216 4.50 20.67 -1.30
C ASN A 216 3.24 21.31 -0.75
N LEU A 217 3.08 21.31 0.57
CA LEU A 217 1.85 21.82 1.16
C LEU A 217 1.72 23.33 0.97
N ILE A 218 2.81 24.07 1.13
CA ILE A 218 2.76 25.52 1.04
C ILE A 218 2.15 25.98 -0.28
N THR A 219 2.14 25.10 -1.27
CA THR A 219 1.52 25.42 -2.58
C THR A 219 0.08 25.87 -2.32
N GLU A 220 -0.59 25.24 -1.35
CA GLU A 220 -1.95 25.63 -1.00
C GLU A 220 -2.00 27.10 -0.59
N ARG A 221 -1.08 27.51 0.29
CA ARG A 221 -1.01 28.93 0.66
C ARG A 221 -0.66 29.79 -0.54
N VAL A 222 0.23 29.30 -1.42
CA VAL A 222 0.55 30.02 -2.64
C VAL A 222 -0.71 30.32 -3.43
N THR A 223 -1.56 29.29 -3.61
CA THR A 223 -2.82 29.49 -4.31
C THR A 223 -3.74 30.44 -3.55
N ALA A 224 -3.63 30.47 -2.21
CA ALA A 224 -4.52 31.29 -1.41
C ALA A 224 -4.17 32.77 -1.53
N TYR A 225 -2.88 33.10 -1.42
CA TYR A 225 -2.44 34.49 -1.49
C TYR A 225 -2.47 35.06 -2.90
N ALA A 226 -2.58 34.20 -3.92
CA ALA A 226 -2.56 34.70 -5.30
C ALA A 226 -3.66 35.72 -5.56
N PRO A 227 -4.95 35.39 -5.37
CA PRO A 227 -5.98 36.40 -5.63
C PRO A 227 -5.90 37.62 -4.72
N GLN A 228 -5.43 37.45 -3.48
CA GLN A 228 -5.25 38.61 -2.61
C GLN A 228 -4.27 39.60 -3.22
N ILE A 229 -3.23 39.10 -3.88
CA ILE A 229 -2.31 39.99 -4.58
C ILE A 229 -3.00 40.69 -5.74
N ASP A 230 -4.00 40.04 -6.34
CA ASP A 230 -4.70 40.61 -7.49
C ASP A 230 -5.75 41.62 -7.05
N GLU A 231 -6.45 41.34 -5.94
CA GLU A 231 -7.51 42.24 -5.49
C GLU A 231 -6.97 43.43 -4.72
N GLY A 232 -5.80 43.29 -4.08
CA GLY A 232 -5.27 44.35 -3.25
C GLY A 232 -5.75 44.32 -1.82
N LYS A 233 -6.59 43.35 -1.45
CA LYS A 233 -7.05 43.17 -0.08
C LYS A 233 -6.35 41.96 0.50
N TYR A 234 -5.68 42.14 1.64
CA TYR A 234 -4.83 41.12 2.25
C TYR A 234 -5.39 40.74 3.62
N PRO A 235 -6.42 39.91 3.66
CA PRO A 235 -6.94 39.44 4.95
C PRO A 235 -5.91 38.56 5.67
N ALA A 236 -6.03 38.52 6.98
CA ALA A 236 -5.15 37.71 7.81
C ALA A 236 -5.88 36.49 8.34
N GLY A 237 -6.32 35.61 7.44
CA GLY A 237 -7.07 34.43 7.87
C GLY A 237 -6.20 33.39 8.56
N ASP A 238 -4.93 33.30 8.18
CA ASP A 238 -4.00 32.35 8.78
C ASP A 238 -3.15 32.97 9.88
N ALA A 239 -2.57 34.13 9.62
CA ALA A 239 -1.72 34.80 10.60
C ALA A 239 -1.52 36.24 10.17
N THR A 240 -1.39 37.13 11.15
CA THR A 240 -1.12 38.53 10.87
C THR A 240 0.37 38.74 10.62
N MET A 241 0.70 39.86 9.97
CA MET A 241 2.09 40.19 9.74
C MET A 241 2.87 40.22 11.04
N THR A 242 2.24 40.70 12.12
CA THR A 242 2.89 40.68 13.43
C THR A 242 3.29 39.26 13.84
N VAL A 243 2.39 38.30 13.64
CA VAL A 243 2.72 36.91 13.93
C VAL A 243 3.95 36.48 13.14
N HIS A 244 3.95 36.76 11.84
CA HIS A 244 5.13 36.48 11.01
C HIS A 244 6.37 37.18 11.57
N GLN A 245 6.24 38.48 11.83
CA GLN A 245 7.36 39.26 12.36
C GLN A 245 7.94 38.61 13.62
N ASP A 246 7.07 38.19 14.54
CA ASP A 246 7.53 37.56 15.76
C ASP A 246 8.27 36.26 15.47
N ALA A 247 7.66 35.38 14.69
CA ALA A 247 8.29 34.10 14.37
C ALA A 247 9.61 34.32 13.64
N MET A 248 9.67 35.32 12.76
CA MET A 248 10.92 35.64 12.09
C MET A 248 11.99 36.04 13.10
N GLU A 249 11.60 36.76 14.15
CA GLU A 249 12.54 37.13 15.20
C GLU A 249 13.06 35.90 15.93
N HIS A 250 12.18 34.92 16.17
CA HIS A 250 12.61 33.69 16.81
C HIS A 250 13.59 32.93 15.93
N LEU A 251 13.31 32.85 14.63
CA LEU A 251 14.26 32.20 13.72
C LEU A 251 15.59 32.92 13.70
N ALA A 252 15.57 34.25 13.68
CA ALA A 252 16.82 35.01 13.76
C ALA A 252 17.55 34.71 15.06
N GLU A 253 16.85 34.86 16.19
CA GLU A 253 17.47 34.62 17.49
C GLU A 253 17.98 33.19 17.61
N GLU A 254 17.18 32.22 17.16
CA GLU A 254 17.61 30.83 17.22
C GLU A 254 18.88 30.61 16.40
N SER A 255 19.01 31.31 15.27
CA SER A 255 20.17 31.13 14.41
C SER A 255 21.44 31.66 15.08
N GLU A 256 21.40 32.88 15.61
CA GLU A 256 22.55 33.42 16.31
C GLU A 256 22.95 32.53 17.48
N THR A 257 21.98 32.05 18.24
CA THR A 257 22.29 31.19 19.39
C THR A 257 23.02 29.94 18.96
N LEU A 258 22.50 29.23 17.95
CA LEU A 258 23.08 27.96 17.55
C LEU A 258 24.40 28.12 16.80
N GLY A 259 24.71 29.32 16.34
CA GLY A 259 25.98 29.58 15.70
C GLY A 259 26.00 29.54 14.19
N ILE A 260 24.84 29.56 13.53
CA ILE A 260 24.77 29.57 12.09
C ILE A 260 24.40 30.98 11.63
N SER A 261 24.45 31.17 10.32
CA SER A 261 24.14 32.49 9.77
C SER A 261 22.70 32.88 10.07
N ALA A 262 22.53 34.06 10.65
CA ALA A 262 21.23 34.67 10.82
C ALA A 262 20.94 35.73 9.77
N GLU A 263 21.76 35.79 8.71
CA GLU A 263 21.61 36.82 7.69
C GLU A 263 20.25 36.74 7.02
N MET A 264 19.88 35.56 6.51
CA MET A 264 18.57 35.41 5.88
C MET A 264 17.44 35.70 6.85
N PRO A 265 17.44 35.18 8.08
CA PRO A 265 16.37 35.55 9.01
C PRO A 265 16.24 37.05 9.21
N ARG A 266 17.36 37.74 9.43
CA ARG A 266 17.32 39.20 9.55
C ARG A 266 16.68 39.83 8.32
N PHE A 267 17.12 39.40 7.13
CA PHE A 267 16.57 39.96 5.88
C PHE A 267 15.06 39.78 5.83
N PHE A 268 14.58 38.56 6.09
CA PHE A 268 13.14 38.32 6.07
C PHE A 268 12.42 39.21 7.09
N LYS A 269 12.98 39.32 8.30
CA LYS A 269 12.35 40.15 9.32
C LYS A 269 12.38 41.62 8.94
N ALA A 270 13.41 42.05 8.19
CA ALA A 270 13.46 43.44 7.74
C ALA A 270 12.29 43.76 6.81
N LEU A 271 11.99 42.84 5.87
CA LEU A 271 10.87 43.07 4.96
C LEU A 271 9.55 43.10 5.72
N ALA A 272 9.42 42.27 6.75
CA ALA A 272 8.22 42.31 7.58
C ALA A 272 8.12 43.62 8.35
N ASP A 273 9.27 44.19 8.75
CA ASP A 273 9.26 45.48 9.43
C ASP A 273 8.56 46.54 8.57
N ARG A 274 8.97 46.68 7.31
CA ARG A 274 8.36 47.66 6.43
C ARG A 274 6.89 47.35 6.18
N ALA A 275 6.54 46.06 6.11
CA ALA A 275 5.14 45.69 5.96
C ALA A 275 4.30 46.27 7.09
N VAL A 276 4.71 46.03 8.34
CA VAL A 276 4.02 46.63 9.47
C VAL A 276 4.21 48.14 9.48
N ALA A 277 5.36 48.62 9.01
CA ALA A 277 5.59 50.06 8.93
C ALA A 277 4.58 50.73 8.01
N ASP A 278 4.22 50.06 6.91
CA ASP A 278 3.21 50.57 5.99
C ASP A 278 1.79 50.36 6.51
N GLY A 279 1.63 49.95 7.76
CA GLY A 279 0.31 49.76 8.33
C GLY A 279 -0.35 48.45 7.94
N HIS A 280 0.42 47.36 7.86
CA HIS A 280 -0.11 46.06 7.48
C HIS A 280 0.16 45.00 8.55
N ALA A 281 0.25 45.44 9.82
CA ALA A 281 0.56 44.51 10.90
C ALA A 281 -0.55 43.47 11.07
N ASP A 282 -1.79 43.81 10.73
CA ASP A 282 -2.93 42.92 10.91
C ASP A 282 -3.42 42.32 9.60
N SER A 283 -2.60 42.37 8.56
CA SER A 283 -2.92 41.75 7.28
C SER A 283 -2.14 40.45 7.12
N GLY A 284 -2.64 39.60 6.22
CA GLY A 284 -1.94 38.38 5.88
C GLY A 284 -0.66 38.64 5.12
N TYR A 285 0.17 37.61 5.02
CA TYR A 285 1.47 37.76 4.38
C TYR A 285 1.36 38.27 2.95
N ALA A 286 0.19 38.13 2.33
CA ALA A 286 0.02 38.60 0.96
C ALA A 286 0.38 40.08 0.83
N ALA A 287 0.17 40.87 1.89
CA ALA A 287 0.54 42.28 1.86
C ALA A 287 2.02 42.50 1.57
N MET A 288 2.85 41.45 1.67
CA MET A 288 4.26 41.57 1.34
C MET A 288 4.47 41.96 -0.12
N ILE A 289 3.47 41.74 -0.98
CA ILE A 289 3.62 42.08 -2.39
C ILE A 289 3.96 43.55 -2.56
N GLU A 290 3.43 44.40 -1.69
CA GLU A 290 3.75 45.83 -1.77
C GLU A 290 5.24 46.06 -1.57
N GLN A 291 5.85 45.32 -0.63
CA GLN A 291 7.27 45.50 -0.35
C GLN A 291 8.12 45.10 -1.54
N PHE A 292 7.74 44.01 -2.23
CA PHE A 292 8.52 43.55 -3.37
C PHE A 292 8.31 44.43 -4.59
N ARG A 293 7.26 45.26 -4.61
CA ARG A 293 7.03 46.20 -5.69
C ARG A 293 7.80 47.50 -5.51
N LYS A 294 8.47 47.68 -4.38
CA LYS A 294 9.20 48.91 -4.12
C LYS A 294 10.60 48.83 -4.72
N PRO A 295 10.97 49.72 -5.64
CA PRO A 295 12.29 49.74 -6.29
C PRO A 295 13.43 49.93 -5.29
N ASN B 5 -50.06 29.71 47.78
CA ASN B 5 -50.59 29.57 46.43
C ASN B 5 -51.31 28.24 46.26
N ALA B 6 -50.54 27.15 46.19
CA ALA B 6 -51.14 25.82 46.12
C ALA B 6 -52.23 25.67 47.16
N ALA B 7 -51.89 25.85 48.43
CA ALA B 7 -52.91 26.06 49.44
C ALA B 7 -53.70 27.31 49.11
N GLN B 8 -55.02 27.25 49.31
CA GLN B 8 -55.99 28.27 48.94
C GLN B 8 -56.53 28.04 47.54
N ALA B 9 -56.08 26.98 46.85
CA ALA B 9 -56.53 26.64 45.50
C ALA B 9 -57.19 25.27 45.56
N PRO B 10 -58.42 25.18 46.01
CA PRO B 10 -59.06 23.86 46.18
C PRO B 10 -59.24 23.14 44.85
N VAL B 11 -59.24 21.82 44.93
CA VAL B 11 -59.42 20.96 43.76
C VAL B 11 -60.21 19.72 44.18
N SER B 12 -61.11 19.28 43.31
CA SER B 12 -61.92 18.09 43.54
C SER B 12 -61.66 17.08 42.43
N VAL B 13 -61.39 15.84 42.83
CA VAL B 13 -61.12 14.75 41.89
C VAL B 13 -62.29 13.79 41.96
N ILE B 14 -63.04 13.69 40.88
CA ILE B 14 -64.20 12.81 40.78
C ILE B 14 -63.81 11.60 39.96
N GLY B 15 -63.86 10.42 40.58
CA GLY B 15 -63.41 9.19 39.96
C GLY B 15 -62.03 8.79 40.45
N LEU B 16 -61.96 7.73 41.26
CA LEU B 16 -60.71 7.35 41.89
C LEU B 16 -60.23 5.98 41.39
N GLY B 17 -59.93 5.89 40.09
CA GLY B 17 -59.31 4.70 39.54
C GLY B 17 -57.81 4.75 39.71
N LEU B 18 -57.13 3.88 38.96
CA LEU B 18 -55.67 3.89 39.00
C LEU B 18 -55.11 5.24 38.58
N MET B 19 -55.79 5.93 37.67
CA MET B 19 -55.40 7.28 37.29
C MET B 19 -55.98 8.33 38.22
N GLY B 20 -57.25 8.18 38.60
CA GLY B 20 -57.86 9.14 39.51
C GLY B 20 -57.07 9.29 40.80
N GLN B 21 -56.73 8.17 41.43
CA GLN B 21 -55.92 8.22 42.64
C GLN B 21 -54.64 9.01 42.41
N ALA B 22 -53.97 8.75 41.28
CA ALA B 22 -52.72 9.45 40.99
C ALA B 22 -52.94 10.94 40.81
N LEU B 23 -54.10 11.34 40.27
CA LEU B 23 -54.39 12.76 40.10
C LEU B 23 -54.55 13.44 41.46
N ALA B 24 -55.48 12.94 42.28
CA ALA B 24 -55.67 13.51 43.60
C ALA B 24 -54.37 13.51 44.40
N ALA B 25 -53.60 12.42 44.30
CA ALA B 25 -52.36 12.33 45.05
C ALA B 25 -51.39 13.44 44.67
N ALA B 26 -51.26 13.71 43.37
CA ALA B 26 -50.39 14.80 42.93
C ALA B 26 -50.91 16.15 43.38
N PHE B 27 -52.24 16.31 43.41
CA PHE B 27 -52.82 17.55 43.92
C PHE B 27 -52.62 17.67 45.42
N LEU B 28 -52.69 16.54 46.14
CA LEU B 28 -52.48 16.58 47.59
C LEU B 28 -51.04 16.93 47.93
N LYS B 29 -50.08 16.26 47.28
CA LYS B 29 -48.68 16.52 47.58
C LYS B 29 -48.26 17.94 47.17
N ALA B 30 -48.94 18.52 46.19
CA ALA B 30 -48.61 19.86 45.74
C ALA B 30 -49.10 20.95 46.69
N GLY B 31 -49.93 20.60 47.68
CA GLY B 31 -50.43 21.56 48.64
C GLY B 31 -51.85 22.02 48.42
N HIS B 32 -52.61 21.37 47.56
CA HIS B 32 -53.96 21.85 47.29
C HIS B 32 -54.96 21.19 48.23
N PRO B 33 -55.95 21.96 48.72
CA PRO B 33 -57.06 21.34 49.46
C PRO B 33 -57.84 20.40 48.55
N THR B 34 -57.55 19.11 48.62
CA THR B 34 -57.99 18.14 47.63
C THR B 34 -59.20 17.36 48.15
N THR B 35 -60.34 17.54 47.50
CA THR B 35 -61.54 16.74 47.77
C THR B 35 -61.65 15.62 46.74
N VAL B 36 -62.05 14.44 47.21
CA VAL B 36 -62.17 13.27 46.35
C VAL B 36 -63.52 12.62 46.54
N TRP B 37 -63.98 11.91 45.51
CA TRP B 37 -65.22 11.17 45.55
C TRP B 37 -65.12 10.01 44.57
N ASN B 38 -65.78 8.91 44.91
CA ASN B 38 -65.74 7.71 44.08
C ASN B 38 -67.01 6.91 44.30
N ARG B 39 -67.34 6.08 43.30
CA ARG B 39 -68.47 5.16 43.42
C ARG B 39 -68.29 4.27 44.64
N ARG B 40 -67.31 3.38 44.60
CA ARG B 40 -66.94 2.55 45.75
C ARG B 40 -66.03 3.39 46.66
N ALA B 41 -66.59 3.89 47.75
CA ALA B 41 -65.87 4.83 48.61
C ALA B 41 -64.58 4.24 49.17
N ALA B 42 -64.42 2.92 49.13
CA ALA B 42 -63.23 2.30 49.72
C ALA B 42 -61.95 2.75 49.01
N LYS B 43 -62.02 3.01 47.70
CA LYS B 43 -60.84 3.39 46.95
C LYS B 43 -60.34 4.78 47.31
N ALA B 44 -61.06 5.53 48.14
CA ALA B 44 -60.64 6.85 48.59
C ALA B 44 -60.04 6.82 50.00
N ASP B 45 -59.92 5.63 50.61
CA ASP B 45 -59.41 5.54 51.97
C ASP B 45 -57.97 6.04 52.05
N GLN B 46 -57.07 5.42 51.30
CA GLN B 46 -55.66 5.81 51.35
C GLN B 46 -55.49 7.30 51.15
N LEU B 47 -56.21 7.87 50.19
CA LEU B 47 -56.11 9.31 49.92
C LEU B 47 -56.56 10.12 51.13
N VAL B 48 -57.69 9.73 51.72
CA VAL B 48 -58.22 10.51 52.84
C VAL B 48 -57.32 10.38 54.07
N SER B 49 -56.73 9.20 54.28
CA SER B 49 -55.79 9.05 55.39
C SER B 49 -54.50 9.82 55.12
N GLU B 50 -54.15 10.05 53.86
CA GLU B 50 -53.00 10.85 53.51
C GLU B 50 -53.25 12.35 53.69
N GLY B 51 -54.50 12.76 53.82
CA GLY B 51 -54.81 14.17 54.03
C GLY B 51 -55.86 14.73 53.09
N ALA B 52 -56.51 13.85 52.33
CA ALA B 52 -57.55 14.26 51.39
C ALA B 52 -58.90 14.35 52.08
N THR B 53 -59.70 15.33 51.69
CA THR B 53 -61.03 15.53 52.26
C THR B 53 -62.05 14.75 51.43
N ARG B 54 -62.71 13.79 52.07
CA ARG B 54 -63.71 12.99 51.38
C ARG B 54 -64.96 13.82 51.11
N ALA B 55 -65.63 13.48 50.01
CA ALA B 55 -66.90 14.08 49.65
C ALA B 55 -67.99 13.03 49.73
N GLY B 56 -69.11 13.38 50.36
CA GLY B 56 -70.20 12.42 50.49
C GLY B 56 -70.82 12.07 49.15
N SER B 57 -70.94 13.05 48.26
CA SER B 57 -71.55 12.82 46.96
C SER B 57 -70.84 13.69 45.93
N VAL B 58 -71.19 13.48 44.66
CA VAL B 58 -70.63 14.29 43.59
C VAL B 58 -70.99 15.76 43.78
N ALA B 59 -72.18 16.03 44.28
CA ALA B 59 -72.60 17.42 44.50
C ALA B 59 -71.68 18.12 45.50
N ASP B 60 -71.33 17.43 46.58
CA ASP B 60 -70.39 18.00 47.54
C ASP B 60 -69.06 18.32 46.87
N ALA B 61 -68.51 17.37 46.13
CA ALA B 61 -67.24 17.60 45.44
C ALA B 61 -67.32 18.82 44.53
N ILE B 62 -68.43 18.96 43.80
CA ILE B 62 -68.59 20.13 42.92
C ILE B 62 -68.57 21.41 43.76
N ALA B 63 -69.29 21.41 44.89
CA ALA B 63 -69.33 22.61 45.71
C ALA B 63 -68.03 22.82 46.47
N ALA B 64 -67.28 21.76 46.72
CA ALA B 64 -66.10 21.85 47.56
C ALA B 64 -65.00 22.72 46.95
N SER B 65 -64.89 22.72 45.62
CA SER B 65 -63.77 23.39 44.97
C SER B 65 -64.25 24.13 43.72
N PRO B 66 -63.53 25.17 43.31
CA PRO B 66 -63.87 25.85 42.05
C PRO B 66 -63.41 25.07 40.83
N LEU B 67 -62.36 24.26 40.99
CA LEU B 67 -61.86 23.41 39.93
C LEU B 67 -62.30 21.98 40.16
N VAL B 68 -62.90 21.37 39.15
CA VAL B 68 -63.45 20.02 39.22
C VAL B 68 -62.73 19.17 38.18
N VAL B 69 -62.08 18.10 38.63
CA VAL B 69 -61.32 17.20 37.77
C VAL B 69 -62.03 15.86 37.73
N LEU B 70 -62.36 15.39 36.53
CA LEU B 70 -63.07 14.12 36.34
C LEU B 70 -62.18 13.17 35.55
N CYS B 71 -62.11 11.91 36.01
CA CYS B 71 -61.33 10.87 35.35
C CYS B 71 -62.03 9.53 35.61
N VAL B 72 -63.03 9.24 34.77
CA VAL B 72 -63.82 8.02 34.93
C VAL B 72 -63.68 7.16 33.67
N SER B 73 -64.39 6.03 33.64
CA SER B 73 -64.20 5.04 32.57
C SER B 73 -64.54 5.56 31.19
N ASP B 74 -65.82 5.81 30.94
CA ASP B 74 -66.27 6.27 29.62
C ASP B 74 -66.94 7.63 29.75
N TYR B 75 -67.20 8.25 28.60
CA TYR B 75 -67.84 9.56 28.58
C TYR B 75 -69.30 9.47 29.00
N GLY B 76 -69.93 8.30 28.88
CA GLY B 76 -71.29 8.16 29.38
C GLY B 76 -71.37 8.35 30.88
N ALA B 77 -70.46 7.71 31.62
CA ALA B 77 -70.41 7.90 33.07
C ALA B 77 -70.17 9.37 33.42
N VAL B 78 -69.53 10.12 32.52
CA VAL B 78 -69.32 11.54 32.75
C VAL B 78 -70.66 12.26 32.79
N ARG B 79 -71.43 12.15 31.71
CA ARG B 79 -72.76 12.75 31.68
C ARG B 79 -73.64 12.18 32.78
N GLU B 80 -73.55 10.87 33.02
CA GLU B 80 -74.35 10.23 34.06
C GLU B 80 -74.17 10.94 35.40
N LEU B 81 -72.93 11.24 35.76
CA LEU B 81 -72.67 11.92 37.03
C LEU B 81 -72.96 13.41 36.93
N LEU B 82 -72.67 14.02 35.79
CA LEU B 82 -72.79 15.47 35.62
C LEU B 82 -74.18 15.91 35.21
N ASP B 83 -74.95 15.04 34.57
CA ASP B 83 -76.32 15.41 34.19
C ASP B 83 -77.19 15.77 35.39
N PRO B 84 -77.17 15.02 36.49
CA PRO B 84 -78.05 15.36 37.62
C PRO B 84 -77.75 16.70 38.27
N LEU B 85 -76.63 17.35 37.96
CA LEU B 85 -76.24 18.61 38.59
C LEU B 85 -75.65 19.56 37.55
N ALA B 86 -76.46 19.90 36.54
CA ALA B 86 -76.01 20.83 35.51
C ALA B 86 -76.16 22.29 35.91
N GLY B 87 -76.99 22.57 36.92
CA GLY B 87 -77.19 23.94 37.38
C GLY B 87 -76.20 24.35 38.45
N SER B 88 -75.56 23.36 39.08
CA SER B 88 -74.60 23.61 40.15
C SER B 88 -73.19 23.81 39.64
N LEU B 89 -73.02 24.17 38.36
CA LEU B 89 -71.70 24.30 37.76
C LEU B 89 -71.36 25.71 37.31
N LYS B 90 -72.26 26.68 37.48
CA LYS B 90 -71.94 28.05 37.14
C LYS B 90 -70.76 28.54 37.99
N GLY B 91 -69.82 29.22 37.33
CA GLY B 91 -68.65 29.72 38.03
C GLY B 91 -67.61 28.67 38.36
N LYS B 92 -67.77 27.44 37.87
CA LYS B 92 -66.82 26.36 38.10
C LYS B 92 -66.13 26.00 36.79
N VAL B 93 -64.92 25.45 36.91
CA VAL B 93 -64.15 24.98 35.77
C VAL B 93 -64.06 23.46 35.88
N VAL B 94 -64.54 22.77 34.85
CA VAL B 94 -64.53 21.31 34.80
C VAL B 94 -63.35 20.85 33.95
N VAL B 95 -62.58 19.91 34.46
CA VAL B 95 -61.47 19.31 33.74
C VAL B 95 -61.75 17.82 33.63
N ASN B 96 -61.99 17.35 32.41
CA ASN B 96 -62.37 15.96 32.15
C ASN B 96 -61.19 15.25 31.52
N TYR B 97 -60.60 14.32 32.25
CA TYR B 97 -59.47 13.53 31.76
C TYR B 97 -59.88 12.19 31.18
N THR B 98 -61.18 11.87 31.20
CA THR B 98 -61.64 10.60 30.67
C THR B 98 -61.22 10.42 29.21
N THR B 99 -61.00 9.17 28.82
CA THR B 99 -60.65 8.85 27.44
C THR B 99 -61.91 8.67 26.61
N GLY B 100 -61.93 9.28 25.44
CA GLY B 100 -63.08 9.20 24.57
C GLY B 100 -62.73 9.57 23.15
N THR B 101 -63.76 9.81 22.36
CA THR B 101 -63.61 10.20 20.96
C THR B 101 -63.82 11.70 20.81
N SER B 102 -63.43 12.22 19.64
CA SER B 102 -63.61 13.63 19.37
C SER B 102 -65.08 14.04 19.47
N THR B 103 -66.00 13.14 19.09
CA THR B 103 -67.42 13.46 19.18
C THR B 103 -67.85 13.66 20.62
N GLN B 104 -67.52 12.69 21.49
CA GLN B 104 -67.91 12.80 22.89
C GLN B 104 -67.39 14.09 23.51
N ALA B 105 -66.09 14.35 23.38
CA ALA B 105 -65.53 15.58 23.94
C ALA B 105 -66.24 16.81 23.41
N ARG B 106 -66.51 16.85 22.10
CA ARG B 106 -67.22 17.99 21.52
C ARG B 106 -68.66 18.05 21.99
N GLU B 107 -69.31 16.89 22.14
CA GLU B 107 -70.69 16.87 22.60
C GLU B 107 -70.78 17.32 24.06
N THR B 108 -69.94 16.74 24.92
CA THR B 108 -69.90 17.19 26.32
C THR B 108 -69.55 18.67 26.41
N ALA B 109 -68.79 19.18 25.45
CA ALA B 109 -68.43 20.60 25.45
C ALA B 109 -69.65 21.47 25.19
N GLU B 110 -70.46 21.11 24.19
CA GLU B 110 -71.65 21.89 23.89
C GLU B 110 -72.61 21.92 25.08
N TRP B 111 -72.83 20.76 25.71
CA TRP B 111 -73.71 20.71 26.87
C TRP B 111 -73.18 21.59 27.99
N ALA B 112 -71.88 21.50 28.27
CA ALA B 112 -71.28 22.33 29.31
C ALA B 112 -71.51 23.81 29.03
N ALA B 113 -71.36 24.22 27.77
CA ALA B 113 -71.61 25.61 27.43
C ALA B 113 -73.06 26.00 27.69
N GLY B 114 -73.99 25.06 27.52
CA GLY B 114 -75.39 25.35 27.78
C GLY B 114 -75.73 25.53 29.24
N VAL B 115 -74.85 25.10 30.15
CA VAL B 115 -75.07 25.22 31.58
C VAL B 115 -74.22 26.32 32.20
N GLU B 116 -73.59 27.16 31.37
CA GLU B 116 -72.85 28.33 31.84
C GLU B 116 -71.67 27.94 32.72
N THR B 117 -71.00 26.85 32.36
CA THR B 117 -69.78 26.41 33.04
C THR B 117 -68.63 26.37 32.04
N THR B 118 -67.41 26.47 32.57
CA THR B 118 -66.20 26.38 31.76
C THR B 118 -65.73 24.93 31.75
N TYR B 119 -65.57 24.37 30.56
CA TYR B 119 -65.23 22.96 30.37
C TYR B 119 -63.93 22.84 29.60
N LEU B 120 -62.97 22.11 30.19
CA LEU B 120 -61.71 21.81 29.54
C LEU B 120 -61.60 20.31 29.32
N ASP B 121 -61.30 19.90 28.10
CA ASP B 121 -61.09 18.50 27.77
C ASP B 121 -59.61 18.17 27.89
N GLY B 122 -59.29 17.20 28.74
CA GLY B 122 -57.91 16.86 29.04
C GLY B 122 -57.57 15.44 28.63
N ALA B 123 -56.38 15.28 28.06
CA ALA B 123 -55.88 13.97 27.66
C ALA B 123 -54.61 13.67 28.43
N ILE B 124 -54.60 12.58 29.18
CA ILE B 124 -53.43 12.12 29.92
C ILE B 124 -52.73 11.06 29.09
N MET B 125 -51.44 11.24 28.85
CA MET B 125 -50.64 10.34 28.02
C MET B 125 -49.69 9.57 28.92
N GLY B 126 -49.90 8.26 29.03
CA GLY B 126 -49.01 7.41 29.78
C GLY B 126 -49.62 6.89 31.06
N PRO B 127 -48.91 6.00 31.74
CA PRO B 127 -49.43 5.41 32.99
C PRO B 127 -49.42 6.42 34.11
N PRO B 128 -50.15 6.14 35.19
CA PRO B 128 -50.23 7.09 36.31
C PRO B 128 -48.86 7.40 36.90
N PRO B 129 -47.97 6.42 37.00
CA PRO B 129 -46.63 6.71 37.55
C PRO B 129 -45.93 7.90 36.91
N TRP B 130 -46.27 8.22 35.66
CA TRP B 130 -45.63 9.37 35.00
C TRP B 130 -46.14 10.70 35.56
N LEU B 131 -47.31 10.72 36.17
CA LEU B 131 -47.88 11.97 36.68
C LEU B 131 -46.93 12.61 37.69
N ALA B 132 -46.95 13.94 37.73
CA ALA B 132 -46.12 14.72 38.65
C ALA B 132 -44.64 14.43 38.49
N THR B 133 -44.25 13.86 37.35
CA THR B 133 -42.86 13.61 37.03
C THR B 133 -42.55 14.23 35.67
N ASP B 134 -41.29 14.10 35.25
CA ASP B 134 -40.86 14.65 33.96
C ASP B 134 -41.39 13.85 32.78
N ARG B 135 -42.12 12.77 33.02
CA ARG B 135 -42.71 11.98 31.94
C ARG B 135 -44.16 12.33 31.65
N ALA B 136 -44.87 12.92 32.62
CA ALA B 136 -46.28 13.20 32.45
C ALA B 136 -46.52 14.09 31.23
N ILE B 137 -47.44 13.66 30.38
CA ILE B 137 -47.88 14.45 29.23
C ILE B 137 -49.38 14.64 29.38
N LEU B 138 -49.80 15.88 29.59
CA LEU B 138 -51.21 16.22 29.75
C LEU B 138 -51.62 17.23 28.69
N LEU B 139 -52.69 16.93 27.97
CA LEU B 139 -53.19 17.77 26.88
C LEU B 139 -54.52 18.39 27.27
N TYR B 140 -54.69 19.67 26.93
CA TYR B 140 -55.88 20.43 27.31
C TYR B 140 -56.41 21.17 26.10
N SER B 141 -57.73 21.13 25.91
CA SER B 141 -58.40 21.85 24.84
C SER B 141 -59.62 22.55 25.41
N GLY B 142 -59.87 23.78 24.93
CA GLY B 142 -60.99 24.57 25.38
C GLY B 142 -60.64 26.02 25.56
N PRO B 143 -61.34 26.71 26.46
CA PRO B 143 -61.10 28.15 26.65
C PRO B 143 -59.70 28.40 27.18
N LYS B 144 -58.89 29.08 26.36
CA LYS B 144 -57.50 29.30 26.72
C LYS B 144 -57.37 30.12 28.00
N ALA B 145 -58.18 31.18 28.13
CA ALA B 145 -58.12 32.02 29.33
C ALA B 145 -58.45 31.21 30.57
N ALA B 146 -59.48 30.36 30.50
CA ALA B 146 -59.79 29.48 31.62
C ALA B 146 -58.60 28.61 31.98
N PHE B 147 -57.98 28.00 30.97
CA PHE B 147 -56.81 27.15 31.21
C PHE B 147 -55.70 27.93 31.91
N GLU B 148 -55.41 29.14 31.41
CA GLU B 148 -54.33 29.93 31.99
C GLU B 148 -54.63 30.29 33.45
N GLU B 149 -55.90 30.49 33.79
CA GLU B 149 -56.26 30.82 35.17
C GLU B 149 -55.91 29.69 36.13
N HIS B 150 -55.84 28.45 35.63
CA HIS B 150 -55.60 27.30 36.48
C HIS B 150 -54.31 26.56 36.12
N GLU B 151 -53.48 27.11 35.25
CA GLU B 151 -52.24 26.43 34.87
C GLU B 151 -51.43 26.04 36.09
N ALA B 152 -51.18 26.99 36.99
CA ALA B 152 -50.38 26.71 38.18
C ALA B 152 -50.91 25.49 38.92
N THR B 153 -52.23 25.38 39.05
CA THR B 153 -52.81 24.23 39.74
C THR B 153 -52.64 22.96 38.91
N LEU B 154 -52.93 23.04 37.61
CA LEU B 154 -52.80 21.86 36.76
C LEU B 154 -51.36 21.42 36.61
N ARG B 155 -50.41 22.36 36.68
CA ARG B 155 -49.00 22.01 36.57
C ARG B 155 -48.54 21.09 37.70
N ALA B 156 -49.34 20.93 38.76
CA ALA B 156 -49.00 19.98 39.80
C ALA B 156 -48.92 18.56 39.28
N LEU B 157 -49.60 18.25 38.18
CA LEU B 157 -49.58 16.92 37.59
C LEU B 157 -48.41 16.72 36.64
N GLY B 158 -47.74 17.80 36.21
CA GLY B 158 -46.61 17.70 35.32
C GLY B 158 -46.20 19.05 34.78
N ALA B 159 -45.12 19.62 35.34
CA ALA B 159 -44.71 20.96 34.96
C ALA B 159 -44.31 21.02 33.48
N ALA B 160 -43.43 20.13 33.05
CA ALA B 160 -42.92 20.18 31.69
C ALA B 160 -43.87 19.60 30.66
N GLY B 161 -44.85 18.80 31.08
CA GLY B 161 -45.76 18.14 30.17
C GLY B 161 -47.17 18.69 30.10
N THR B 162 -47.44 19.85 30.70
CA THR B 162 -48.77 20.45 30.66
C THR B 162 -48.88 21.28 29.39
N THR B 163 -49.73 20.85 28.46
CA THR B 163 -49.80 21.42 27.12
C THR B 163 -51.23 21.83 26.80
N TYR B 164 -51.40 23.09 26.41
CA TYR B 164 -52.68 23.57 25.87
C TYR B 164 -52.65 23.44 24.36
N LEU B 165 -53.64 22.72 23.81
CA LEU B 165 -53.71 22.50 22.36
C LEU B 165 -54.39 23.67 21.67
N ASP B 166 -55.72 23.74 21.78
CA ASP B 166 -56.47 24.83 21.16
C ASP B 166 -57.90 24.78 21.69
N THR B 167 -58.74 25.69 21.15
CA THR B 167 -60.08 25.88 21.68
C THR B 167 -61.03 24.74 21.29
N ASP B 168 -60.70 23.96 20.27
CA ASP B 168 -61.53 22.83 19.88
C ASP B 168 -61.40 21.72 20.93
N HIS B 169 -62.48 21.50 21.69
CA HIS B 169 -62.44 20.48 22.74
C HIS B 169 -62.16 19.08 22.17
N GLY B 170 -62.42 18.86 20.89
CA GLY B 170 -62.18 17.56 20.31
C GLY B 170 -60.71 17.27 20.05
N LEU B 171 -59.87 18.32 19.95
CA LEU B 171 -58.47 18.12 19.63
C LEU B 171 -57.77 17.27 20.68
N SER B 172 -58.15 17.43 21.95
CA SER B 172 -57.51 16.66 23.01
C SER B 172 -57.68 15.16 22.77
N ALA B 173 -58.92 14.71 22.55
CA ALA B 173 -59.15 13.30 22.30
C ALA B 173 -58.50 12.84 21.01
N LEU B 174 -58.54 13.68 19.97
CA LEU B 174 -57.90 13.34 18.71
C LEU B 174 -56.42 13.02 18.92
N TYR B 175 -55.72 13.91 19.62
CA TYR B 175 -54.30 13.68 19.90
C TYR B 175 -54.12 12.41 20.73
N ASP B 176 -54.93 12.23 21.77
CA ASP B 176 -54.83 11.04 22.60
C ASP B 176 -54.97 9.78 21.76
N MET B 177 -56.01 9.70 20.93
CA MET B 177 -56.17 8.55 20.04
C MET B 177 -54.94 8.37 19.16
N SER B 178 -54.51 9.43 18.48
CA SER B 178 -53.35 9.35 17.61
C SER B 178 -52.14 8.80 18.37
N LEU B 179 -51.89 9.32 19.57
CA LEU B 179 -50.72 8.90 20.34
C LEU B 179 -50.84 7.45 20.78
N LEU B 180 -52.05 7.03 21.15
CA LEU B 180 -52.22 5.67 21.68
C LEU B 180 -51.81 4.62 20.65
N GLY B 181 -52.19 4.81 19.38
CA GLY B 181 -51.77 3.89 18.36
C GLY B 181 -50.27 3.69 18.32
N ILE B 182 -49.52 4.77 18.48
CA ILE B 182 -48.07 4.67 18.51
C ILE B 182 -47.62 3.87 19.72
N MET B 183 -48.27 4.08 20.87
CA MET B 183 -47.89 3.35 22.08
C MET B 183 -48.16 1.86 21.94
N TRP B 184 -49.32 1.49 21.38
CA TRP B 184 -49.62 0.09 21.18
C TRP B 184 -48.70 -0.51 20.11
N GLY B 185 -48.48 0.22 19.02
CA GLY B 185 -47.54 -0.25 18.00
C GLY B 185 -46.17 -0.54 18.58
N VAL B 186 -45.62 0.42 19.33
CA VAL B 186 -44.32 0.20 19.98
C VAL B 186 -44.37 -1.03 20.86
N LEU B 187 -45.32 -1.06 21.80
CA LEU B 187 -45.39 -2.17 22.75
C LEU B 187 -45.64 -3.49 22.03
N ASN B 188 -46.47 -3.47 20.98
CA ASN B 188 -46.74 -4.69 20.23
C ASN B 188 -45.50 -5.14 19.46
N GLY B 189 -44.78 -4.21 18.84
CA GLY B 189 -43.54 -4.57 18.16
C GLY B 189 -42.52 -5.15 19.10
N PHE B 190 -42.47 -4.66 20.34
CA PHE B 190 -41.51 -5.18 21.31
C PHE B 190 -41.88 -6.58 21.76
N LEU B 191 -43.18 -6.86 21.90
CA LEU B 191 -43.60 -8.20 22.31
C LEU B 191 -43.36 -9.22 21.19
N GLN B 192 -43.59 -8.82 19.93
CA GLN B 192 -43.25 -9.69 18.82
C GLN B 192 -41.77 -10.02 18.81
N GLY B 193 -40.92 -9.06 19.21
CA GLY B 193 -39.49 -9.31 19.24
C GLY B 193 -39.10 -10.20 20.42
N ALA B 194 -39.63 -9.90 21.60
CA ALA B 194 -39.35 -10.74 22.76
C ALA B 194 -39.76 -12.18 22.50
N ALA B 195 -40.97 -12.38 21.97
CA ALA B 195 -41.41 -13.73 21.61
C ALA B 195 -40.42 -14.39 20.67
N LEU B 196 -39.95 -13.66 19.65
CA LEU B 196 -38.97 -14.21 18.72
C LEU B 196 -37.69 -14.60 19.44
N LEU B 197 -37.04 -13.62 20.10
CA LEU B 197 -35.78 -13.90 20.79
C LEU B 197 -35.96 -14.85 21.96
N GLY B 198 -37.20 -15.06 22.43
CA GLY B 198 -37.44 -16.04 23.47
C GLY B 198 -37.14 -17.45 23.00
N THR B 199 -37.51 -17.78 21.75
CA THR B 199 -37.20 -19.09 21.22
C THR B 199 -35.70 -19.37 21.24
N ALA B 200 -34.88 -18.34 21.13
CA ALA B 200 -33.43 -18.47 21.21
C ALA B 200 -32.91 -18.43 22.64
N LYS B 201 -33.80 -18.57 23.63
CA LYS B 201 -33.41 -18.52 25.04
C LYS B 201 -32.78 -17.17 25.39
N VAL B 202 -33.39 -16.10 24.89
CA VAL B 202 -32.94 -14.74 25.17
C VAL B 202 -34.00 -14.06 26.03
N LYS B 203 -33.59 -13.55 27.18
CA LYS B 203 -34.53 -12.91 28.09
C LYS B 203 -34.98 -11.56 27.56
N ALA B 204 -36.21 -11.19 27.93
CA ALA B 204 -36.75 -9.90 27.50
C ALA B 204 -35.94 -8.73 28.04
N THR B 205 -35.40 -8.87 29.25
CA THR B 205 -34.57 -7.81 29.81
C THR B 205 -33.29 -7.63 28.99
N THR B 206 -32.77 -8.70 28.39
CA THR B 206 -31.62 -8.57 27.52
C THR B 206 -31.97 -7.88 26.22
N PHE B 207 -33.23 -8.00 25.77
CA PHE B 207 -33.65 -7.39 24.52
C PHE B 207 -33.97 -5.91 24.71
N ALA B 208 -34.60 -5.55 25.83
CA ALA B 208 -35.01 -4.17 26.09
C ALA B 208 -33.94 -3.13 25.76
N PRO B 209 -32.69 -3.27 26.19
CA PRO B 209 -31.69 -2.22 25.87
C PRO B 209 -31.57 -1.98 24.39
N LEU B 210 -31.59 -3.04 23.57
CA LEU B 210 -31.47 -2.86 22.12
C LEU B 210 -32.79 -2.40 21.51
N ALA B 211 -33.91 -2.99 21.94
CA ALA B 211 -35.21 -2.55 21.46
C ALA B 211 -35.42 -1.07 21.76
N ASN B 212 -34.97 -0.61 22.93
CA ASN B 212 -35.12 0.80 23.28
C ASN B 212 -34.19 1.67 22.45
N THR B 213 -32.98 1.19 22.16
CA THR B 213 -32.09 1.93 21.26
C THR B 213 -32.78 2.19 19.92
N LEU B 214 -33.42 1.16 19.37
CA LEU B 214 -34.13 1.33 18.10
C LEU B 214 -35.29 2.31 18.24
N ILE B 215 -36.11 2.13 19.28
CA ILE B 215 -37.24 3.02 19.50
C ILE B 215 -36.77 4.47 19.60
N ASN B 216 -35.64 4.70 20.29
CA ASN B 216 -35.11 6.05 20.39
C ASN B 216 -34.66 6.59 19.03
N LEU B 217 -33.97 5.75 18.26
CA LEU B 217 -33.44 6.20 16.97
C LEU B 217 -34.55 6.44 15.96
N ILE B 218 -35.51 5.51 15.87
CA ILE B 218 -36.52 5.55 14.82
C ILE B 218 -37.26 6.89 14.79
N THR B 219 -37.27 7.63 15.89
CA THR B 219 -37.88 8.96 15.88
C THR B 219 -37.30 9.81 14.77
N GLU B 220 -36.05 9.55 14.37
CA GLU B 220 -35.47 10.27 13.24
C GLU B 220 -36.26 10.01 11.96
N ARG B 221 -36.71 8.77 11.76
CA ARG B 221 -37.49 8.46 10.57
C ARG B 221 -38.87 9.11 10.62
N VAL B 222 -39.48 9.15 11.80
CA VAL B 222 -40.76 9.86 11.94
C VAL B 222 -40.59 11.31 11.55
N THR B 223 -39.48 11.93 11.97
CA THR B 223 -39.24 13.32 11.61
C THR B 223 -39.02 13.48 10.10
N ALA B 224 -38.36 12.51 9.47
CA ALA B 224 -38.08 12.63 8.05
C ALA B 224 -39.33 12.37 7.21
N TYR B 225 -40.16 11.42 7.64
CA TYR B 225 -41.38 11.10 6.89
C TYR B 225 -42.45 12.16 7.05
N ALA B 226 -42.40 12.96 8.11
CA ALA B 226 -43.46 13.94 8.37
C ALA B 226 -43.67 14.89 7.19
N PRO B 227 -42.67 15.67 6.76
CA PRO B 227 -42.90 16.59 5.64
C PRO B 227 -43.35 15.87 4.37
N GLN B 228 -42.83 14.67 4.11
CA GLN B 228 -43.25 13.92 2.94
C GLN B 228 -44.76 13.66 2.98
N ILE B 229 -45.26 13.20 4.13
CA ILE B 229 -46.69 12.96 4.27
C ILE B 229 -47.49 14.22 4.00
N ASP B 230 -46.93 15.38 4.32
CA ASP B 230 -47.64 16.64 4.09
C ASP B 230 -47.44 17.15 2.68
N GLU B 231 -46.27 16.90 2.08
CA GLU B 231 -46.05 17.33 0.70
C GLU B 231 -46.79 16.44 -0.29
N GLY B 232 -47.04 15.18 0.07
CA GLY B 232 -47.71 14.24 -0.81
C GLY B 232 -46.79 13.39 -1.66
N LYS B 233 -45.53 13.80 -1.84
CA LYS B 233 -44.55 13.02 -2.56
C LYS B 233 -43.73 12.19 -1.57
N TYR B 234 -43.45 10.94 -1.94
CA TYR B 234 -42.87 9.95 -1.05
C TYR B 234 -41.57 9.41 -1.63
N PRO B 235 -40.50 10.20 -1.62
CA PRO B 235 -39.20 9.69 -2.08
C PRO B 235 -38.74 8.53 -1.21
N ALA B 236 -37.96 7.64 -1.82
CA ALA B 236 -37.50 6.42 -1.16
C ALA B 236 -35.97 6.46 -1.05
N GLY B 237 -35.46 7.31 -0.18
CA GLY B 237 -34.03 7.40 0.06
C GLY B 237 -33.51 6.27 0.93
N ASP B 238 -34.29 5.89 1.94
CA ASP B 238 -33.87 4.83 2.85
C ASP B 238 -34.23 3.44 2.32
N ALA B 239 -35.49 3.23 1.96
CA ALA B 239 -35.93 1.93 1.45
C ALA B 239 -37.20 2.13 0.65
N THR B 240 -37.34 1.33 -0.41
CA THR B 240 -38.55 1.32 -1.20
C THR B 240 -39.56 0.34 -0.60
N MET B 241 -40.81 0.47 -1.04
CA MET B 241 -41.86 -0.40 -0.49
C MET B 241 -41.57 -1.86 -0.80
N THR B 242 -40.98 -2.14 -1.97
CA THR B 242 -40.61 -3.51 -2.29
C THR B 242 -39.62 -4.05 -1.28
N VAL B 243 -38.67 -3.22 -0.84
CA VAL B 243 -37.71 -3.65 0.18
C VAL B 243 -38.42 -3.87 1.50
N HIS B 244 -39.51 -3.13 1.76
CA HIS B 244 -40.24 -3.31 3.01
C HIS B 244 -41.04 -4.60 3.00
N GLN B 245 -41.86 -4.82 1.96
CA GLN B 245 -42.65 -6.04 1.90
C GLN B 245 -41.78 -7.28 1.86
N ASP B 246 -40.62 -7.20 1.20
CA ASP B 246 -39.69 -8.32 1.22
C ASP B 246 -39.22 -8.61 2.65
N ALA B 247 -38.76 -7.57 3.36
CA ALA B 247 -38.38 -7.75 4.75
C ALA B 247 -39.57 -8.21 5.59
N MET B 248 -40.75 -7.65 5.33
CA MET B 248 -41.95 -8.12 6.03
C MET B 248 -42.17 -9.61 5.81
N GLU B 249 -41.93 -10.07 4.58
CA GLU B 249 -42.08 -11.50 4.28
C GLU B 249 -41.16 -12.34 5.16
N HIS B 250 -39.91 -11.92 5.33
CA HIS B 250 -38.96 -12.69 6.12
C HIS B 250 -39.40 -12.76 7.58
N LEU B 251 -39.88 -11.64 8.13
CA LEU B 251 -40.37 -11.66 9.51
C LEU B 251 -41.57 -12.57 9.66
N ALA B 252 -42.41 -12.65 8.63
CA ALA B 252 -43.54 -13.58 8.67
C ALA B 252 -43.06 -15.03 8.66
N GLU B 253 -42.16 -15.36 7.73
CA GLU B 253 -41.62 -16.72 7.67
C GLU B 253 -40.85 -17.05 8.94
N GLU B 254 -39.99 -16.12 9.39
CA GLU B 254 -39.23 -16.36 10.61
C GLU B 254 -40.14 -16.68 11.78
N SER B 255 -41.27 -15.96 11.88
CA SER B 255 -42.19 -16.19 12.99
C SER B 255 -42.86 -17.55 12.89
N GLU B 256 -43.29 -17.93 11.70
CA GLU B 256 -43.95 -19.23 11.52
C GLU B 256 -43.00 -20.37 11.84
N THR B 257 -41.78 -20.30 11.30
CA THR B 257 -40.82 -21.38 11.51
C THR B 257 -40.52 -21.58 12.99
N LEU B 258 -40.40 -20.49 13.75
CA LEU B 258 -40.01 -20.57 15.15
C LEU B 258 -41.17 -20.92 16.07
N GLY B 259 -42.40 -20.96 15.57
CA GLY B 259 -43.53 -21.39 16.36
C GLY B 259 -44.26 -20.31 17.14
N ILE B 260 -43.98 -19.03 16.85
CA ILE B 260 -44.69 -17.93 17.51
C ILE B 260 -45.76 -17.40 16.55
N SER B 261 -46.39 -16.29 16.92
CA SER B 261 -47.45 -15.72 16.11
C SER B 261 -46.89 -14.96 14.93
N ALA B 262 -47.49 -15.18 13.76
CA ALA B 262 -47.15 -14.44 12.55
C ALA B 262 -48.24 -13.45 12.15
N GLU B 263 -49.30 -13.33 12.95
CA GLU B 263 -50.43 -12.49 12.58
C GLU B 263 -49.98 -11.05 12.31
N MET B 264 -49.31 -10.43 13.27
CA MET B 264 -48.90 -9.05 13.10
C MET B 264 -48.00 -8.84 11.89
N PRO B 265 -46.98 -9.67 11.65
CA PRO B 265 -46.21 -9.52 10.40
C PRO B 265 -47.06 -9.73 9.16
N ARG B 266 -48.03 -10.64 9.20
CA ARG B 266 -48.92 -10.84 8.06
C ARG B 266 -49.75 -9.59 7.80
N PHE B 267 -50.33 -9.02 8.86
CA PHE B 267 -51.11 -7.79 8.71
C PHE B 267 -50.24 -6.65 8.16
N PHE B 268 -49.02 -6.52 8.67
CA PHE B 268 -48.11 -5.51 8.16
C PHE B 268 -47.86 -5.70 6.68
N LYS B 269 -47.54 -6.94 6.28
CA LYS B 269 -47.32 -7.21 4.85
C LYS B 269 -48.59 -6.98 4.05
N ALA B 270 -49.76 -7.24 4.64
CA ALA B 270 -51.01 -6.97 3.95
C ALA B 270 -51.17 -5.48 3.65
N LEU B 271 -50.67 -4.62 4.53
CA LEU B 271 -50.77 -3.19 4.29
C LEU B 271 -49.75 -2.71 3.26
N ALA B 272 -48.53 -3.24 3.30
CA ALA B 272 -47.53 -2.87 2.31
C ALA B 272 -47.86 -3.47 0.95
N ASP B 273 -48.60 -4.58 0.91
CA ASP B 273 -49.00 -5.17 -0.36
C ASP B 273 -49.95 -4.24 -1.11
N ARG B 274 -50.88 -3.60 -0.39
CA ARG B 274 -51.81 -2.68 -1.03
C ARG B 274 -51.11 -1.41 -1.50
N ALA B 275 -50.10 -0.95 -0.75
CA ALA B 275 -49.34 0.21 -1.20
C ALA B 275 -48.62 -0.08 -2.51
N VAL B 276 -48.05 -1.28 -2.64
CA VAL B 276 -47.37 -1.65 -3.88
C VAL B 276 -48.37 -1.84 -5.01
N ALA B 277 -49.54 -2.42 -4.70
CA ALA B 277 -50.56 -2.60 -5.72
C ALA B 277 -51.06 -1.25 -6.24
N ASP B 278 -51.05 -0.23 -5.40
CA ASP B 278 -51.41 1.13 -5.80
C ASP B 278 -50.27 1.84 -6.54
N GLY B 279 -49.27 1.10 -7.02
CA GLY B 279 -48.18 1.68 -7.77
C GLY B 279 -47.08 2.32 -6.93
N HIS B 280 -47.06 2.07 -5.62
CA HIS B 280 -46.10 2.69 -4.72
C HIS B 280 -44.92 1.79 -4.41
N ALA B 281 -44.53 0.92 -5.35
CA ALA B 281 -43.42 0.01 -5.11
C ALA B 281 -42.10 0.75 -4.92
N ASP B 282 -41.96 1.94 -5.53
CA ASP B 282 -40.69 2.66 -5.51
C ASP B 282 -40.68 3.84 -4.53
N SER B 283 -41.81 4.15 -3.90
CA SER B 283 -41.83 5.20 -2.90
C SER B 283 -41.36 4.67 -1.55
N GLY B 284 -41.02 5.60 -0.65
CA GLY B 284 -40.65 5.25 0.70
C GLY B 284 -41.86 4.90 1.54
N TYR B 285 -41.59 4.51 2.79
CA TYR B 285 -42.67 4.09 3.68
C TYR B 285 -43.70 5.20 3.90
N ALA B 286 -43.33 6.46 3.65
CA ALA B 286 -44.30 7.54 3.80
C ALA B 286 -45.53 7.30 2.92
N ALA B 287 -45.33 6.72 1.74
CA ALA B 287 -46.44 6.45 0.84
C ALA B 287 -47.56 5.68 1.53
N MET B 288 -47.23 4.89 2.56
CA MET B 288 -48.24 4.12 3.28
C MET B 288 -49.31 4.99 3.92
N ILE B 289 -49.11 6.31 3.96
CA ILE B 289 -50.12 7.20 4.54
C ILE B 289 -51.45 7.03 3.79
N GLU B 290 -51.39 6.85 2.47
CA GLU B 290 -52.60 6.64 1.71
C GLU B 290 -53.34 5.38 2.15
N GLN B 291 -52.59 4.36 2.57
CA GLN B 291 -53.24 3.12 3.03
C GLN B 291 -54.00 3.35 4.34
N PHE B 292 -53.44 4.14 5.25
CA PHE B 292 -54.11 4.41 6.51
C PHE B 292 -55.25 5.42 6.37
N ARG B 293 -55.36 6.10 5.22
CA ARG B 293 -56.47 6.99 4.96
C ARG B 293 -57.68 6.27 4.37
N LYS B 294 -57.50 5.06 3.87
CA LYS B 294 -58.58 4.35 3.19
C LYS B 294 -59.48 3.65 4.21
N PRO B 295 -60.77 4.04 4.32
CA PRO B 295 -61.73 3.41 5.22
C PRO B 295 -62.04 1.97 4.85
N ALA C 7 -14.89 12.61 23.37
CA ALA C 7 -15.46 12.48 24.70
C ALA C 7 -14.61 11.55 25.56
N GLN C 8 -14.87 11.57 26.88
CA GLN C 8 -14.11 10.76 27.82
C GLN C 8 -12.68 11.29 27.99
N ALA C 9 -12.30 12.27 27.18
CA ALA C 9 -10.96 12.84 27.19
C ALA C 9 -11.06 14.36 27.23
N PRO C 10 -11.31 14.94 28.40
CA PRO C 10 -11.45 16.40 28.49
C PRO C 10 -10.11 17.08 28.26
N VAL C 11 -10.15 18.15 27.48
CA VAL C 11 -8.96 18.91 27.11
C VAL C 11 -9.19 20.38 27.41
N SER C 12 -8.14 21.07 27.85
CA SER C 12 -8.19 22.50 28.11
C SER C 12 -7.24 23.21 27.15
N VAL C 13 -7.71 24.31 26.59
CA VAL C 13 -6.93 25.11 25.63
C VAL C 13 -6.79 26.51 26.22
N ILE C 14 -5.56 26.88 26.55
CA ILE C 14 -5.25 28.19 27.13
C ILE C 14 -4.57 29.02 26.06
N GLY C 15 -5.15 30.19 25.76
CA GLY C 15 -4.64 31.03 24.70
C GLY C 15 -5.48 30.91 23.45
N LEU C 16 -6.39 31.86 23.23
CA LEU C 16 -7.34 31.76 22.13
C LEU C 16 -7.15 32.83 21.07
N GLY C 17 -5.99 32.85 20.44
CA GLY C 17 -5.80 33.58 19.21
C GLY C 17 -6.22 32.73 18.04
N LEU C 18 -5.63 33.00 16.88
CA LEU C 18 -6.03 32.30 15.67
C LEU C 18 -5.68 30.81 15.75
N MET C 19 -4.44 30.49 16.13
CA MET C 19 -4.03 29.09 16.21
C MET C 19 -4.61 28.38 17.43
N GLY C 20 -4.84 29.11 18.52
CA GLY C 20 -5.48 28.49 19.67
C GLY C 20 -6.95 28.23 19.45
N GLN C 21 -7.64 29.14 18.76
CA GLN C 21 -9.04 28.92 18.43
C GLN C 21 -9.20 27.71 17.52
N ALA C 22 -8.30 27.56 16.54
CA ALA C 22 -8.37 26.41 15.64
C ALA C 22 -8.09 25.11 16.39
N LEU C 23 -7.08 25.13 17.27
CA LEU C 23 -6.78 23.94 18.06
C LEU C 23 -7.98 23.52 18.89
N ALA C 24 -8.57 24.46 19.63
CA ALA C 24 -9.75 24.14 20.43
C ALA C 24 -10.90 23.65 19.54
N ALA C 25 -11.13 24.33 18.41
CA ALA C 25 -12.21 23.93 17.52
C ALA C 25 -12.06 22.49 17.06
N ALA C 26 -10.82 22.02 16.89
CA ALA C 26 -10.61 20.62 16.53
C ALA C 26 -11.02 19.70 17.66
N PHE C 27 -10.55 19.98 18.88
CA PHE C 27 -10.94 19.18 20.04
C PHE C 27 -12.45 19.12 20.18
N LEU C 28 -13.12 20.27 20.06
CA LEU C 28 -14.57 20.30 20.15
C LEU C 28 -15.21 19.48 19.05
N LYS C 29 -14.72 19.62 17.81
CA LYS C 29 -15.31 18.90 16.69
C LYS C 29 -15.11 17.39 16.83
N ALA C 30 -14.05 16.96 17.50
CA ALA C 30 -13.83 15.55 17.77
C ALA C 30 -14.59 15.05 18.99
N GLY C 31 -15.49 15.86 19.54
CA GLY C 31 -16.30 15.45 20.67
C GLY C 31 -15.63 15.54 22.01
N HIS C 32 -14.47 16.18 22.10
CA HIS C 32 -13.80 16.32 23.38
C HIS C 32 -14.49 17.39 24.21
N PRO C 33 -14.85 17.11 25.47
CA PRO C 33 -15.26 18.19 26.37
C PRO C 33 -14.15 19.21 26.46
N THR C 34 -14.33 20.36 25.80
CA THR C 34 -13.25 21.32 25.58
C THR C 34 -13.50 22.57 26.42
N THR C 35 -12.55 22.90 27.28
CA THR C 35 -12.58 24.11 28.08
C THR C 35 -11.55 25.09 27.54
N VAL C 36 -11.95 26.35 27.38
CA VAL C 36 -11.09 27.36 26.76
C VAL C 36 -10.91 28.51 27.74
N TRP C 37 -9.75 29.17 27.64
CA TRP C 37 -9.45 30.35 28.42
C TRP C 37 -8.56 31.27 27.59
N ASN C 38 -8.85 32.57 27.65
CA ASN C 38 -8.04 33.57 26.97
C ASN C 38 -7.98 34.82 27.83
N ARG C 39 -6.85 35.53 27.75
CA ARG C 39 -6.71 36.77 28.51
C ARG C 39 -7.87 37.72 28.22
N ARG C 40 -8.24 37.85 26.95
CA ARG C 40 -9.41 38.62 26.55
C ARG C 40 -10.58 37.66 26.36
N ALA C 41 -11.66 37.88 27.11
CA ALA C 41 -12.75 36.91 27.14
C ALA C 41 -13.51 36.85 25.82
N ALA C 42 -13.76 38.01 25.20
CA ALA C 42 -14.58 38.04 24.00
C ALA C 42 -14.08 37.10 22.92
N LYS C 43 -12.76 36.90 22.84
CA LYS C 43 -12.19 36.05 21.80
C LYS C 43 -12.59 34.58 21.94
N ALA C 44 -13.44 34.23 22.90
CA ALA C 44 -13.90 32.87 23.08
C ALA C 44 -15.40 32.70 22.95
N ASP C 45 -16.15 33.78 22.69
CA ASP C 45 -17.60 33.68 22.60
C ASP C 45 -18.02 32.78 21.44
N GLN C 46 -17.34 32.90 20.30
CA GLN C 46 -17.66 32.03 19.17
C GLN C 46 -17.55 30.57 19.55
N LEU C 47 -16.53 30.23 20.35
CA LEU C 47 -16.30 28.83 20.71
C LEU C 47 -17.33 28.32 21.70
N VAL C 48 -17.83 29.18 22.59
CA VAL C 48 -18.78 28.72 23.60
C VAL C 48 -20.13 28.41 22.97
N SER C 49 -20.60 29.26 22.07
CA SER C 49 -21.85 28.99 21.38
C SER C 49 -21.82 27.70 20.58
N GLU C 50 -20.63 27.23 20.22
CA GLU C 50 -20.48 25.98 19.48
C GLU C 50 -20.30 24.77 20.39
N GLY C 51 -20.36 24.95 21.70
CA GLY C 51 -20.30 23.84 22.63
C GLY C 51 -19.07 23.77 23.50
N ALA C 52 -18.30 24.86 23.61
CA ALA C 52 -17.11 24.88 24.43
C ALA C 52 -17.38 25.56 25.76
N THR C 53 -16.69 25.10 26.80
CA THR C 53 -16.83 25.62 28.14
C THR C 53 -15.76 26.67 28.41
N ARG C 54 -16.19 27.85 28.83
CA ARG C 54 -15.27 28.95 29.11
C ARG C 54 -14.86 28.94 30.57
N ALA C 55 -13.55 28.94 30.82
CA ALA C 55 -13.00 29.05 32.16
C ALA C 55 -12.79 30.51 32.50
N GLY C 56 -13.21 30.91 33.70
CA GLY C 56 -12.98 32.28 34.13
C GLY C 56 -11.53 32.60 34.36
N SER C 57 -10.74 31.61 34.78
CA SER C 57 -9.35 31.81 35.14
C SER C 57 -8.51 30.65 34.66
N VAL C 58 -7.19 30.88 34.59
CA VAL C 58 -6.27 29.79 34.27
C VAL C 58 -6.43 28.66 35.26
N ALA C 59 -6.75 28.97 36.53
CA ALA C 59 -6.93 27.94 37.53
C ALA C 59 -8.05 26.99 37.14
N ASP C 60 -9.23 27.54 36.80
CA ASP C 60 -10.34 26.71 36.39
C ASP C 60 -9.96 25.85 35.17
N ALA C 61 -9.31 26.46 34.18
CA ALA C 61 -8.90 25.72 32.99
C ALA C 61 -7.97 24.57 33.36
N ILE C 62 -6.97 24.84 34.20
CA ILE C 62 -6.05 23.80 34.61
C ILE C 62 -6.80 22.66 35.30
N ALA C 63 -7.75 23.00 36.18
CA ALA C 63 -8.50 21.96 36.87
C ALA C 63 -9.48 21.27 35.94
N ALA C 64 -9.99 21.97 34.92
CA ALA C 64 -11.04 21.43 34.09
C ALA C 64 -10.64 20.12 33.43
N SER C 65 -9.38 20.00 33.02
CA SER C 65 -8.97 18.88 32.18
C SER C 65 -7.64 18.30 32.68
N PRO C 66 -7.40 17.02 32.41
CA PRO C 66 -6.07 16.46 32.70
C PRO C 66 -5.04 16.75 31.63
N LEU C 67 -5.47 17.14 30.43
CA LEU C 67 -4.59 17.53 29.34
C LEU C 67 -4.74 19.03 29.11
N VAL C 68 -3.68 19.79 29.34
CA VAL C 68 -3.68 21.24 29.19
C VAL C 68 -2.83 21.60 27.99
N VAL C 69 -3.46 22.22 26.99
CA VAL C 69 -2.80 22.61 25.74
C VAL C 69 -2.60 24.12 25.77
N LEU C 70 -1.35 24.54 25.66
CA LEU C 70 -1.00 25.95 25.66
C LEU C 70 -0.64 26.40 24.26
N CYS C 71 -1.01 27.65 23.94
CA CYS C 71 -0.66 28.26 22.66
C CYS C 71 -0.86 29.77 22.81
N VAL C 72 0.18 30.45 23.30
CA VAL C 72 0.09 31.87 23.61
C VAL C 72 1.09 32.65 22.76
N SER C 73 1.22 33.95 23.04
CA SER C 73 1.97 34.83 22.17
C SER C 73 3.46 34.51 22.14
N ASP C 74 3.99 33.88 23.20
CA ASP C 74 5.42 33.61 23.28
C ASP C 74 5.70 32.88 24.58
N TYR C 75 6.90 32.31 24.67
CA TYR C 75 7.31 31.62 25.88
C TYR C 75 7.34 32.54 27.10
N GLY C 76 7.34 33.86 26.87
CA GLY C 76 7.24 34.79 27.99
C GLY C 76 5.92 34.65 28.72
N ALA C 77 4.83 34.49 27.98
CA ALA C 77 3.52 34.32 28.59
C ALA C 77 3.33 32.93 29.16
N VAL C 78 4.01 31.93 28.61
CA VAL C 78 3.92 30.58 29.15
C VAL C 78 4.46 30.55 30.58
N ARG C 79 5.58 31.24 30.82
CA ARG C 79 6.11 31.35 32.18
C ARG C 79 5.17 32.16 33.06
N GLU C 80 4.58 33.23 32.51
CA GLU C 80 3.67 34.06 33.29
C GLU C 80 2.48 33.27 33.81
N LEU C 81 1.95 32.36 33.00
CA LEU C 81 0.75 31.61 33.36
C LEU C 81 1.05 30.29 34.04
N LEU C 82 2.21 29.68 33.75
CA LEU C 82 2.51 28.37 34.31
C LEU C 82 3.08 28.48 35.72
N ASP C 83 4.13 29.29 35.89
CA ASP C 83 4.83 29.42 37.17
C ASP C 83 3.90 29.50 38.38
N PRO C 84 2.83 30.30 38.38
CA PRO C 84 1.95 30.36 39.57
C PRO C 84 1.21 29.06 39.85
N LEU C 85 1.28 28.06 38.96
CA LEU C 85 0.57 26.80 39.13
C LEU C 85 1.54 25.63 39.23
N ALA C 86 2.63 25.82 39.99
CA ALA C 86 3.60 24.74 40.14
C ALA C 86 3.03 23.57 40.92
N GLY C 87 2.13 23.83 41.88
CA GLY C 87 1.57 22.77 42.70
C GLY C 87 0.27 22.22 42.16
N SER C 88 -0.39 22.98 41.28
CA SER C 88 -1.67 22.59 40.73
C SER C 88 -1.56 21.75 39.47
N LEU C 89 -0.34 21.40 39.04
CA LEU C 89 -0.13 20.69 37.79
C LEU C 89 0.11 19.20 37.99
N LYS C 90 -0.11 18.69 39.20
CA LYS C 90 0.05 17.26 39.43
C LYS C 90 -1.06 16.47 38.73
N GLY C 91 -0.70 15.30 38.21
CA GLY C 91 -1.66 14.48 37.50
C GLY C 91 -2.12 15.05 36.18
N LYS C 92 -1.35 15.95 35.58
CA LYS C 92 -1.74 16.61 34.35
C LYS C 92 -0.59 16.53 33.35
N VAL C 93 -0.94 16.77 32.08
CA VAL C 93 0.02 16.77 30.98
C VAL C 93 -0.12 18.10 30.24
N VAL C 94 0.96 18.87 30.20
CA VAL C 94 0.97 20.17 29.54
C VAL C 94 1.57 20.02 28.16
N VAL C 95 0.86 20.50 27.14
CA VAL C 95 1.33 20.48 25.76
C VAL C 95 1.41 21.92 25.29
N ASN C 96 2.62 22.37 24.99
CA ASN C 96 2.90 23.77 24.64
C ASN C 96 3.17 23.87 23.15
N TYR C 97 2.22 24.43 22.41
CA TYR C 97 2.35 24.63 20.97
C TYR C 97 2.92 26.00 20.62
N THR C 98 3.40 26.75 21.60
CA THR C 98 3.88 28.11 21.34
C THR C 98 5.14 28.07 20.49
N THR C 99 5.28 29.10 19.65
CA THR C 99 6.46 29.24 18.81
C THR C 99 7.61 29.84 19.61
N GLY C 100 8.75 29.16 19.61
CA GLY C 100 9.89 29.63 20.36
C GLY C 100 11.15 28.92 19.93
N THR C 101 12.27 29.39 20.47
CA THR C 101 13.57 28.82 20.14
C THR C 101 13.77 27.48 20.84
N SER C 102 14.73 26.71 20.32
CA SER C 102 15.05 25.42 20.94
C SER C 102 15.47 25.60 22.39
N THR C 103 16.17 26.69 22.69
CA THR C 103 16.57 26.95 24.07
C THR C 103 15.34 27.16 24.96
N GLN C 104 14.45 28.07 24.55
CA GLN C 104 13.25 28.34 25.33
C GLN C 104 12.47 27.06 25.60
N ALA C 105 12.32 26.20 24.59
CA ALA C 105 11.62 24.94 24.77
C ALA C 105 12.31 24.05 25.80
N ARG C 106 13.61 24.23 26.01
CA ARG C 106 14.31 23.44 27.01
C ARG C 106 14.20 24.06 28.40
N GLU C 107 14.41 25.37 28.50
CA GLU C 107 14.24 26.05 29.77
C GLU C 107 12.84 25.83 30.32
N THR C 108 11.83 25.89 29.45
CA THR C 108 10.48 25.56 29.88
C THR C 108 10.36 24.09 30.24
N ALA C 109 11.01 23.22 29.46
CA ALA C 109 10.95 21.79 29.74
C ALA C 109 11.64 21.45 31.07
N GLU C 110 12.71 22.16 31.41
CA GLU C 110 13.39 21.90 32.67
C GLU C 110 12.59 22.42 33.86
N TRP C 111 11.98 23.60 33.70
CA TRP C 111 11.11 24.12 34.76
C TRP C 111 10.01 23.12 35.10
N ALA C 112 9.42 22.50 34.07
CA ALA C 112 8.37 21.51 34.30
C ALA C 112 8.89 20.34 35.12
N ALA C 113 10.09 19.85 34.82
CA ALA C 113 10.65 18.74 35.58
C ALA C 113 10.76 19.09 37.05
N GLY C 114 11.08 20.35 37.36
CA GLY C 114 11.18 20.75 38.76
C GLY C 114 9.87 20.63 39.49
N VAL C 115 8.77 21.04 38.86
CA VAL C 115 7.45 21.00 39.49
C VAL C 115 6.85 19.61 39.33
N GLU C 116 7.63 18.67 38.78
CA GLU C 116 7.19 17.29 38.61
C GLU C 116 5.88 17.23 37.83
N THR C 117 5.86 17.90 36.69
CA THR C 117 4.73 17.88 35.77
C THR C 117 5.19 17.31 34.44
N THR C 118 4.25 16.72 33.71
CA THR C 118 4.52 16.16 32.39
C THR C 118 4.40 17.27 31.35
N TYR C 119 5.46 17.49 30.58
CA TYR C 119 5.52 18.56 29.60
C TYR C 119 5.89 17.98 28.24
N LEU C 120 5.16 18.41 27.21
CA LEU C 120 5.46 18.05 25.83
C LEU C 120 5.54 19.34 25.02
N ASP C 121 6.67 19.55 24.36
CA ASP C 121 6.86 20.72 23.50
C ASP C 121 6.34 20.40 22.12
N GLY C 122 5.30 21.12 21.69
CA GLY C 122 4.66 20.88 20.41
C GLY C 122 4.98 22.00 19.42
N ALA C 123 5.13 21.62 18.16
CA ALA C 123 5.33 22.57 17.07
C ALA C 123 4.27 22.32 16.01
N ILE C 124 3.54 23.36 15.65
CA ILE C 124 2.48 23.27 14.66
C ILE C 124 2.98 23.88 13.35
N MET C 125 3.09 23.05 12.32
CA MET C 125 3.58 23.46 11.02
C MET C 125 2.40 23.75 10.11
N GLY C 126 2.26 25.01 9.70
CA GLY C 126 1.22 25.40 8.78
C GLY C 126 0.21 26.36 9.40
N PRO C 127 -0.62 26.95 8.55
CA PRO C 127 -1.63 27.91 9.05
C PRO C 127 -2.67 27.21 9.90
N PRO C 128 -3.48 27.97 10.64
CA PRO C 128 -4.51 27.37 11.48
C PRO C 128 -5.44 26.44 10.70
N PRO C 129 -5.92 26.86 9.53
CA PRO C 129 -6.98 26.07 8.87
C PRO C 129 -6.55 24.68 8.44
N TRP C 130 -5.26 24.34 8.55
CA TRP C 130 -4.82 22.99 8.19
C TRP C 130 -5.13 21.96 9.27
N LEU C 131 -5.36 22.41 10.51
CA LEU C 131 -5.62 21.48 11.60
C LEU C 131 -6.94 20.74 11.37
N ALA C 132 -6.99 19.50 11.83
CA ALA C 132 -8.15 18.63 11.66
C ALA C 132 -8.37 18.24 10.20
N THR C 133 -7.30 18.26 9.41
CA THR C 133 -7.35 17.84 8.01
C THR C 133 -6.15 16.96 7.73
N ASP C 134 -6.09 16.43 6.51
CA ASP C 134 -4.98 15.60 6.08
C ASP C 134 -3.70 16.39 5.83
N ARG C 135 -3.75 17.72 5.94
CA ARG C 135 -2.61 18.59 5.65
C ARG C 135 -1.92 19.10 6.90
N ALA C 136 -2.34 18.64 8.09
CA ALA C 136 -1.83 19.16 9.34
C ALA C 136 -0.54 18.45 9.75
N ILE C 137 0.48 19.23 10.10
CA ILE C 137 1.77 18.71 10.56
C ILE C 137 1.96 19.19 12.00
N LEU C 138 2.11 18.25 12.93
CA LEU C 138 2.25 18.57 14.34
C LEU C 138 3.35 17.70 14.93
N LEU C 139 4.43 18.35 15.37
CA LEU C 139 5.59 17.66 15.93
C LEU C 139 5.59 17.76 17.44
N TYR C 140 5.88 16.64 18.10
CA TYR C 140 5.86 16.56 19.55
C TYR C 140 7.22 16.10 20.06
N SER C 141 7.66 16.70 21.17
CA SER C 141 8.95 16.42 21.76
C SER C 141 8.79 16.26 23.26
N GLY C 142 9.30 15.16 23.81
CA GLY C 142 9.26 14.93 25.23
C GLY C 142 9.13 13.47 25.60
N PRO C 143 8.55 13.21 26.77
CA PRO C 143 8.38 11.82 27.23
C PRO C 143 7.45 11.05 26.28
N LYS C 144 7.99 9.97 25.71
CA LYS C 144 7.19 9.16 24.78
C LYS C 144 5.92 8.66 25.44
N ALA C 145 6.01 8.21 26.70
CA ALA C 145 4.83 7.71 27.40
C ALA C 145 3.72 8.74 27.41
N ALA C 146 4.07 10.01 27.63
CA ALA C 146 3.06 11.06 27.64
C ALA C 146 2.41 11.21 26.27
N PHE C 147 3.21 11.19 25.21
CA PHE C 147 2.64 11.28 23.86
C PHE C 147 1.75 10.08 23.58
N GLU C 148 2.25 8.88 23.84
CA GLU C 148 1.47 7.68 23.57
C GLU C 148 0.17 7.67 24.37
N GLU C 149 0.18 8.23 25.58
CA GLU C 149 -1.01 8.20 26.44
C GLU C 149 -2.08 9.18 26.00
N HIS C 150 -1.71 10.22 25.24
CA HIS C 150 -2.68 11.20 24.74
C HIS C 150 -2.63 11.33 23.23
N GLU C 151 -2.10 10.31 22.54
CA GLU C 151 -1.98 10.38 21.08
C GLU C 151 -3.35 10.48 20.43
N ALA C 152 -4.32 9.72 20.91
CA ALA C 152 -5.66 9.75 20.32
C ALA C 152 -6.28 11.14 20.43
N THR C 153 -6.12 11.79 21.58
CA THR C 153 -6.63 13.15 21.74
C THR C 153 -5.92 14.13 20.80
N LEU C 154 -4.59 14.03 20.72
CA LEU C 154 -3.84 14.91 19.84
C LEU C 154 -4.14 14.67 18.37
N ARG C 155 -4.62 13.47 18.01
CA ARG C 155 -4.93 13.18 16.62
C ARG C 155 -6.06 14.06 16.10
N ALA C 156 -6.96 14.50 16.98
CA ALA C 156 -8.07 15.34 16.55
C ALA C 156 -7.60 16.52 15.73
N LEU C 157 -6.37 16.99 15.96
CA LEU C 157 -5.80 18.08 15.20
C LEU C 157 -5.13 17.63 13.90
N GLY C 158 -4.99 16.32 13.70
CA GLY C 158 -4.34 15.80 12.52
C GLY C 158 -3.75 14.42 12.76
N ALA C 159 -4.35 13.39 12.14
CA ALA C 159 -3.90 12.03 12.37
C ALA C 159 -2.61 11.72 11.61
N ALA C 160 -2.46 12.27 10.41
CA ALA C 160 -1.28 11.99 9.59
C ALA C 160 -0.09 12.85 9.96
N GLY C 161 -0.30 13.95 10.68
CA GLY C 161 0.78 14.84 11.04
C GLY C 161 1.29 14.65 12.45
N THR C 162 0.52 13.95 13.27
CA THR C 162 0.87 13.74 14.67
C THR C 162 2.13 12.88 14.74
N THR C 163 3.27 13.52 15.00
CA THR C 163 4.56 12.83 15.02
C THR C 163 5.26 13.08 16.35
N TYR C 164 5.92 12.05 16.86
CA TYR C 164 6.76 12.14 18.05
C TYR C 164 8.22 12.20 17.62
N LEU C 165 8.93 13.23 18.07
CA LEU C 165 10.29 13.48 17.60
C LEU C 165 11.35 12.76 18.43
N ASP C 166 11.18 12.77 19.76
CA ASP C 166 12.10 12.13 20.70
C ASP C 166 11.98 12.78 22.07
N THR C 167 13.00 12.63 22.91
CA THR C 167 12.95 13.15 24.26
C THR C 167 13.53 14.56 24.40
N ASP C 168 14.19 15.08 23.36
CA ASP C 168 14.76 16.43 23.43
C ASP C 168 13.64 17.43 23.19
N HIS C 169 13.27 18.17 24.23
CA HIS C 169 12.10 19.04 24.16
C HIS C 169 12.29 20.16 23.14
N GLY C 170 13.53 20.62 22.95
CA GLY C 170 13.77 21.67 21.97
C GLY C 170 13.75 21.22 20.53
N LEU C 171 13.80 19.92 20.28
CA LEU C 171 13.78 19.42 18.90
C LEU C 171 12.56 19.95 18.15
N SER C 172 11.42 20.01 18.81
CA SER C 172 10.23 20.58 18.17
C SER C 172 10.47 22.02 17.74
N ALA C 173 10.96 22.85 18.66
CA ALA C 173 11.23 24.24 18.33
C ALA C 173 12.25 24.36 17.19
N LEU C 174 13.28 23.52 17.22
CA LEU C 174 14.28 23.51 16.16
C LEU C 174 13.62 23.18 14.82
N TYR C 175 13.09 21.97 14.69
CA TYR C 175 12.39 21.58 13.47
C TYR C 175 11.42 22.66 13.04
N ASP C 176 10.63 23.17 13.98
CA ASP C 176 9.76 24.31 13.73
C ASP C 176 10.56 25.41 13.05
N MET C 177 11.55 25.95 13.76
CA MET C 177 12.37 27.04 13.22
C MET C 177 12.89 26.70 11.83
N SER C 178 13.41 25.49 11.64
CA SER C 178 13.95 25.11 10.33
C SER C 178 12.88 25.21 9.25
N LEU C 179 11.67 24.74 9.53
CA LEU C 179 10.62 24.75 8.53
C LEU C 179 10.10 26.16 8.26
N LEU C 180 10.14 27.04 9.28
CA LEU C 180 9.72 28.42 9.06
C LEU C 180 10.50 29.06 7.93
N GLY C 181 11.82 28.82 7.87
CA GLY C 181 12.62 29.43 6.82
C GLY C 181 12.19 29.01 5.44
N ILE C 182 11.75 27.76 5.27
CA ILE C 182 11.35 27.27 3.96
C ILE C 182 10.07 27.96 3.51
N MET C 183 9.16 28.25 4.44
CA MET C 183 7.89 28.88 4.06
C MET C 183 8.10 30.29 3.55
N TRP C 184 8.84 31.11 4.30
CA TRP C 184 9.09 32.48 3.87
C TRP C 184 9.88 32.52 2.57
N GLY C 185 10.80 31.57 2.38
CA GLY C 185 11.55 31.52 1.13
C GLY C 185 10.65 31.27 -0.07
N VAL C 186 9.79 30.26 0.02
CA VAL C 186 8.84 29.99 -1.06
C VAL C 186 7.91 31.17 -1.26
N LEU C 187 7.28 31.64 -0.18
CA LEU C 187 6.35 32.75 -0.29
C LEU C 187 7.04 34.00 -0.82
N ASN C 188 8.21 34.34 -0.27
CA ASN C 188 8.93 35.51 -0.76
C ASN C 188 9.34 35.32 -2.22
N GLY C 189 9.82 34.13 -2.57
CA GLY C 189 10.12 33.87 -3.97
C GLY C 189 8.90 34.02 -4.86
N PHE C 190 7.76 33.49 -4.41
CA PHE C 190 6.52 33.66 -5.17
C PHE C 190 6.14 35.13 -5.28
N LEU C 191 6.26 35.88 -4.18
CA LEU C 191 5.97 37.31 -4.22
C LEU C 191 6.91 38.04 -5.17
N GLN C 192 8.20 37.72 -5.12
CA GLN C 192 9.14 38.32 -6.05
C GLN C 192 8.71 38.08 -7.50
N GLY C 193 8.44 36.82 -7.84
CA GLY C 193 8.02 36.51 -9.20
C GLY C 193 6.69 37.16 -9.56
N ALA C 194 5.76 37.21 -8.60
CA ALA C 194 4.49 37.88 -8.85
C ALA C 194 4.70 39.35 -9.19
N ALA C 195 5.66 40.00 -8.52
CA ALA C 195 5.97 41.39 -8.84
C ALA C 195 6.54 41.51 -10.25
N LEU C 196 7.43 40.59 -10.62
CA LEU C 196 8.01 40.61 -11.96
C LEU C 196 6.92 40.43 -13.02
N LEU C 197 6.19 39.32 -12.96
CA LEU C 197 5.14 39.06 -13.93
C LEU C 197 4.00 40.06 -13.83
N GLY C 198 3.84 40.74 -12.70
CA GLY C 198 2.84 41.78 -12.59
C GLY C 198 3.14 42.98 -13.46
N THR C 199 4.43 43.32 -13.61
CA THR C 199 4.81 44.43 -14.48
C THR C 199 4.31 44.19 -15.90
N ALA C 200 4.33 42.94 -16.35
CA ALA C 200 3.80 42.57 -17.65
C ALA C 200 2.31 42.26 -17.61
N LYS C 201 1.59 42.75 -16.61
CA LYS C 201 0.15 42.58 -16.49
C LYS C 201 -0.25 41.10 -16.40
N VAL C 202 0.60 40.29 -15.78
CA VAL C 202 0.32 38.88 -15.57
C VAL C 202 -0.28 38.72 -14.18
N LYS C 203 -1.58 38.44 -14.13
CA LYS C 203 -2.27 38.35 -12.85
C LYS C 203 -1.73 37.19 -12.01
N ALA C 204 -1.70 37.41 -10.70
CA ALA C 204 -1.01 36.48 -9.80
C ALA C 204 -1.61 35.08 -9.85
N THR C 205 -2.94 34.99 -9.87
CA THR C 205 -3.58 33.68 -9.91
C THR C 205 -3.28 32.91 -11.19
N THR C 206 -2.87 33.60 -12.25
CA THR C 206 -2.44 32.91 -13.46
C THR C 206 -1.03 32.36 -13.33
N PHE C 207 -0.20 32.98 -12.49
CA PHE C 207 1.16 32.53 -12.25
C PHE C 207 1.27 31.53 -11.11
N ALA C 208 0.28 31.48 -10.22
CA ALA C 208 0.34 30.57 -9.08
C ALA C 208 0.49 29.12 -9.51
N PRO C 209 -0.42 28.55 -10.31
CA PRO C 209 -0.26 27.15 -10.71
C PRO C 209 1.11 26.82 -11.27
N LEU C 210 1.67 27.68 -12.13
CA LEU C 210 3.00 27.43 -12.67
C LEU C 210 4.04 27.41 -11.55
N ALA C 211 4.01 28.42 -10.67
CA ALA C 211 4.90 28.43 -9.52
C ALA C 211 4.77 27.14 -8.72
N ASN C 212 3.52 26.72 -8.46
CA ASN C 212 3.31 25.49 -7.69
C ASN C 212 3.89 24.27 -8.41
N THR C 213 3.92 24.30 -9.74
CA THR C 213 4.57 23.22 -10.48
C THR C 213 6.07 23.21 -10.23
N LEU C 214 6.69 24.38 -10.23
CA LEU C 214 8.13 24.46 -9.97
C LEU C 214 8.45 24.11 -8.51
N ILE C 215 7.67 24.66 -7.58
CA ILE C 215 7.88 24.33 -6.16
C ILE C 215 7.83 22.84 -5.95
N ASN C 216 6.84 22.18 -6.55
CA ASN C 216 6.76 20.72 -6.45
C ASN C 216 7.99 20.07 -7.09
N LEU C 217 8.38 20.53 -8.28
CA LEU C 217 9.52 19.94 -8.97
C LEU C 217 10.81 20.12 -8.18
N ILE C 218 11.04 21.32 -7.64
CA ILE C 218 12.32 21.63 -7.02
C ILE C 218 12.62 20.72 -5.84
N THR C 219 11.58 20.12 -5.24
CA THR C 219 11.82 19.14 -4.17
C THR C 219 12.79 18.06 -4.63
N GLU C 220 12.78 17.72 -5.93
CA GLU C 220 13.76 16.78 -6.45
C GLU C 220 15.18 17.28 -6.22
N ARG C 221 15.41 18.58 -6.46
CA ARG C 221 16.73 19.15 -6.20
C ARG C 221 17.05 19.13 -4.71
N VAL C 222 16.06 19.40 -3.87
CA VAL C 222 16.26 19.27 -2.42
C VAL C 222 16.73 17.86 -2.09
N THR C 223 16.05 16.86 -2.65
CA THR C 223 16.42 15.47 -2.38
C THR C 223 17.85 15.19 -2.85
N ALA C 224 18.26 15.80 -3.96
CA ALA C 224 19.60 15.53 -4.48
C ALA C 224 20.68 16.14 -3.59
N TYR C 225 20.43 17.34 -3.06
CA TYR C 225 21.46 18.03 -2.28
C TYR C 225 21.59 17.47 -0.87
N ALA C 226 20.51 16.94 -0.31
CA ALA C 226 20.54 16.42 1.05
C ALA C 226 21.74 15.54 1.34
N PRO C 227 22.07 14.53 0.52
CA PRO C 227 23.26 13.72 0.84
C PRO C 227 24.57 14.45 0.61
N GLN C 228 24.63 15.34 -0.37
CA GLN C 228 25.85 16.14 -0.56
C GLN C 228 26.13 17.00 0.67
N ILE C 229 25.08 17.49 1.32
CA ILE C 229 25.26 18.30 2.52
C ILE C 229 25.87 17.46 3.64
N ASP C 230 25.35 16.24 3.84
CA ASP C 230 25.87 15.38 4.89
C ASP C 230 27.23 14.80 4.55
N GLU C 231 27.63 14.83 3.28
CA GLU C 231 28.90 14.25 2.86
C GLU C 231 30.03 15.26 2.80
N GLY C 232 29.71 16.55 2.68
CA GLY C 232 30.75 17.55 2.52
C GLY C 232 31.34 17.65 1.13
N LYS C 233 30.75 16.97 0.16
CA LYS C 233 31.19 17.00 -1.23
C LYS C 233 30.04 17.48 -2.09
N TYR C 234 30.23 18.60 -2.79
CA TYR C 234 29.18 19.29 -3.53
C TYR C 234 29.52 19.28 -5.02
N PRO C 235 29.25 18.18 -5.71
CA PRO C 235 29.56 18.11 -7.14
C PRO C 235 28.60 18.99 -7.94
N ALA C 236 29.06 19.37 -9.14
CA ALA C 236 28.31 20.25 -10.03
C ALA C 236 27.84 19.42 -11.22
N GLY C 237 26.82 18.60 -11.00
CA GLY C 237 26.26 17.81 -12.08
C GLY C 237 25.18 18.54 -12.83
N ASP C 238 24.46 19.43 -12.14
CA ASP C 238 23.40 20.20 -12.77
C ASP C 238 23.89 21.57 -13.18
N ALA C 239 24.25 22.40 -12.20
CA ALA C 239 24.78 23.73 -12.45
C ALA C 239 25.84 24.06 -11.42
N THR C 240 26.94 24.67 -11.87
CA THR C 240 27.98 25.11 -10.97
C THR C 240 27.57 26.41 -10.28
N MET C 241 28.30 26.74 -9.22
CA MET C 241 28.08 28.03 -8.57
C MET C 241 28.16 29.18 -9.55
N THR C 242 29.01 29.04 -10.58
CA THR C 242 29.16 30.11 -11.57
C THR C 242 27.85 30.35 -12.30
N VAL C 243 27.20 29.29 -12.77
CA VAL C 243 25.95 29.46 -13.52
C VAL C 243 24.87 30.04 -12.61
N HIS C 244 24.79 29.56 -11.36
CA HIS C 244 23.89 30.17 -10.39
C HIS C 244 24.18 31.65 -10.24
N GLN C 245 25.46 32.01 -10.14
CA GLN C 245 25.85 33.41 -9.98
C GLN C 245 25.31 34.26 -11.13
N ASP C 246 25.57 33.83 -12.36
CA ASP C 246 25.18 34.63 -13.52
C ASP C 246 23.66 34.78 -13.61
N ALA C 247 22.92 33.73 -13.24
CA ALA C 247 21.47 33.81 -13.31
C ALA C 247 20.92 34.77 -12.26
N MET C 248 21.50 34.78 -11.06
CA MET C 248 21.05 35.70 -10.03
C MET C 248 21.26 37.14 -10.47
N GLU C 249 22.42 37.45 -11.04
CA GLU C 249 22.69 38.79 -11.55
C GLU C 249 21.61 39.21 -12.56
N HIS C 250 21.27 38.30 -13.48
CA HIS C 250 20.22 38.60 -14.45
C HIS C 250 18.90 38.91 -13.74
N LEU C 251 18.49 38.05 -12.81
CA LEU C 251 17.29 38.33 -12.03
C LEU C 251 17.40 39.67 -11.31
N ALA C 252 18.60 40.03 -10.87
CA ALA C 252 18.80 41.32 -10.22
C ALA C 252 18.66 42.46 -11.22
N GLU C 253 19.40 42.41 -12.32
CA GLU C 253 19.25 43.40 -13.37
C GLU C 253 17.80 43.49 -13.84
N GLU C 254 17.15 42.34 -14.01
CA GLU C 254 15.78 42.31 -14.47
C GLU C 254 14.87 43.07 -13.51
N SER C 255 14.97 42.78 -12.21
CA SER C 255 14.13 43.45 -11.22
C SER C 255 14.34 44.95 -11.25
N GLU C 256 15.60 45.39 -11.27
CA GLU C 256 15.89 46.81 -11.31
C GLU C 256 15.35 47.44 -12.58
N THR C 257 15.50 46.77 -13.72
CA THR C 257 15.01 47.32 -14.98
C THR C 257 13.50 47.52 -14.95
N LEU C 258 12.77 46.57 -14.35
CA LEU C 258 11.32 46.63 -14.29
C LEU C 258 10.81 47.42 -13.08
N GLY C 259 11.68 48.16 -12.40
CA GLY C 259 11.24 49.05 -11.34
C GLY C 259 10.68 48.39 -10.11
N ILE C 260 11.14 47.18 -9.77
CA ILE C 260 10.72 46.52 -8.55
C ILE C 260 11.93 46.34 -7.64
N SER C 261 11.77 45.53 -6.60
CA SER C 261 12.82 45.35 -5.61
C SER C 261 13.86 44.35 -6.10
N ALA C 262 15.12 44.75 -6.09
CA ALA C 262 16.24 43.85 -6.34
C ALA C 262 16.95 43.45 -5.06
N GLU C 263 16.36 43.73 -3.90
CA GLU C 263 17.02 43.44 -2.64
C GLU C 263 17.20 41.93 -2.44
N MET C 264 16.13 41.17 -2.61
CA MET C 264 16.24 39.71 -2.50
C MET C 264 17.17 39.14 -3.53
N PRO C 265 17.06 39.47 -4.82
CA PRO C 265 18.05 38.97 -5.80
C PRO C 265 19.47 39.36 -5.44
N ARG C 266 19.73 40.65 -5.21
CA ARG C 266 21.07 41.08 -4.84
C ARG C 266 21.54 40.38 -3.56
N PHE C 267 20.63 40.05 -2.66
CA PHE C 267 21.01 39.28 -1.48
C PHE C 267 21.35 37.85 -1.86
N PHE C 268 20.53 37.23 -2.71
CA PHE C 268 20.82 35.87 -3.17
C PHE C 268 22.18 35.81 -3.85
N LYS C 269 22.52 36.84 -4.64
CA LYS C 269 23.82 36.86 -5.31
C LYS C 269 24.95 37.01 -4.31
N ALA C 270 24.75 37.84 -3.28
CA ALA C 270 25.79 38.04 -2.27
C ALA C 270 26.22 36.71 -1.67
N LEU C 271 25.25 35.88 -1.26
CA LEU C 271 25.59 34.56 -0.75
C LEU C 271 26.33 33.74 -1.79
N ALA C 272 25.90 33.82 -3.05
CA ALA C 272 26.58 33.09 -4.11
C ALA C 272 28.00 33.60 -4.30
N ASP C 273 28.20 34.92 -4.24
CA ASP C 273 29.55 35.47 -4.35
C ASP C 273 30.42 34.99 -3.20
N ARG C 274 29.85 34.92 -2.00
CA ARG C 274 30.60 34.38 -0.87
C ARG C 274 31.02 32.94 -1.12
N ALA C 275 30.15 32.16 -1.76
CA ALA C 275 30.51 30.79 -2.12
C ALA C 275 31.71 30.77 -3.06
N VAL C 276 31.65 31.57 -4.13
CA VAL C 276 32.76 31.65 -5.07
C VAL C 276 34.01 32.18 -4.38
N ALA C 277 33.84 33.11 -3.44
CA ALA C 277 34.98 33.64 -2.70
C ALA C 277 35.67 32.55 -1.89
N ASP C 278 34.92 31.55 -1.45
CA ASP C 278 35.47 30.42 -0.71
C ASP C 278 35.98 29.31 -1.64
N GLY C 279 36.02 29.56 -2.95
CA GLY C 279 36.57 28.58 -3.88
C GLY C 279 35.60 27.53 -4.35
N HIS C 280 34.30 27.83 -4.35
CA HIS C 280 33.27 26.86 -4.73
C HIS C 280 32.65 27.18 -6.08
N ALA C 281 33.37 27.90 -6.95
CA ALA C 281 32.80 28.29 -8.23
C ALA C 281 32.44 27.08 -9.08
N ASP C 282 33.09 25.94 -8.85
CA ASP C 282 32.87 24.74 -9.64
C ASP C 282 32.03 23.70 -8.90
N SER C 283 31.43 24.05 -7.78
CA SER C 283 30.59 23.14 -7.02
C SER C 283 29.12 23.41 -7.30
N GLY C 284 28.28 22.45 -6.91
CA GLY C 284 26.85 22.62 -6.98
C GLY C 284 26.34 23.53 -5.89
N TYR C 285 25.03 23.79 -5.94
CA TYR C 285 24.43 24.72 -4.98
C TYR C 285 24.46 24.18 -3.56
N ALA C 286 24.62 22.88 -3.37
CA ALA C 286 24.73 22.33 -2.01
C ALA C 286 25.91 22.91 -1.26
N ALA C 287 26.85 23.54 -1.96
CA ALA C 287 28.00 24.13 -1.28
C ALA C 287 27.61 25.34 -0.45
N MET C 288 26.50 26.00 -0.80
CA MET C 288 26.07 27.18 -0.05
C MET C 288 25.72 26.87 1.39
N ILE C 289 25.59 25.59 1.75
CA ILE C 289 25.37 25.23 3.15
C ILE C 289 26.49 25.82 4.02
N GLU C 290 27.71 25.87 3.49
CA GLU C 290 28.82 26.45 4.24
C GLU C 290 28.60 27.93 4.51
N GLN C 291 27.90 28.63 3.62
CA GLN C 291 27.62 30.04 3.85
C GLN C 291 26.56 30.24 4.91
N PHE C 292 25.63 29.29 5.05
CA PHE C 292 24.62 29.38 6.10
C PHE C 292 25.15 28.94 7.46
N ARG C 293 26.29 28.26 7.50
CA ARG C 293 26.94 27.88 8.74
C ARG C 293 27.86 28.97 9.27
N LYS C 294 27.91 30.12 8.61
CA LYS C 294 28.83 31.19 9.00
C LYS C 294 28.07 32.24 9.78
N PRO C 295 28.36 32.44 11.08
CA PRO C 295 27.75 33.49 11.91
C PRO C 295 27.73 34.85 11.21
N ALA D 6 -8.21 2.06 5.53
CA ALA D 6 -7.88 3.23 4.73
C ALA D 6 -6.64 2.96 3.86
N ALA D 7 -6.85 2.89 2.56
CA ALA D 7 -5.74 2.69 1.61
C ALA D 7 -5.17 1.29 1.69
N GLN D 8 -4.80 0.86 2.90
CA GLN D 8 -4.15 -0.43 3.10
C GLN D 8 -5.13 -1.55 3.39
N ALA D 9 -6.44 -1.30 3.27
CA ALA D 9 -7.46 -2.31 3.57
C ALA D 9 -8.51 -2.29 2.47
N PRO D 10 -8.28 -3.03 1.38
CA PRO D 10 -9.27 -3.06 0.30
C PRO D 10 -10.53 -3.79 0.74
N VAL D 11 -11.65 -3.40 0.13
CA VAL D 11 -12.94 -4.01 0.43
C VAL D 11 -13.79 -3.99 -0.83
N SER D 12 -14.46 -5.11 -1.10
CA SER D 12 -15.38 -5.23 -2.22
C SER D 12 -16.80 -5.35 -1.69
N VAL D 13 -17.72 -4.63 -2.34
CA VAL D 13 -19.12 -4.61 -1.95
C VAL D 13 -19.94 -5.19 -3.08
N ILE D 14 -20.47 -6.39 -2.88
CA ILE D 14 -21.30 -7.07 -3.88
C ILE D 14 -22.76 -6.80 -3.57
N GLY D 15 -23.51 -6.37 -4.58
CA GLY D 15 -24.90 -6.04 -4.39
C GLY D 15 -25.09 -4.57 -4.04
N LEU D 16 -25.69 -3.80 -4.94
CA LEU D 16 -25.75 -2.36 -4.76
C LEU D 16 -27.19 -1.85 -4.67
N GLY D 17 -27.96 -2.42 -3.76
CA GLY D 17 -29.24 -1.84 -3.43
C GLY D 17 -29.04 -0.53 -2.68
N LEU D 18 -30.16 0.01 -2.19
CA LEU D 18 -30.09 1.25 -1.43
C LEU D 18 -29.20 1.09 -0.19
N MET D 19 -29.14 -0.11 0.37
CA MET D 19 -28.24 -0.35 1.49
C MET D 19 -26.83 -0.68 1.03
N GLY D 20 -26.71 -1.39 -0.09
CA GLY D 20 -25.38 -1.68 -0.63
C GLY D 20 -24.63 -0.42 -1.01
N GLN D 21 -25.34 0.56 -1.58
CA GLN D 21 -24.70 1.83 -1.94
C GLN D 21 -24.21 2.56 -0.70
N ALA D 22 -25.04 2.61 0.35
CA ALA D 22 -24.62 3.23 1.61
C ALA D 22 -23.40 2.51 2.17
N LEU D 23 -23.44 1.18 2.20
CA LEU D 23 -22.30 0.42 2.68
C LEU D 23 -21.04 0.77 1.90
N ALA D 24 -21.14 0.79 0.57
CA ALA D 24 -19.98 1.11 -0.25
C ALA D 24 -19.53 2.55 -0.03
N ALA D 25 -20.48 3.47 0.12
CA ALA D 25 -20.13 4.88 0.29
C ALA D 25 -19.35 5.10 1.59
N ALA D 26 -19.71 4.36 2.64
CA ALA D 26 -19.02 4.53 3.92
C ALA D 26 -17.57 4.05 3.82
N PHE D 27 -17.34 2.91 3.17
CA PHE D 27 -15.98 2.44 2.94
C PHE D 27 -15.18 3.44 2.12
N LEU D 28 -15.80 4.01 1.09
CA LEU D 28 -15.11 4.98 0.24
C LEU D 28 -14.77 6.25 1.02
N LYS D 29 -15.71 6.76 1.82
CA LYS D 29 -15.44 7.95 2.61
C LYS D 29 -14.36 7.67 3.65
N ALA D 30 -14.28 6.45 4.17
CA ALA D 30 -13.23 6.11 5.12
C ALA D 30 -11.86 6.03 4.46
N GLY D 31 -11.80 5.95 3.15
CA GLY D 31 -10.55 5.87 2.43
C GLY D 31 -10.12 4.46 2.03
N HIS D 32 -10.99 3.47 2.15
CA HIS D 32 -10.66 2.12 1.73
C HIS D 32 -10.68 2.02 0.21
N PRO D 33 -9.71 1.30 -0.39
CA PRO D 33 -9.85 0.93 -1.80
C PRO D 33 -11.11 0.09 -1.99
N THR D 34 -12.14 0.69 -2.57
CA THR D 34 -13.48 0.10 -2.59
C THR D 34 -13.83 -0.35 -4.00
N THR D 35 -14.08 -1.66 -4.15
CA THR D 35 -14.58 -2.23 -5.39
C THR D 35 -16.03 -2.65 -5.20
N VAL D 36 -16.87 -2.31 -6.18
CA VAL D 36 -18.31 -2.55 -6.07
C VAL D 36 -18.78 -3.35 -7.27
N TRP D 37 -19.96 -3.95 -7.12
CA TRP D 37 -20.57 -4.75 -8.17
C TRP D 37 -22.08 -4.74 -7.99
N ASN D 38 -22.79 -4.92 -9.10
CA ASN D 38 -24.25 -5.04 -9.09
C ASN D 38 -24.69 -5.55 -10.44
N ARG D 39 -25.67 -6.48 -10.43
CA ARG D 39 -26.18 -7.06 -11.67
C ARG D 39 -26.40 -6.00 -12.74
N ARG D 40 -27.25 -5.01 -12.43
CA ARG D 40 -27.46 -3.87 -13.32
C ARG D 40 -26.37 -2.84 -13.02
N ALA D 41 -25.35 -2.80 -13.88
CA ALA D 41 -24.21 -1.91 -13.67
C ALA D 41 -24.60 -0.44 -13.59
N ALA D 42 -25.86 -0.10 -13.88
CA ALA D 42 -26.27 1.30 -13.85
C ALA D 42 -26.21 1.88 -12.45
N LYS D 43 -26.46 1.07 -11.42
CA LYS D 43 -26.54 1.56 -10.06
C LYS D 43 -25.18 1.85 -9.43
N ALA D 44 -24.08 1.53 -10.12
CA ALA D 44 -22.74 1.81 -9.60
C ALA D 44 -22.15 3.10 -10.15
N ASP D 45 -22.85 3.77 -11.06
CA ASP D 45 -22.30 4.96 -11.71
C ASP D 45 -21.85 6.00 -10.68
N GLN D 46 -22.74 6.36 -9.76
CA GLN D 46 -22.41 7.37 -8.75
C GLN D 46 -21.14 6.99 -7.99
N LEU D 47 -21.15 5.81 -7.36
CA LEU D 47 -19.98 5.37 -6.60
C LEU D 47 -18.72 5.43 -7.45
N VAL D 48 -18.82 5.10 -8.74
CA VAL D 48 -17.66 5.17 -9.61
C VAL D 48 -17.19 6.62 -9.76
N SER D 49 -18.12 7.58 -9.76
CA SER D 49 -17.75 8.98 -9.93
C SER D 49 -17.08 9.57 -8.70
N GLU D 50 -17.17 8.91 -7.54
CA GLU D 50 -16.53 9.37 -6.33
C GLU D 50 -15.25 8.60 -6.01
N GLY D 51 -14.88 7.61 -6.82
CA GLY D 51 -13.64 6.90 -6.62
C GLY D 51 -13.78 5.39 -6.61
N ALA D 52 -15.00 4.91 -6.41
CA ALA D 52 -15.22 3.46 -6.33
C ALA D 52 -14.84 2.80 -7.65
N THR D 53 -14.35 1.57 -7.56
CA THR D 53 -13.99 0.78 -8.72
C THR D 53 -15.10 -0.21 -9.03
N ARG D 54 -15.47 -0.30 -10.31
CA ARG D 54 -16.50 -1.21 -10.74
C ARG D 54 -15.86 -2.51 -11.22
N ALA D 55 -16.38 -3.63 -10.76
CA ALA D 55 -15.97 -4.95 -11.24
C ALA D 55 -16.99 -5.43 -12.27
N GLY D 56 -16.48 -5.97 -13.37
CA GLY D 56 -17.37 -6.48 -14.41
C GLY D 56 -18.19 -7.67 -13.95
N SER D 57 -17.67 -8.45 -13.01
CA SER D 57 -18.30 -9.70 -12.61
C SER D 57 -18.18 -9.88 -11.10
N VAL D 58 -18.90 -10.88 -10.60
CA VAL D 58 -18.75 -11.27 -9.20
C VAL D 58 -17.36 -11.82 -8.94
N ALA D 59 -16.84 -12.61 -9.89
CA ALA D 59 -15.50 -13.15 -9.73
C ALA D 59 -14.46 -12.05 -9.62
N ASP D 60 -14.61 -10.98 -10.40
CA ASP D 60 -13.67 -9.87 -10.33
C ASP D 60 -13.76 -9.16 -8.99
N ALA D 61 -14.98 -9.05 -8.43
CA ALA D 61 -15.14 -8.39 -7.13
C ALA D 61 -14.49 -9.17 -6.01
N ILE D 62 -14.47 -10.50 -6.10
CA ILE D 62 -13.88 -11.31 -5.03
C ILE D 62 -12.37 -11.14 -5.02
N ALA D 63 -11.75 -11.04 -6.19
CA ALA D 63 -10.30 -10.94 -6.28
C ALA D 63 -9.78 -9.54 -5.97
N ALA D 64 -10.65 -8.53 -5.94
CA ALA D 64 -10.19 -7.17 -5.73
C ALA D 64 -9.79 -6.93 -4.27
N SER D 65 -10.49 -7.56 -3.33
CA SER D 65 -10.28 -7.27 -1.92
C SER D 65 -10.22 -8.55 -1.12
N PRO D 66 -9.47 -8.55 -0.01
CA PRO D 66 -9.55 -9.68 0.94
C PRO D 66 -10.79 -9.63 1.82
N LEU D 67 -11.53 -8.54 1.82
CA LEU D 67 -12.78 -8.41 2.56
C LEU D 67 -13.92 -8.29 1.57
N VAL D 68 -14.83 -9.26 1.58
CA VAL D 68 -15.95 -9.32 0.64
C VAL D 68 -17.22 -9.00 1.42
N VAL D 69 -17.84 -7.87 1.10
CA VAL D 69 -19.10 -7.46 1.73
C VAL D 69 -20.23 -7.82 0.78
N LEU D 70 -21.23 -8.54 1.31
CA LEU D 70 -22.37 -9.00 0.53
C LEU D 70 -23.64 -8.40 1.07
N CYS D 71 -24.41 -7.73 0.20
CA CYS D 71 -25.72 -7.16 0.55
C CYS D 71 -26.62 -7.35 -0.67
N VAL D 72 -27.17 -8.57 -0.81
CA VAL D 72 -27.92 -8.94 -1.99
C VAL D 72 -29.39 -9.13 -1.65
N SER D 73 -30.15 -9.72 -2.58
CA SER D 73 -31.60 -9.77 -2.43
C SER D 73 -32.05 -10.76 -1.35
N ASP D 74 -31.33 -11.85 -1.17
CA ASP D 74 -31.71 -12.83 -0.15
C ASP D 74 -30.55 -13.81 0.03
N TYR D 75 -30.61 -14.56 1.13
CA TYR D 75 -29.56 -15.53 1.43
C TYR D 75 -29.38 -16.52 0.28
N GLY D 76 -30.46 -16.85 -0.42
CA GLY D 76 -30.33 -17.73 -1.58
C GLY D 76 -29.37 -17.17 -2.61
N ALA D 77 -29.54 -15.90 -2.97
CA ALA D 77 -28.63 -15.27 -3.91
C ALA D 77 -27.20 -15.28 -3.40
N VAL D 78 -27.02 -15.34 -2.07
CA VAL D 78 -25.67 -15.36 -1.51
C VAL D 78 -24.94 -16.63 -1.94
N ARG D 79 -25.51 -17.80 -1.63
CA ARG D 79 -24.88 -19.05 -2.04
C ARG D 79 -24.82 -19.16 -3.56
N GLU D 80 -25.77 -18.54 -4.26
CA GLU D 80 -25.82 -18.66 -5.71
C GLU D 80 -24.63 -17.96 -6.37
N LEU D 81 -24.27 -16.77 -5.88
CA LEU D 81 -23.22 -15.99 -6.51
C LEU D 81 -21.82 -16.47 -6.11
N LEU D 82 -21.67 -16.99 -4.89
CA LEU D 82 -20.35 -17.31 -4.37
C LEU D 82 -19.97 -18.77 -4.59
N ASP D 83 -20.94 -19.68 -4.64
CA ASP D 83 -20.63 -21.10 -4.79
C ASP D 83 -19.80 -21.38 -6.04
N PRO D 84 -20.14 -20.84 -7.22
CA PRO D 84 -19.25 -21.06 -8.38
C PRO D 84 -17.84 -20.59 -8.15
N LEU D 85 -17.64 -19.60 -7.27
CA LEU D 85 -16.33 -19.06 -6.94
C LEU D 85 -15.82 -19.57 -5.61
N ALA D 86 -16.35 -20.70 -5.12
CA ALA D 86 -15.98 -21.19 -3.79
C ALA D 86 -14.47 -21.30 -3.63
N GLY D 87 -13.77 -21.73 -4.67
CA GLY D 87 -12.33 -21.86 -4.58
C GLY D 87 -11.64 -20.53 -4.36
N SER D 88 -12.12 -19.47 -5.02
CA SER D 88 -11.52 -18.15 -4.91
C SER D 88 -11.71 -17.52 -3.54
N LEU D 89 -12.44 -18.16 -2.63
CA LEU D 89 -12.73 -17.60 -1.32
C LEU D 89 -11.67 -17.96 -0.27
N LYS D 90 -10.68 -18.76 -0.64
CA LYS D 90 -9.59 -19.07 0.29
C LYS D 90 -8.90 -17.79 0.73
N GLY D 91 -8.59 -17.70 2.02
CA GLY D 91 -7.94 -16.51 2.54
C GLY D 91 -8.76 -15.25 2.39
N LYS D 92 -10.08 -15.37 2.38
CA LYS D 92 -10.98 -14.23 2.27
C LYS D 92 -11.96 -14.23 3.43
N VAL D 93 -12.46 -13.05 3.76
CA VAL D 93 -13.47 -12.87 4.80
C VAL D 93 -14.74 -12.37 4.13
N VAL D 94 -15.85 -13.04 4.40
CA VAL D 94 -17.14 -12.73 3.80
C VAL D 94 -18.06 -12.19 4.89
N VAL D 95 -18.47 -10.94 4.76
CA VAL D 95 -19.41 -10.31 5.67
C VAL D 95 -20.72 -10.12 4.91
N ASN D 96 -21.77 -10.83 5.34
CA ASN D 96 -23.06 -10.82 4.67
C ASN D 96 -24.05 -9.98 5.48
N TYR D 97 -24.52 -8.89 4.87
CA TYR D 97 -25.54 -8.05 5.47
C TYR D 97 -26.92 -8.31 4.90
N THR D 98 -27.07 -9.34 4.07
CA THR D 98 -28.35 -9.59 3.41
C THR D 98 -29.43 -9.90 4.45
N THR D 99 -30.62 -9.36 4.21
CA THR D 99 -31.74 -9.60 5.11
C THR D 99 -32.30 -11.00 4.91
N GLY D 100 -32.57 -11.68 6.01
CA GLY D 100 -33.12 -13.02 5.93
C GLY D 100 -33.44 -13.54 7.32
N THR D 101 -33.99 -14.75 7.35
CA THR D 101 -34.38 -15.37 8.59
C THR D 101 -33.18 -16.04 9.27
N SER D 102 -33.34 -16.32 10.57
CA SER D 102 -32.28 -16.99 11.31
C SER D 102 -32.00 -18.37 10.74
N THR D 103 -33.01 -19.03 10.19
CA THR D 103 -32.79 -20.31 9.54
C THR D 103 -31.95 -20.14 8.27
N GLN D 104 -32.28 -19.14 7.46
CA GLN D 104 -31.52 -18.89 6.24
C GLN D 104 -30.08 -18.53 6.57
N ALA D 105 -29.88 -17.75 7.64
CA ALA D 105 -28.51 -17.40 8.05
C ALA D 105 -27.73 -18.61 8.51
N ARG D 106 -28.41 -19.56 9.17
CA ARG D 106 -27.71 -20.72 9.69
C ARG D 106 -27.29 -21.68 8.57
N GLU D 107 -28.16 -21.88 7.57
CA GLU D 107 -27.78 -22.72 6.44
C GLU D 107 -26.73 -22.06 5.57
N THR D 108 -26.70 -20.71 5.55
CA THR D 108 -25.67 -20.01 4.79
C THR D 108 -24.32 -20.11 5.48
N ALA D 109 -24.30 -20.05 6.81
CA ALA D 109 -23.06 -20.26 7.54
C ALA D 109 -22.59 -21.71 7.40
N GLU D 110 -23.53 -22.66 7.30
CA GLU D 110 -23.16 -24.05 7.06
C GLU D 110 -22.48 -24.20 5.71
N TRP D 111 -23.00 -23.52 4.69
CA TRP D 111 -22.40 -23.58 3.36
C TRP D 111 -20.97 -23.03 3.38
N ALA D 112 -20.78 -21.87 3.99
CA ALA D 112 -19.45 -21.26 4.03
C ALA D 112 -18.44 -22.15 4.76
N ALA D 113 -18.92 -22.98 5.69
CA ALA D 113 -18.01 -23.90 6.37
C ALA D 113 -17.55 -25.01 5.44
N GLY D 114 -18.46 -25.53 4.61
CA GLY D 114 -18.07 -26.55 3.66
C GLY D 114 -17.11 -26.06 2.61
N VAL D 115 -17.25 -24.79 2.19
CA VAL D 115 -16.33 -24.20 1.23
C VAL D 115 -15.04 -23.70 1.88
N GLU D 116 -14.93 -23.81 3.21
CA GLU D 116 -13.72 -23.43 3.92
C GLU D 116 -13.35 -21.98 3.68
N THR D 117 -14.28 -21.09 4.03
CA THR D 117 -14.06 -19.65 3.97
C THR D 117 -14.60 -19.01 5.23
N THR D 118 -13.97 -17.92 5.65
CA THR D 118 -14.41 -17.19 6.83
C THR D 118 -15.67 -16.40 6.51
N TYR D 119 -16.70 -16.54 7.36
CA TYR D 119 -18.01 -15.98 7.09
C TYR D 119 -18.52 -15.26 8.34
N LEU D 120 -18.87 -13.99 8.19
CA LEU D 120 -19.50 -13.20 9.23
C LEU D 120 -20.90 -12.80 8.76
N ASP D 121 -21.89 -12.97 9.63
CA ASP D 121 -23.26 -12.53 9.36
C ASP D 121 -23.49 -11.21 10.06
N GLY D 122 -23.63 -10.14 9.29
CA GLY D 122 -23.81 -8.81 9.83
C GLY D 122 -25.27 -8.39 9.84
N ALA D 123 -25.64 -7.61 10.85
CA ALA D 123 -27.01 -7.16 11.05
C ALA D 123 -27.01 -5.64 11.18
N ILE D 124 -27.27 -4.94 10.09
CA ILE D 124 -27.49 -3.50 10.14
C ILE D 124 -28.92 -3.24 10.59
N MET D 125 -29.08 -2.45 11.65
CA MET D 125 -30.39 -2.12 12.18
C MET D 125 -30.64 -0.64 11.91
N GLY D 126 -31.56 -0.36 11.00
CA GLY D 126 -31.89 0.99 10.63
C GLY D 126 -31.73 1.23 9.14
N PRO D 127 -32.14 2.41 8.68
CA PRO D 127 -32.01 2.74 7.26
C PRO D 127 -30.56 2.99 6.89
N PRO D 128 -30.24 2.94 5.61
CA PRO D 128 -28.86 3.22 5.16
C PRO D 128 -28.39 4.58 5.64
N PRO D 129 -29.25 5.63 5.60
CA PRO D 129 -28.80 6.96 6.01
C PRO D 129 -28.06 7.00 7.34
N TRP D 130 -28.24 5.97 8.17
CA TRP D 130 -27.59 5.94 9.48
C TRP D 130 -26.17 5.39 9.43
N LEU D 131 -25.80 4.68 8.36
CA LEU D 131 -24.45 4.14 8.26
C LEU D 131 -23.42 5.26 8.37
N ALA D 132 -22.33 4.97 9.08
CA ALA D 132 -21.23 5.91 9.25
C ALA D 132 -21.65 7.14 10.06
N THR D 133 -22.63 6.97 10.95
CA THR D 133 -23.05 8.03 11.86
C THR D 133 -23.29 7.42 13.23
N ASP D 134 -23.39 8.29 14.23
CA ASP D 134 -23.69 7.81 15.59
C ASP D 134 -24.97 6.99 15.63
N ARG D 135 -25.86 7.16 14.66
CA ARG D 135 -27.08 6.37 14.56
C ARG D 135 -26.83 4.97 14.03
N ALA D 136 -25.57 4.58 13.83
CA ALA D 136 -25.24 3.29 13.25
C ALA D 136 -25.13 2.23 14.33
N ILE D 137 -25.86 1.13 14.14
CA ILE D 137 -25.78 -0.04 15.00
C ILE D 137 -25.68 -1.26 14.12
N LEU D 138 -24.57 -2.00 14.24
CA LEU D 138 -24.31 -3.17 13.42
C LEU D 138 -23.91 -4.33 14.33
N LEU D 139 -24.57 -5.46 14.16
CA LEU D 139 -24.32 -6.65 14.97
C LEU D 139 -23.75 -7.76 14.10
N TYR D 140 -22.80 -8.51 14.66
CA TYR D 140 -22.05 -9.50 13.92
C TYR D 140 -22.08 -10.84 14.65
N SER D 141 -22.10 -11.92 13.87
CA SER D 141 -22.09 -13.27 14.40
C SER D 141 -21.15 -14.13 13.59
N GLY D 142 -20.45 -15.03 14.26
CA GLY D 142 -19.49 -15.89 13.61
C GLY D 142 -18.13 -15.81 14.26
N PRO D 143 -17.08 -16.22 13.53
CA PRO D 143 -15.73 -16.21 14.10
C PRO D 143 -15.36 -14.89 14.72
N LYS D 144 -15.11 -14.88 16.03
CA LYS D 144 -14.71 -13.65 16.71
C LYS D 144 -13.38 -13.13 16.17
N ALA D 145 -12.47 -14.04 15.83
CA ALA D 145 -11.16 -13.63 15.33
C ALA D 145 -11.28 -12.86 14.02
N ALA D 146 -12.09 -13.37 13.09
CA ALA D 146 -12.28 -12.66 11.83
C ALA D 146 -12.86 -11.27 12.07
N PHE D 147 -13.80 -11.15 13.02
CA PHE D 147 -14.37 -9.85 13.34
C PHE D 147 -13.31 -8.90 13.86
N GLU D 148 -12.49 -9.37 14.80
CA GLU D 148 -11.48 -8.50 15.40
C GLU D 148 -10.38 -8.16 14.40
N GLU D 149 -10.15 -9.01 13.40
CA GLU D 149 -9.12 -8.73 12.42
C GLU D 149 -9.56 -7.65 11.44
N HIS D 150 -10.87 -7.48 11.23
CA HIS D 150 -11.40 -6.49 10.31
C HIS D 150 -12.25 -5.44 11.03
N GLU D 151 -12.14 -5.34 12.35
CA GLU D 151 -12.96 -4.40 13.10
C GLU D 151 -12.71 -2.97 12.65
N ALA D 152 -11.44 -2.61 12.41
CA ALA D 152 -11.13 -1.26 11.98
C ALA D 152 -11.83 -0.93 10.67
N THR D 153 -11.84 -1.87 9.72
CA THR D 153 -12.54 -1.65 8.47
C THR D 153 -14.05 -1.59 8.68
N LEU D 154 -14.59 -2.58 9.38
CA LEU D 154 -16.03 -2.61 9.63
C LEU D 154 -16.49 -1.38 10.42
N ARG D 155 -15.62 -0.83 11.26
CA ARG D 155 -16.00 0.34 12.06
C ARG D 155 -16.24 1.57 11.21
N ALA D 156 -15.81 1.57 9.95
CA ALA D 156 -16.11 2.69 9.07
C ALA D 156 -17.60 2.85 8.82
N LEU D 157 -18.38 1.78 9.06
CA LEU D 157 -19.84 1.86 8.94
C LEU D 157 -20.49 2.36 10.23
N GLY D 158 -19.73 2.49 11.31
CA GLY D 158 -20.26 2.93 12.59
C GLY D 158 -19.31 2.62 13.72
N ALA D 159 -18.57 3.64 14.17
CA ALA D 159 -17.57 3.42 15.23
C ALA D 159 -18.24 2.97 16.52
N ALA D 160 -19.30 3.68 16.94
CA ALA D 160 -19.93 3.43 18.22
C ALA D 160 -21.02 2.36 18.17
N GLY D 161 -21.35 1.85 16.98
CA GLY D 161 -22.42 0.87 16.87
C GLY D 161 -21.96 -0.49 16.39
N THR D 162 -20.66 -0.63 16.15
CA THR D 162 -20.11 -1.90 15.67
C THR D 162 -19.87 -2.81 16.86
N THR D 163 -20.70 -3.84 17.02
CA THR D 163 -20.69 -4.69 18.19
C THR D 163 -20.70 -6.16 17.78
N TYR D 164 -19.73 -6.92 18.27
CA TYR D 164 -19.71 -8.36 18.06
C TYR D 164 -20.72 -9.02 18.98
N LEU D 165 -21.55 -9.90 18.41
CA LEU D 165 -22.64 -10.51 19.16
C LEU D 165 -22.26 -11.90 19.67
N ASP D 166 -22.45 -12.91 18.83
CA ASP D 166 -22.26 -14.30 19.22
C ASP D 166 -21.55 -15.05 18.11
N THR D 167 -21.21 -16.31 18.39
CA THR D 167 -20.66 -17.19 17.37
C THR D 167 -21.74 -17.92 16.58
N ASP D 168 -23.00 -17.78 16.98
CA ASP D 168 -24.12 -18.35 16.24
C ASP D 168 -24.57 -17.36 15.18
N HIS D 169 -24.30 -17.67 13.92
CA HIS D 169 -24.69 -16.77 12.84
C HIS D 169 -26.19 -16.50 12.84
N GLY D 170 -26.99 -17.47 13.28
CA GLY D 170 -28.43 -17.26 13.30
C GLY D 170 -28.87 -16.12 14.18
N LEU D 171 -28.08 -15.82 15.23
CA LEU D 171 -28.49 -14.79 16.18
C LEU D 171 -28.60 -13.43 15.53
N SER D 172 -27.64 -13.08 14.68
CA SER D 172 -27.67 -11.76 14.03
C SER D 172 -28.98 -11.56 13.27
N ALA D 173 -29.38 -12.58 12.50
CA ALA D 173 -30.62 -12.45 11.72
C ALA D 173 -31.84 -12.37 12.63
N LEU D 174 -31.87 -13.19 13.69
CA LEU D 174 -33.01 -13.15 14.61
C LEU D 174 -33.19 -11.76 15.22
N TYR D 175 -32.11 -11.22 15.80
CA TYR D 175 -32.17 -9.85 16.29
C TYR D 175 -32.67 -8.90 15.21
N ASP D 176 -32.19 -9.07 13.98
CA ASP D 176 -32.62 -8.22 12.88
C ASP D 176 -34.12 -8.30 12.68
N MET D 177 -34.67 -9.51 12.68
CA MET D 177 -36.12 -9.66 12.50
C MET D 177 -36.88 -9.06 13.68
N SER D 178 -36.37 -9.24 14.90
CA SER D 178 -37.09 -8.77 16.08
C SER D 178 -37.21 -7.26 16.10
N LEU D 179 -36.11 -6.55 15.81
CA LEU D 179 -36.17 -5.09 15.77
C LEU D 179 -37.05 -4.59 14.62
N LEU D 180 -37.05 -5.30 13.50
CA LEU D 180 -37.86 -4.87 12.36
C LEU D 180 -39.33 -4.78 12.73
N GLY D 181 -39.82 -5.72 13.54
CA GLY D 181 -41.20 -5.65 13.99
C GLY D 181 -41.48 -4.38 14.77
N ILE D 182 -40.48 -3.85 15.47
CA ILE D 182 -40.66 -2.63 16.23
C ILE D 182 -40.71 -1.42 15.29
N MET D 183 -39.81 -1.37 14.31
CA MET D 183 -39.76 -0.23 13.41
C MET D 183 -41.09 -0.03 12.70
N TRP D 184 -41.65 -1.11 12.15
CA TRP D 184 -42.93 -1.01 11.47
C TRP D 184 -44.04 -0.69 12.46
N GLY D 185 -44.02 -1.30 13.64
CA GLY D 185 -45.03 -1.00 14.64
C GLY D 185 -45.05 0.48 15.01
N VAL D 186 -43.87 1.09 15.13
CA VAL D 186 -43.81 2.52 15.42
C VAL D 186 -44.26 3.33 14.21
N LEU D 187 -43.73 3.01 13.03
CA LEU D 187 -44.09 3.77 11.84
C LEU D 187 -45.58 3.70 11.54
N ASN D 188 -46.17 2.50 11.66
CA ASN D 188 -47.60 2.38 11.42
C ASN D 188 -48.41 3.15 12.45
N GLY D 189 -47.98 3.11 13.71
CA GLY D 189 -48.62 3.95 14.72
C GLY D 189 -48.60 5.41 14.33
N PHE D 190 -47.44 5.91 13.92
CA PHE D 190 -47.33 7.31 13.51
C PHE D 190 -48.25 7.61 12.34
N LEU D 191 -48.15 6.80 11.27
CA LEU D 191 -49.01 7.01 10.10
C LEU D 191 -50.48 7.01 10.50
N GLN D 192 -50.89 6.06 11.35
CA GLN D 192 -52.25 6.06 11.86
C GLN D 192 -52.56 7.37 12.56
N GLY D 193 -51.62 7.90 13.35
CA GLY D 193 -51.83 9.17 14.00
C GLY D 193 -51.93 10.32 13.01
N ALA D 194 -50.97 10.39 12.09
CA ALA D 194 -51.00 11.46 11.09
C ALA D 194 -52.31 11.47 10.31
N ALA D 195 -52.86 10.28 10.03
CA ALA D 195 -54.14 10.22 9.33
C ALA D 195 -55.26 10.76 10.19
N LEU D 196 -55.31 10.35 11.47
CA LEU D 196 -56.37 10.81 12.36
C LEU D 196 -56.32 12.33 12.53
N LEU D 197 -55.12 12.89 12.70
CA LEU D 197 -54.99 14.33 12.90
C LEU D 197 -55.09 15.12 11.60
N GLY D 198 -54.97 14.45 10.45
CA GLY D 198 -55.14 15.14 9.19
C GLY D 198 -56.57 15.57 8.95
N THR D 199 -57.53 14.86 9.54
CA THR D 199 -58.93 15.25 9.41
C THR D 199 -59.16 16.65 9.97
N ALA D 200 -58.48 16.99 11.05
CA ALA D 200 -58.51 18.33 11.61
C ALA D 200 -57.50 19.27 10.92
N LYS D 201 -56.95 18.86 9.79
CA LYS D 201 -56.00 19.68 9.03
C LYS D 201 -54.76 19.98 9.86
N VAL D 202 -54.29 18.98 10.60
CA VAL D 202 -53.09 19.10 11.42
C VAL D 202 -51.94 18.48 10.64
N LYS D 203 -50.98 19.32 10.26
CA LYS D 203 -49.81 18.84 9.52
C LYS D 203 -49.13 17.71 10.30
N ALA D 204 -48.54 16.78 9.55
CA ALA D 204 -47.76 15.72 10.18
C ALA D 204 -46.56 16.29 10.91
N THR D 205 -45.94 17.33 10.36
CA THR D 205 -44.81 17.97 11.03
C THR D 205 -45.22 18.64 12.33
N THR D 206 -46.51 18.98 12.48
CA THR D 206 -47.00 19.48 13.76
C THR D 206 -47.16 18.36 14.78
N PHE D 207 -47.42 17.14 14.31
CA PHE D 207 -47.62 15.98 15.16
C PHE D 207 -46.31 15.29 15.53
N ALA D 208 -45.35 15.24 14.60
CA ALA D 208 -44.10 14.53 14.81
C ALA D 208 -43.41 14.88 16.12
N PRO D 209 -43.25 16.15 16.50
CA PRO D 209 -42.53 16.44 17.75
C PRO D 209 -43.20 15.81 18.97
N LEU D 210 -44.51 15.98 19.12
CA LEU D 210 -45.21 15.33 20.22
C LEU D 210 -45.20 13.82 20.04
N ALA D 211 -45.30 13.34 18.80
CA ALA D 211 -45.28 11.91 18.55
C ALA D 211 -43.94 11.30 18.97
N ASN D 212 -42.83 11.97 18.62
CA ASN D 212 -41.53 11.46 19.03
C ASN D 212 -41.32 11.58 20.54
N THR D 213 -42.00 12.52 21.19
CA THR D 213 -41.89 12.64 22.64
C THR D 213 -42.47 11.42 23.35
N LEU D 214 -43.61 10.91 22.86
CA LEU D 214 -44.20 9.72 23.46
C LEU D 214 -43.41 8.47 23.12
N ILE D 215 -42.82 8.41 21.93
CA ILE D 215 -42.01 7.25 21.55
C ILE D 215 -40.84 7.10 22.52
N ASN D 216 -40.16 8.20 22.83
CA ASN D 216 -39.04 8.14 23.77
C ASN D 216 -39.52 7.74 25.16
N LEU D 217 -40.62 8.33 25.62
CA LEU D 217 -41.11 8.03 26.97
C LEU D 217 -41.56 6.58 27.09
N ILE D 218 -42.26 6.06 26.08
CA ILE D 218 -42.81 4.71 26.15
C ILE D 218 -41.72 3.67 26.34
N THR D 219 -40.45 4.03 26.11
CA THR D 219 -39.36 3.10 26.40
C THR D 219 -39.32 2.74 27.88
N GLU D 220 -39.75 3.67 28.75
CA GLU D 220 -39.83 3.35 30.17
C GLU D 220 -40.79 2.21 30.43
N ARG D 221 -41.86 2.11 29.65
CA ARG D 221 -42.78 0.98 29.78
C ARG D 221 -42.14 -0.30 29.25
N VAL D 222 -41.36 -0.19 28.16
CA VAL D 222 -40.67 -1.35 27.63
C VAL D 222 -39.78 -1.99 28.69
N THR D 223 -39.07 -1.16 29.46
CA THR D 223 -38.21 -1.68 30.51
C THR D 223 -39.01 -2.16 31.71
N ALA D 224 -40.18 -1.58 31.95
CA ALA D 224 -41.02 -2.02 33.06
C ALA D 224 -41.61 -3.41 32.78
N TYR D 225 -42.05 -3.64 31.55
CA TYR D 225 -42.65 -4.92 31.20
C TYR D 225 -41.63 -6.00 30.90
N ALA D 226 -40.37 -5.62 30.64
CA ALA D 226 -39.34 -6.60 30.33
C ALA D 226 -39.20 -7.65 31.43
N PRO D 227 -39.10 -7.30 32.71
CA PRO D 227 -39.00 -8.35 33.75
C PRO D 227 -40.28 -9.15 33.90
N GLN D 228 -41.45 -8.50 33.79
CA GLN D 228 -42.71 -9.23 33.89
C GLN D 228 -42.77 -10.36 32.86
N ILE D 229 -42.25 -10.11 31.66
CA ILE D 229 -42.28 -11.13 30.61
C ILE D 229 -41.43 -12.33 31.02
N ASP D 230 -40.26 -12.08 31.62
CA ASP D 230 -39.37 -13.17 31.97
C ASP D 230 -39.88 -13.97 33.16
N GLU D 231 -40.55 -13.32 34.11
CA GLU D 231 -40.94 -13.97 35.35
C GLU D 231 -42.31 -14.64 35.27
N GLY D 232 -43.07 -14.41 34.21
CA GLY D 232 -44.32 -15.12 34.03
C GLY D 232 -45.57 -14.38 34.42
N LYS D 233 -45.51 -13.60 35.50
CA LYS D 233 -46.69 -12.88 35.97
C LYS D 233 -46.71 -11.47 35.38
N TYR D 234 -47.92 -10.92 35.25
CA TYR D 234 -48.15 -9.64 34.58
C TYR D 234 -49.08 -8.80 35.45
N PRO D 235 -48.55 -8.11 36.46
CA PRO D 235 -49.39 -7.26 37.30
C PRO D 235 -49.91 -6.07 36.53
N ALA D 236 -51.00 -5.50 37.05
CA ALA D 236 -51.59 -4.31 36.45
C ALA D 236 -51.38 -3.10 37.34
N GLY D 237 -50.11 -2.73 37.56
CA GLY D 237 -49.83 -1.55 38.37
C GLY D 237 -50.26 -0.27 37.69
N ASP D 238 -50.10 -0.19 36.37
CA ASP D 238 -50.44 1.01 35.61
C ASP D 238 -51.87 0.94 35.05
N ALA D 239 -52.16 -0.10 34.28
CA ALA D 239 -53.48 -0.27 33.69
C ALA D 239 -53.75 -1.74 33.45
N THR D 240 -55.03 -2.07 33.33
CA THR D 240 -55.47 -3.43 33.08
C THR D 240 -55.77 -3.64 31.60
N MET D 241 -55.76 -4.91 31.18
CA MET D 241 -56.16 -5.24 29.83
C MET D 241 -57.52 -4.63 29.49
N THR D 242 -58.40 -4.54 30.49
CA THR D 242 -59.72 -3.94 30.27
C THR D 242 -59.58 -2.50 29.78
N VAL D 243 -58.80 -1.69 30.50
CA VAL D 243 -58.64 -0.29 30.12
C VAL D 243 -57.96 -0.18 28.75
N HIS D 244 -56.94 -1.01 28.51
CA HIS D 244 -56.33 -1.06 27.19
C HIS D 244 -57.37 -1.40 26.13
N GLN D 245 -58.16 -2.46 26.39
CA GLN D 245 -59.23 -2.84 25.47
C GLN D 245 -60.21 -1.70 25.27
N ASP D 246 -60.66 -1.09 26.36
CA ASP D 246 -61.61 0.02 26.25
C ASP D 246 -61.03 1.15 25.40
N ALA D 247 -59.76 1.49 25.61
CA ALA D 247 -59.13 2.54 24.83
C ALA D 247 -58.99 2.12 23.37
N MET D 248 -58.67 0.84 23.12
CA MET D 248 -58.56 0.35 21.75
C MET D 248 -59.90 0.48 21.02
N GLU D 249 -61.00 0.24 21.73
CA GLU D 249 -62.31 0.41 21.12
C GLU D 249 -62.51 1.85 20.63
N HIS D 250 -61.95 2.81 21.34
CA HIS D 250 -62.22 4.22 21.03
C HIS D 250 -61.48 4.68 19.79
N LEU D 251 -60.22 4.24 19.61
CA LEU D 251 -59.48 4.61 18.41
C LEU D 251 -60.10 3.98 17.16
N ALA D 252 -60.61 2.76 17.28
CA ALA D 252 -61.33 2.15 16.16
C ALA D 252 -62.57 2.96 15.84
N GLU D 253 -63.39 3.27 16.85
CA GLU D 253 -64.57 4.09 16.63
C GLU D 253 -64.20 5.45 16.06
N GLU D 254 -63.10 6.03 16.54
CA GLU D 254 -62.69 7.34 16.06
C GLU D 254 -62.19 7.27 14.61
N SER D 255 -61.47 6.19 14.26
CA SER D 255 -61.00 6.04 12.89
C SER D 255 -62.16 5.80 11.93
N GLU D 256 -63.12 4.97 12.33
CA GLU D 256 -64.28 4.75 11.48
C GLU D 256 -65.08 6.02 11.28
N THR D 257 -65.28 6.78 12.36
CA THR D 257 -66.09 8.00 12.26
C THR D 257 -65.45 9.02 11.32
N LEU D 258 -64.13 9.22 11.43
CA LEU D 258 -63.45 10.24 10.66
C LEU D 258 -63.15 9.83 9.23
N GLY D 259 -63.52 8.62 8.83
CA GLY D 259 -63.36 8.22 7.44
C GLY D 259 -61.98 7.74 7.05
N ILE D 260 -61.15 7.34 8.01
CA ILE D 260 -59.84 6.78 7.72
C ILE D 260 -59.88 5.29 8.01
N SER D 261 -58.77 4.60 7.81
CA SER D 261 -58.72 3.17 8.05
C SER D 261 -58.85 2.87 9.55
N ALA D 262 -59.56 1.79 9.87
CA ALA D 262 -59.68 1.30 11.24
C ALA D 262 -59.13 -0.11 11.36
N GLU D 263 -58.34 -0.56 10.38
CA GLU D 263 -57.83 -1.92 10.38
C GLU D 263 -56.92 -2.17 11.57
N MET D 264 -55.79 -1.46 11.63
CA MET D 264 -54.84 -1.66 12.71
C MET D 264 -55.47 -1.48 14.08
N PRO D 265 -56.24 -0.42 14.36
CA PRO D 265 -56.96 -0.37 15.64
C PRO D 265 -57.83 -1.59 15.89
N ARG D 266 -58.53 -2.07 14.87
CA ARG D 266 -59.33 -3.28 15.04
C ARG D 266 -58.46 -4.52 15.20
N PHE D 267 -57.25 -4.51 14.63
CA PHE D 267 -56.33 -5.62 14.82
C PHE D 267 -55.78 -5.63 16.25
N PHE D 268 -55.36 -4.47 16.74
CA PHE D 268 -54.86 -4.38 18.12
C PHE D 268 -55.92 -4.87 19.11
N LYS D 269 -57.18 -4.52 18.87
CA LYS D 269 -58.23 -4.90 19.82
C LYS D 269 -58.48 -6.40 19.81
N ALA D 270 -58.38 -7.04 18.64
CA ALA D 270 -58.54 -8.49 18.57
C ALA D 270 -57.52 -9.19 19.45
N LEU D 271 -56.25 -8.77 19.38
CA LEU D 271 -55.24 -9.33 20.26
C LEU D 271 -55.59 -9.09 21.72
N ALA D 272 -56.02 -7.87 22.05
CA ALA D 272 -56.45 -7.59 23.42
C ALA D 272 -57.69 -8.39 23.77
N ASP D 273 -58.59 -8.59 22.80
CA ASP D 273 -59.76 -9.43 23.02
C ASP D 273 -59.36 -10.82 23.48
N ARG D 274 -58.35 -11.41 22.83
CA ARG D 274 -57.91 -12.75 23.20
C ARG D 274 -57.29 -12.75 24.60
N ALA D 275 -56.47 -11.74 24.91
CA ALA D 275 -55.89 -11.65 26.23
C ALA D 275 -56.97 -11.66 27.31
N VAL D 276 -58.03 -10.88 27.11
CA VAL D 276 -59.16 -10.91 28.03
C VAL D 276 -59.75 -12.31 28.10
N ALA D 277 -60.02 -12.90 26.93
CA ALA D 277 -60.58 -14.25 26.90
C ALA D 277 -59.67 -15.24 27.62
N ASP D 278 -58.35 -15.07 27.48
CA ASP D 278 -57.40 -15.98 28.12
C ASP D 278 -57.33 -15.74 29.62
N GLY D 279 -58.35 -15.09 30.18
CA GLY D 279 -58.38 -14.79 31.60
C GLY D 279 -57.26 -13.86 32.01
N HIS D 280 -57.19 -12.69 31.34
CA HIS D 280 -56.12 -11.73 31.63
C HIS D 280 -56.64 -10.30 31.63
N ALA D 281 -57.96 -10.09 31.70
CA ALA D 281 -58.50 -8.74 31.71
C ALA D 281 -57.96 -7.91 32.86
N ASP D 282 -57.45 -8.55 33.92
CA ASP D 282 -56.97 -7.85 35.10
C ASP D 282 -55.45 -7.76 35.15
N SER D 283 -54.76 -8.14 34.09
CA SER D 283 -53.31 -8.08 34.03
C SER D 283 -52.86 -6.81 33.31
N GLY D 284 -51.56 -6.54 33.40
CA GLY D 284 -50.96 -5.47 32.63
C GLY D 284 -50.80 -5.89 31.18
N TYR D 285 -50.35 -4.93 30.37
CA TYR D 285 -50.15 -5.22 28.95
C TYR D 285 -49.10 -6.30 28.72
N ALA D 286 -48.19 -6.51 29.67
CA ALA D 286 -47.17 -7.53 29.52
C ALA D 286 -47.76 -8.91 29.30
N ALA D 287 -48.99 -9.14 29.75
CA ALA D 287 -49.63 -10.43 29.49
C ALA D 287 -49.85 -10.67 28.00
N MET D 288 -49.84 -9.62 27.19
CA MET D 288 -50.04 -9.78 25.75
C MET D 288 -49.02 -10.74 25.15
N ILE D 289 -47.85 -10.89 25.77
CA ILE D 289 -46.81 -11.76 25.23
C ILE D 289 -47.35 -13.15 24.96
N GLU D 290 -48.36 -13.59 25.73
CA GLU D 290 -48.96 -14.89 25.49
C GLU D 290 -49.55 -14.98 24.09
N GLN D 291 -50.16 -13.89 23.60
CA GLN D 291 -50.75 -13.91 22.27
C GLN D 291 -49.70 -13.95 21.18
N PHE D 292 -48.53 -13.34 21.40
CA PHE D 292 -47.51 -13.26 20.37
C PHE D 292 -46.67 -14.53 20.27
N ARG D 293 -46.70 -15.39 21.29
CA ARG D 293 -46.06 -16.69 21.20
C ARG D 293 -46.97 -17.75 20.61
N LYS D 294 -48.26 -17.47 20.48
CA LYS D 294 -49.21 -18.45 19.96
C LYS D 294 -49.16 -18.47 18.44
N PRO D 295 -48.94 -19.64 17.81
CA PRO D 295 -48.94 -19.76 16.35
C PRO D 295 -50.31 -19.46 15.76
N ALA E 7 6.50 11.86 -1.52
CA ALA E 7 6.44 12.16 -0.09
C ALA E 7 5.17 11.60 0.53
N GLN E 8 5.28 11.11 1.76
CA GLN E 8 4.18 10.50 2.50
C GLN E 8 3.75 9.15 1.94
N ALA E 9 4.38 8.67 0.86
CA ALA E 9 4.01 7.42 0.20
C ALA E 9 5.22 6.49 0.19
N PRO E 10 5.46 5.77 1.29
CA PRO E 10 6.62 4.89 1.33
C PRO E 10 6.52 3.78 0.29
N VAL E 11 7.66 3.47 -0.33
CA VAL E 11 7.76 2.38 -1.30
C VAL E 11 9.06 1.63 -1.04
N SER E 12 9.00 0.30 -1.14
CA SER E 12 10.15 -0.55 -0.95
C SER E 12 10.45 -1.28 -2.26
N VAL E 13 11.74 -1.37 -2.59
CA VAL E 13 12.19 -1.96 -3.84
C VAL E 13 13.06 -3.17 -3.50
N ILE E 14 12.62 -4.35 -3.92
CA ILE E 14 13.31 -5.61 -3.66
C ILE E 14 13.86 -6.11 -4.98
N GLY E 15 15.18 -6.14 -5.10
CA GLY E 15 15.83 -6.52 -6.34
C GLY E 15 16.49 -5.34 -7.01
N LEU E 16 17.80 -5.20 -6.83
CA LEU E 16 18.53 -4.06 -7.35
C LEU E 16 19.44 -4.44 -8.51
N GLY E 17 18.85 -4.95 -9.59
CA GLY E 17 19.56 -5.13 -10.83
C GLY E 17 19.59 -3.82 -11.61
N LEU E 18 19.87 -3.94 -12.90
CA LEU E 18 19.84 -2.76 -13.76
C LEU E 18 18.47 -2.08 -13.71
N MET E 19 17.41 -2.87 -13.72
CA MET E 19 16.06 -2.29 -13.68
C MET E 19 15.66 -1.91 -12.26
N GLY E 20 15.96 -2.75 -11.28
CA GLY E 20 15.63 -2.44 -9.91
C GLY E 20 16.23 -1.12 -9.45
N GLN E 21 17.46 -0.83 -9.88
CA GLN E 21 18.10 0.42 -9.50
C GLN E 21 17.42 1.61 -10.16
N ALA E 22 17.02 1.46 -11.42
CA ALA E 22 16.29 2.53 -12.09
C ALA E 22 14.96 2.80 -11.40
N LEU E 23 14.23 1.74 -11.04
CA LEU E 23 12.96 1.90 -10.34
C LEU E 23 13.17 2.64 -9.03
N ALA E 24 14.07 2.16 -8.18
CA ALA E 24 14.33 2.82 -6.90
C ALA E 24 14.75 4.27 -7.12
N ALA E 25 15.55 4.53 -8.16
CA ALA E 25 15.98 5.90 -8.43
C ALA E 25 14.80 6.81 -8.75
N ALA E 26 13.85 6.30 -9.55
CA ALA E 26 12.69 7.11 -9.91
C ALA E 26 11.82 7.42 -8.70
N PHE E 27 11.60 6.42 -7.84
CA PHE E 27 10.85 6.67 -6.62
C PHE E 27 11.57 7.65 -5.71
N LEU E 28 12.89 7.48 -5.57
CA LEU E 28 13.67 8.36 -4.71
C LEU E 28 13.63 9.80 -5.22
N LYS E 29 13.90 10.00 -6.51
CA LYS E 29 13.90 11.35 -7.06
C LYS E 29 12.52 11.99 -6.97
N ALA E 30 11.46 11.20 -7.07
CA ALA E 30 10.11 11.72 -6.98
C ALA E 30 9.72 12.12 -5.57
N GLY E 31 10.58 11.88 -4.58
CA GLY E 31 10.29 12.25 -3.21
C GLY E 31 9.76 11.16 -2.33
N HIS E 32 9.78 9.91 -2.78
CA HIS E 32 9.21 8.88 -1.92
C HIS E 32 10.26 8.35 -0.94
N PRO E 33 9.88 8.13 0.31
CA PRO E 33 10.77 7.42 1.24
C PRO E 33 11.01 6.01 0.75
N THR E 34 12.17 5.77 0.14
CA THR E 34 12.44 4.54 -0.59
C THR E 34 13.33 3.62 0.25
N THR E 35 12.81 2.44 0.58
CA THR E 35 13.58 1.39 1.22
C THR E 35 13.95 0.35 0.17
N VAL E 36 15.24 0.01 0.11
CA VAL E 36 15.73 -0.88 -0.94
C VAL E 36 16.40 -2.09 -0.29
N TRP E 37 16.31 -3.22 -0.97
CA TRP E 37 16.98 -4.45 -0.57
C TRP E 37 17.45 -5.20 -1.80
N ASN E 38 18.64 -5.79 -1.70
CA ASN E 38 19.17 -6.64 -2.75
C ASN E 38 19.98 -7.75 -2.11
N ARG E 39 19.87 -8.96 -2.68
CA ARG E 39 20.63 -10.10 -2.17
C ARG E 39 22.10 -9.76 -2.02
N ARG E 40 22.66 -9.06 -3.00
CA ARG E 40 24.03 -8.53 -2.91
C ARG E 40 23.94 -7.10 -2.39
N ALA E 41 24.23 -6.93 -1.09
CA ALA E 41 24.01 -5.64 -0.45
C ALA E 41 24.75 -4.51 -1.17
N ALA E 42 25.95 -4.79 -1.68
CA ALA E 42 26.76 -3.74 -2.27
C ALA E 42 26.01 -2.96 -3.34
N LYS E 43 25.11 -3.63 -4.07
CA LYS E 43 24.40 -2.96 -5.15
C LYS E 43 23.47 -1.86 -4.67
N ALA E 44 23.24 -1.75 -3.36
CA ALA E 44 22.40 -0.69 -2.81
C ALA E 44 23.23 0.48 -2.27
N ASP E 45 24.55 0.45 -2.43
CA ASP E 45 25.40 1.48 -1.84
C ASP E 45 25.08 2.86 -2.41
N GLN E 46 25.11 3.00 -3.74
CA GLN E 46 24.90 4.31 -4.34
C GLN E 46 23.50 4.84 -4.02
N LEU E 47 22.49 3.97 -4.06
CA LEU E 47 21.13 4.41 -3.77
C LEU E 47 21.01 4.88 -2.33
N VAL E 48 21.56 4.11 -1.38
CA VAL E 48 21.54 4.52 0.01
C VAL E 48 22.26 5.85 0.19
N SER E 49 23.37 6.04 -0.53
CA SER E 49 24.11 7.29 -0.44
C SER E 49 23.27 8.46 -0.94
N GLU E 50 22.47 8.25 -1.98
CA GLU E 50 21.64 9.30 -2.55
C GLU E 50 20.37 9.55 -1.76
N GLY E 51 20.21 8.91 -0.60
CA GLY E 51 19.07 9.17 0.28
C GLY E 51 18.14 7.99 0.50
N ALA E 52 18.40 6.82 -0.07
CA ALA E 52 17.50 5.69 0.08
C ALA E 52 17.82 4.93 1.36
N THR E 53 16.78 4.58 2.12
CA THR E 53 16.95 3.78 3.33
C THR E 53 17.33 2.36 2.96
N ARG E 54 18.48 1.90 3.45
CA ARG E 54 18.91 0.53 3.23
C ARG E 54 18.17 -0.40 4.18
N ALA E 55 17.76 -1.56 3.65
CA ALA E 55 17.10 -2.59 4.44
C ALA E 55 18.01 -3.81 4.50
N GLY E 56 18.19 -4.36 5.71
CA GLY E 56 19.05 -5.52 5.85
C GLY E 56 18.45 -6.78 5.27
N SER E 57 17.16 -6.99 5.50
CA SER E 57 16.49 -8.22 5.10
C SER E 57 15.23 -7.89 4.31
N VAL E 58 14.72 -8.92 3.62
CA VAL E 58 13.46 -8.79 2.88
C VAL E 58 12.36 -8.34 3.83
N ALA E 59 12.28 -8.99 5.00
CA ALA E 59 11.26 -8.62 5.99
C ALA E 59 11.33 -7.14 6.33
N ASP E 60 12.55 -6.60 6.45
CA ASP E 60 12.69 -5.17 6.67
C ASP E 60 12.08 -4.38 5.52
N ALA E 61 12.38 -4.78 4.28
CA ALA E 61 11.79 -4.10 3.13
C ALA E 61 10.27 -4.24 3.11
N ILE E 62 9.75 -5.37 3.58
CA ILE E 62 8.30 -5.57 3.62
C ILE E 62 7.67 -4.64 4.66
N ALA E 63 8.25 -4.59 5.85
CA ALA E 63 7.68 -3.78 6.92
C ALA E 63 7.85 -2.29 6.69
N ALA E 64 8.84 -1.89 5.90
CA ALA E 64 9.14 -0.47 5.74
C ALA E 64 8.03 0.28 5.01
N SER E 65 7.37 -0.36 4.06
CA SER E 65 6.48 0.36 3.16
C SER E 65 5.20 -0.43 2.92
N PRO E 66 4.08 0.27 2.66
CA PRO E 66 2.86 -0.43 2.25
C PRO E 66 2.84 -0.81 0.78
N LEU E 67 3.61 -0.12 -0.05
CA LEU E 67 3.78 -0.47 -1.45
C LEU E 67 5.13 -1.16 -1.63
N VAL E 68 5.11 -2.39 -2.14
CA VAL E 68 6.30 -3.22 -2.23
C VAL E 68 6.52 -3.57 -3.69
N VAL E 69 7.55 -2.97 -4.30
CA VAL E 69 7.89 -3.22 -5.70
C VAL E 69 8.92 -4.34 -5.76
N LEU E 70 8.74 -5.25 -6.72
CA LEU E 70 9.58 -6.43 -6.86
C LEU E 70 10.07 -6.53 -8.30
N CYS E 71 11.38 -6.67 -8.47
CA CYS E 71 11.99 -6.77 -9.79
C CYS E 71 13.23 -7.64 -9.67
N VAL E 72 13.09 -8.93 -9.95
CA VAL E 72 14.17 -9.89 -9.85
C VAL E 72 14.28 -10.65 -11.17
N SER E 73 15.24 -11.57 -11.24
CA SER E 73 15.61 -12.19 -12.50
C SER E 73 14.44 -12.93 -13.13
N ASP E 74 13.73 -13.74 -12.35
CA ASP E 74 12.66 -14.58 -12.88
C ASP E 74 11.64 -14.83 -11.78
N TYR E 75 10.57 -15.55 -12.13
CA TYR E 75 9.53 -15.85 -11.16
C TYR E 75 9.96 -16.93 -10.18
N GLY E 76 10.95 -17.75 -10.53
CA GLY E 76 11.53 -18.64 -9.54
C GLY E 76 12.07 -17.89 -8.34
N ALA E 77 12.83 -16.83 -8.59
CA ALA E 77 13.32 -15.99 -7.51
C ALA E 77 12.17 -15.24 -6.82
N VAL E 78 11.08 -14.98 -7.53
CA VAL E 78 9.93 -14.31 -6.93
C VAL E 78 9.36 -15.14 -5.79
N ARG E 79 9.02 -16.40 -6.06
CA ARG E 79 8.49 -17.25 -4.99
C ARG E 79 9.56 -17.55 -3.96
N GLU E 80 10.80 -17.74 -4.39
CA GLU E 80 11.90 -17.95 -3.44
C GLU E 80 11.95 -16.82 -2.40
N LEU E 81 11.64 -15.59 -2.82
CA LEU E 81 11.62 -14.46 -1.92
C LEU E 81 10.28 -14.30 -1.21
N LEU E 82 9.17 -14.57 -1.90
CA LEU E 82 7.85 -14.31 -1.36
C LEU E 82 7.32 -15.44 -0.48
N ASP E 83 7.75 -16.68 -0.73
CA ASP E 83 7.23 -17.83 0.01
C ASP E 83 7.35 -17.67 1.52
N PRO E 84 8.48 -17.21 2.08
CA PRO E 84 8.57 -17.06 3.54
C PRO E 84 7.84 -15.85 4.09
N LEU E 85 7.23 -15.02 3.25
CA LEU E 85 6.52 -13.83 3.68
C LEU E 85 5.00 -14.03 3.70
N ALA E 86 4.53 -15.28 3.60
CA ALA E 86 3.09 -15.52 3.47
C ALA E 86 2.30 -14.87 4.60
N GLY E 87 2.92 -14.61 5.74
CA GLY E 87 2.20 -14.08 6.88
C GLY E 87 2.31 -12.58 7.08
N SER E 88 3.35 -11.96 6.51
CA SER E 88 3.63 -10.55 6.75
C SER E 88 3.21 -9.65 5.58
N LEU E 89 2.35 -10.14 4.69
CA LEU E 89 1.97 -9.37 3.51
C LEU E 89 0.60 -8.71 3.63
N LYS E 90 -0.16 -8.99 4.69
CA LYS E 90 -1.46 -8.36 4.86
C LYS E 90 -1.30 -6.85 4.95
N GLY E 91 -2.21 -6.12 4.32
CA GLY E 91 -2.14 -4.68 4.28
C GLY E 91 -1.11 -4.11 3.34
N LYS E 92 -0.47 -4.94 2.52
CA LYS E 92 0.55 -4.49 1.59
C LYS E 92 0.11 -4.77 0.15
N VAL E 93 0.59 -3.93 -0.76
CA VAL E 93 0.41 -4.11 -2.19
C VAL E 93 1.76 -4.50 -2.79
N VAL E 94 1.77 -5.60 -3.54
CA VAL E 94 2.99 -6.12 -4.16
C VAL E 94 2.86 -5.92 -5.66
N VAL E 95 3.81 -5.20 -6.25
CA VAL E 95 3.86 -4.96 -7.68
C VAL E 95 5.08 -5.69 -8.23
N ASN E 96 4.83 -6.72 -9.03
CA ASN E 96 5.88 -7.58 -9.56
C ASN E 96 6.17 -7.18 -11.01
N TYR E 97 7.37 -6.64 -11.25
CA TYR E 97 7.80 -6.27 -12.58
C TYR E 97 8.68 -7.33 -13.23
N THR E 98 8.91 -8.46 -12.55
CA THR E 98 9.71 -9.53 -13.14
C THR E 98 9.08 -10.01 -14.44
N THR E 99 9.93 -10.38 -15.39
CA THR E 99 9.45 -10.93 -16.65
C THR E 99 9.15 -12.42 -16.49
N GLY E 100 8.04 -12.84 -17.07
CA GLY E 100 7.65 -14.23 -17.01
C GLY E 100 6.49 -14.50 -17.94
N THR E 101 6.00 -15.74 -17.87
CA THR E 101 4.88 -16.15 -18.72
C THR E 101 3.55 -15.74 -18.09
N SER E 102 2.52 -15.68 -18.93
CA SER E 102 1.17 -15.40 -18.44
C SER E 102 0.74 -16.44 -17.41
N THR E 103 1.27 -17.66 -17.51
CA THR E 103 0.95 -18.67 -16.51
C THR E 103 1.61 -18.35 -15.17
N GLN E 104 2.88 -17.94 -15.19
CA GLN E 104 3.57 -17.62 -13.94
C GLN E 104 2.89 -16.46 -13.22
N ALA E 105 2.47 -15.44 -13.96
CA ALA E 105 1.76 -14.33 -13.35
C ALA E 105 0.48 -14.81 -12.67
N ARG E 106 -0.30 -15.63 -13.37
CA ARG E 106 -1.55 -16.13 -12.80
C ARG E 106 -1.29 -17.04 -11.61
N GLU E 107 -0.18 -17.78 -11.61
CA GLU E 107 0.13 -18.65 -10.49
C GLU E 107 0.47 -17.84 -9.24
N THR E 108 1.38 -16.88 -9.36
CA THR E 108 1.73 -16.04 -8.21
C THR E 108 0.51 -15.30 -7.69
N ALA E 109 -0.31 -14.75 -8.59
CA ALA E 109 -1.54 -14.07 -8.16
C ALA E 109 -2.39 -14.99 -7.30
N GLU E 110 -2.62 -16.22 -7.77
CA GLU E 110 -3.40 -17.19 -7.00
C GLU E 110 -2.80 -17.37 -5.61
N TRP E 111 -1.47 -17.49 -5.53
CA TRP E 111 -0.82 -17.63 -4.23
C TRP E 111 -1.01 -16.38 -3.38
N ALA E 112 -0.92 -15.20 -4.00
CA ALA E 112 -1.04 -13.96 -3.24
C ALA E 112 -2.45 -13.77 -2.70
N ALA E 113 -3.47 -14.16 -3.47
CA ALA E 113 -4.83 -14.05 -2.97
C ALA E 113 -5.05 -14.95 -1.77
N GLY E 114 -4.28 -16.04 -1.65
CA GLY E 114 -4.45 -16.94 -0.52
C GLY E 114 -3.91 -16.39 0.79
N VAL E 115 -2.85 -15.59 0.72
CA VAL E 115 -2.22 -15.05 1.92
C VAL E 115 -2.70 -13.64 2.24
N GLU E 116 -3.86 -13.25 1.70
CA GLU E 116 -4.54 -12.02 2.10
C GLU E 116 -3.75 -10.76 1.74
N THR E 117 -3.04 -10.77 0.62
CA THR E 117 -2.34 -9.58 0.15
C THR E 117 -2.86 -9.19 -1.23
N THR E 118 -2.61 -7.93 -1.57
CA THR E 118 -2.95 -7.42 -2.90
C THR E 118 -1.74 -7.55 -3.81
N TYR E 119 -1.94 -8.19 -4.95
CA TYR E 119 -0.85 -8.48 -5.89
C TYR E 119 -1.18 -7.90 -7.25
N LEU E 120 -0.28 -7.08 -7.78
CA LEU E 120 -0.40 -6.50 -9.11
C LEU E 120 0.77 -6.99 -9.95
N ASP E 121 0.49 -7.62 -11.08
CA ASP E 121 1.54 -8.06 -12.00
C ASP E 121 1.80 -6.97 -13.02
N GLY E 122 3.07 -6.60 -13.16
CA GLY E 122 3.45 -5.54 -14.07
C GLY E 122 4.55 -5.98 -15.01
N ALA E 123 4.68 -5.25 -16.10
CA ALA E 123 5.73 -5.48 -17.08
C ALA E 123 6.25 -4.14 -17.57
N ILE E 124 7.57 -4.03 -17.68
CA ILE E 124 8.23 -2.83 -18.20
C ILE E 124 8.75 -3.13 -19.59
N MET E 125 8.56 -2.19 -20.51
CA MET E 125 8.96 -2.35 -21.90
C MET E 125 10.06 -1.32 -22.20
N GLY E 126 11.31 -1.77 -22.19
CA GLY E 126 12.41 -0.93 -22.56
C GLY E 126 13.53 -0.94 -21.53
N PRO E 127 14.62 -0.25 -21.84
CA PRO E 127 15.75 -0.20 -20.92
C PRO E 127 15.46 0.65 -19.71
N PRO E 128 16.28 0.57 -18.67
CA PRO E 128 16.04 1.35 -17.45
C PRO E 128 16.01 2.85 -17.71
N PRO E 129 16.89 3.36 -18.61
CA PRO E 129 16.90 4.81 -18.87
C PRO E 129 15.54 5.40 -19.21
N TRP E 130 14.64 4.57 -19.75
CA TRP E 130 13.33 5.07 -20.14
C TRP E 130 12.43 5.40 -18.94
N LEU E 131 12.69 4.79 -17.79
CA LEU E 131 11.83 4.99 -16.63
C LEU E 131 11.78 6.46 -16.24
N ALA E 132 10.58 6.94 -15.95
CA ALA E 132 10.33 8.31 -15.52
C ALA E 132 10.51 9.31 -16.64
N THR E 133 10.55 8.85 -17.88
CA THR E 133 10.61 9.71 -19.05
C THR E 133 9.49 9.34 -20.01
N ASP E 134 9.20 10.24 -20.95
CA ASP E 134 8.11 10.01 -21.89
C ASP E 134 8.20 8.66 -22.58
N ARG E 135 9.38 8.04 -22.61
CA ARG E 135 9.56 6.78 -23.31
C ARG E 135 9.09 5.57 -22.52
N ALA E 136 9.03 5.67 -21.19
CA ALA E 136 8.73 4.51 -20.37
C ALA E 136 7.33 3.99 -20.63
N ILE E 137 7.19 2.67 -20.59
CA ILE E 137 5.89 2.00 -20.73
C ILE E 137 5.81 0.90 -19.69
N LEU E 138 4.84 1.00 -18.78
CA LEU E 138 4.64 0.02 -17.72
C LEU E 138 3.18 -0.42 -17.73
N LEU E 139 2.96 -1.73 -17.71
CA LEU E 139 1.63 -2.30 -17.81
C LEU E 139 1.30 -3.04 -16.51
N TYR E 140 0.05 -2.91 -16.07
CA TYR E 140 -0.38 -3.45 -14.80
C TYR E 140 -1.67 -4.24 -14.99
N SER E 141 -1.75 -5.39 -14.31
CA SER E 141 -2.92 -6.26 -14.40
C SER E 141 -3.27 -6.76 -13.00
N GLY E 142 -4.56 -6.71 -12.67
CA GLY E 142 -5.02 -7.14 -11.37
C GLY E 142 -6.08 -6.23 -10.80
N PRO E 143 -6.16 -6.15 -9.47
CA PRO E 143 -7.19 -5.31 -8.83
C PRO E 143 -7.02 -3.84 -9.21
N LYS E 144 -8.05 -3.29 -9.85
CA LYS E 144 -7.97 -1.90 -10.31
C LYS E 144 -7.99 -0.93 -9.13
N ALA E 145 -8.77 -1.23 -8.09
CA ALA E 145 -8.80 -0.35 -6.91
C ALA E 145 -7.40 -0.17 -6.35
N ALA E 146 -6.65 -1.26 -6.20
CA ALA E 146 -5.29 -1.17 -5.70
C ALA E 146 -4.44 -0.28 -6.61
N PHE E 147 -4.46 -0.55 -7.92
CA PHE E 147 -3.67 0.24 -8.84
C PHE E 147 -4.00 1.72 -8.74
N GLU E 148 -5.28 2.05 -8.54
CA GLU E 148 -5.67 3.45 -8.49
C GLU E 148 -5.32 4.09 -7.15
N GLU E 149 -5.31 3.32 -6.06
CA GLU E 149 -4.86 3.87 -4.79
C GLU E 149 -3.39 4.28 -4.85
N HIS E 150 -2.58 3.55 -5.62
CA HIS E 150 -1.15 3.81 -5.71
C HIS E 150 -0.72 4.35 -7.06
N GLU E 151 -1.68 4.74 -7.92
CA GLU E 151 -1.33 5.27 -9.23
C GLU E 151 -0.43 6.49 -9.10
N ALA E 152 -0.79 7.43 -8.24
CA ALA E 152 0.01 8.64 -8.05
C ALA E 152 1.46 8.29 -7.73
N THR E 153 1.69 7.20 -7.01
CA THR E 153 3.05 6.77 -6.70
C THR E 153 3.68 6.06 -7.89
N LEU E 154 2.94 5.15 -8.53
CA LEU E 154 3.49 4.39 -9.65
C LEU E 154 3.85 5.31 -10.82
N ARG E 155 3.08 6.38 -11.01
CA ARG E 155 3.35 7.30 -12.12
C ARG E 155 4.75 7.90 -12.04
N ALA E 156 5.42 7.80 -10.89
CA ALA E 156 6.79 8.27 -10.77
C ALA E 156 7.72 7.58 -11.76
N LEU E 157 7.30 6.45 -12.33
CA LEU E 157 8.09 5.72 -13.31
C LEU E 157 7.74 6.11 -14.74
N GLY E 158 6.67 6.87 -14.95
CA GLY E 158 6.24 7.28 -16.27
C GLY E 158 4.80 7.74 -16.28
N ALA E 159 4.60 9.06 -16.23
CA ALA E 159 3.24 9.59 -16.11
C ALA E 159 2.35 9.12 -17.25
N ALA E 160 2.84 9.27 -18.49
CA ALA E 160 2.05 8.90 -19.67
C ALA E 160 2.10 7.41 -20.00
N GLY E 161 3.16 6.70 -19.61
CA GLY E 161 3.28 5.31 -19.96
C GLY E 161 2.68 4.31 -18.99
N THR E 162 2.15 4.77 -17.85
CA THR E 162 1.53 3.90 -16.88
C THR E 162 0.16 3.48 -17.40
N THR E 163 0.01 2.20 -17.74
CA THR E 163 -1.19 1.69 -18.38
C THR E 163 -1.72 0.51 -17.58
N TYR E 164 -2.92 0.66 -17.03
CA TYR E 164 -3.61 -0.46 -16.43
C TYR E 164 -4.35 -1.25 -17.52
N LEU E 165 -4.12 -2.56 -17.55
CA LEU E 165 -4.73 -3.41 -18.56
C LEU E 165 -6.09 -3.90 -18.10
N ASP E 166 -6.12 -4.94 -17.29
CA ASP E 166 -7.36 -5.48 -16.74
C ASP E 166 -7.02 -6.36 -15.53
N THR E 167 -8.03 -7.04 -15.00
CA THR E 167 -7.89 -7.78 -13.75
C THR E 167 -7.23 -9.13 -13.91
N ASP E 168 -7.13 -9.65 -15.13
CA ASP E 168 -6.48 -10.94 -15.35
C ASP E 168 -4.96 -10.73 -15.30
N HIS E 169 -4.33 -11.24 -14.23
CA HIS E 169 -2.92 -10.95 -14.00
C HIS E 169 -2.06 -11.34 -15.19
N GLY E 170 -2.39 -12.44 -15.86
CA GLY E 170 -1.57 -12.92 -16.96
C GLY E 170 -1.43 -11.96 -18.12
N LEU E 171 -2.30 -10.95 -18.19
CA LEU E 171 -2.29 -10.04 -19.34
C LEU E 171 -0.94 -9.33 -19.47
N SER E 172 -0.37 -8.87 -18.35
CA SER E 172 0.90 -8.16 -18.42
C SER E 172 1.97 -9.01 -19.08
N ALA E 173 2.07 -10.28 -18.68
CA ALA E 173 3.06 -11.17 -19.29
C ALA E 173 2.77 -11.39 -20.76
N LEU E 174 1.48 -11.50 -21.12
CA LEU E 174 1.12 -11.73 -22.52
C LEU E 174 1.52 -10.54 -23.38
N TYR E 175 1.11 -9.33 -23.00
CA TYR E 175 1.51 -8.14 -23.73
C TYR E 175 3.03 -7.99 -23.72
N ASP E 176 3.67 -8.28 -22.58
CA ASP E 176 5.13 -8.22 -22.53
C ASP E 176 5.77 -9.13 -23.56
N MET E 177 5.24 -10.36 -23.71
CA MET E 177 5.80 -11.29 -24.67
C MET E 177 5.52 -10.85 -26.10
N SER E 178 4.31 -10.37 -26.38
CA SER E 178 3.96 -9.96 -27.73
C SER E 178 4.78 -8.76 -28.19
N LEU E 179 5.27 -7.94 -27.25
CA LEU E 179 6.07 -6.78 -27.61
C LEU E 179 7.56 -7.09 -27.65
N LEU E 180 8.01 -8.10 -26.90
CA LEU E 180 9.43 -8.44 -26.91
C LEU E 180 9.86 -9.01 -28.25
N GLY E 181 9.00 -9.81 -28.88
CA GLY E 181 9.32 -10.32 -30.20
C GLY E 181 9.52 -9.21 -31.21
N ILE E 182 8.76 -8.12 -31.09
CA ILE E 182 8.94 -6.99 -31.98
C ILE E 182 10.26 -6.28 -31.67
N MET E 183 10.68 -6.27 -30.40
CA MET E 183 11.93 -5.61 -30.05
C MET E 183 13.13 -6.37 -30.59
N TRP E 184 13.12 -7.70 -30.47
CA TRP E 184 14.23 -8.50 -31.00
C TRP E 184 14.18 -8.58 -32.52
N GLY E 185 12.98 -8.50 -33.11
CA GLY E 185 12.90 -8.45 -34.55
C GLY E 185 13.56 -7.20 -35.12
N VAL E 186 13.27 -6.05 -34.52
CA VAL E 186 13.90 -4.80 -34.97
C VAL E 186 15.41 -4.86 -34.73
N LEU E 187 15.81 -5.20 -33.50
CA LEU E 187 17.23 -5.24 -33.17
C LEU E 187 17.98 -6.20 -34.08
N ASN E 188 17.55 -7.48 -34.09
CA ASN E 188 18.24 -8.48 -34.91
C ASN E 188 18.32 -8.05 -36.37
N GLY E 189 17.22 -7.55 -36.93
CA GLY E 189 17.26 -7.07 -38.30
C GLY E 189 18.29 -5.98 -38.51
N PHE E 190 18.37 -5.02 -37.58
CA PHE E 190 19.41 -4.01 -37.65
C PHE E 190 20.79 -4.65 -37.59
N LEU E 191 20.97 -5.64 -36.71
CA LEU E 191 22.25 -6.33 -36.62
C LEU E 191 22.59 -7.04 -37.91
N GLN E 192 21.57 -7.54 -38.64
CA GLN E 192 21.83 -8.11 -39.95
C GLN E 192 22.38 -7.06 -40.91
N GLY E 193 21.80 -5.85 -40.89
CA GLY E 193 22.31 -4.79 -41.72
C GLY E 193 23.66 -4.28 -41.28
N ALA E 194 23.93 -4.30 -39.98
CA ALA E 194 25.23 -3.84 -39.49
C ALA E 194 26.34 -4.79 -39.90
N ALA E 195 26.08 -6.10 -39.90
CA ALA E 195 27.09 -7.05 -40.30
C ALA E 195 27.28 -7.06 -41.81
N LEU E 196 26.19 -7.02 -42.57
CA LEU E 196 26.29 -7.03 -44.01
C LEU E 196 26.92 -5.74 -44.55
N LEU E 197 26.37 -4.58 -44.14
CA LEU E 197 26.97 -3.31 -44.53
C LEU E 197 28.40 -3.15 -44.00
N GLY E 198 28.71 -3.74 -42.85
CA GLY E 198 30.07 -3.60 -42.32
C GLY E 198 31.14 -4.11 -43.24
N THR E 199 30.81 -5.10 -44.08
CA THR E 199 31.80 -5.63 -45.03
C THR E 199 32.15 -4.63 -46.11
N ALA E 200 31.37 -3.56 -46.25
CA ALA E 200 31.65 -2.50 -47.22
C ALA E 200 32.13 -1.22 -46.55
N LYS E 201 32.61 -1.33 -45.31
CA LYS E 201 33.17 -0.22 -44.55
C LYS E 201 32.07 0.68 -43.98
N VAL E 202 30.82 0.51 -44.43
CA VAL E 202 29.74 1.26 -43.84
C VAL E 202 29.68 0.98 -42.35
N LYS E 203 29.51 2.03 -41.57
CA LYS E 203 29.52 1.93 -40.12
C LYS E 203 28.10 1.86 -39.58
N ALA E 204 27.96 1.19 -38.43
CA ALA E 204 26.65 1.10 -37.79
C ALA E 204 26.06 2.48 -37.54
N THR E 205 26.90 3.43 -37.11
CA THR E 205 26.42 4.80 -36.91
C THR E 205 25.87 5.40 -38.20
N THR E 206 26.47 5.03 -39.34
CA THR E 206 26.00 5.58 -40.62
C THR E 206 24.68 4.94 -41.03
N PHE E 207 24.52 3.64 -40.78
CA PHE E 207 23.31 2.95 -41.18
C PHE E 207 22.14 3.22 -40.23
N ALA E 208 22.41 3.43 -38.94
CA ALA E 208 21.35 3.62 -37.95
C ALA E 208 20.34 4.68 -38.34
N PRO E 209 20.72 5.88 -38.77
CA PRO E 209 19.70 6.88 -39.11
C PRO E 209 18.81 6.45 -40.26
N LEU E 210 19.32 5.62 -41.18
CA LEU E 210 18.49 5.11 -42.26
C LEU E 210 17.57 4.00 -41.77
N ALA E 211 18.12 3.03 -41.04
CA ALA E 211 17.31 1.97 -40.48
C ALA E 211 16.17 2.56 -39.65
N ASN E 212 16.45 3.57 -38.84
CA ASN E 212 15.40 4.20 -38.05
C ASN E 212 14.35 4.84 -38.95
N THR E 213 14.77 5.42 -40.07
CA THR E 213 13.80 5.93 -41.03
C THR E 213 12.84 4.83 -41.48
N LEU E 214 13.39 3.69 -41.89
CA LEU E 214 12.55 2.57 -42.31
C LEU E 214 11.73 2.04 -41.13
N ILE E 215 12.38 1.77 -40.01
CA ILE E 215 11.69 1.26 -38.83
C ILE E 215 10.47 2.11 -38.52
N ASN E 216 10.67 3.45 -38.54
CA ASN E 216 9.55 4.35 -38.28
C ASN E 216 8.46 4.21 -39.34
N LEU E 217 8.87 4.00 -40.60
CA LEU E 217 7.90 4.00 -41.69
C LEU E 217 7.01 2.76 -41.65
N ILE E 218 7.60 1.58 -41.42
CA ILE E 218 6.86 0.34 -41.54
C ILE E 218 5.67 0.25 -40.59
N THR E 219 5.60 1.14 -39.58
CA THR E 219 4.43 1.15 -38.71
C THR E 219 3.16 1.41 -39.52
N GLU E 220 3.29 2.08 -40.68
CA GLU E 220 2.13 2.29 -41.54
C GLU E 220 1.59 0.95 -42.07
N ARG E 221 2.50 0.06 -42.46
CA ARG E 221 2.07 -1.27 -42.92
C ARG E 221 1.49 -2.07 -41.76
N VAL E 222 2.09 -1.96 -40.57
CA VAL E 222 1.54 -2.64 -39.39
C VAL E 222 0.10 -2.21 -39.17
N THR E 223 -0.17 -0.90 -39.22
CA THR E 223 -1.53 -0.42 -39.08
C THR E 223 -2.43 -1.01 -40.16
N ALA E 224 -1.91 -1.18 -41.38
CA ALA E 224 -2.73 -1.70 -42.47
C ALA E 224 -2.99 -3.19 -42.32
N TYR E 225 -1.97 -3.95 -41.95
CA TYR E 225 -2.12 -5.41 -41.86
C TYR E 225 -3.05 -5.83 -40.72
N ALA E 226 -3.22 -4.99 -39.70
CA ALA E 226 -4.04 -5.33 -38.55
C ALA E 226 -5.44 -5.76 -38.98
N PRO E 227 -6.19 -4.89 -39.65
CA PRO E 227 -7.55 -5.28 -40.09
C PRO E 227 -7.56 -6.53 -40.94
N GLN E 228 -6.50 -6.78 -41.72
CA GLN E 228 -6.44 -8.01 -42.50
C GLN E 228 -6.37 -9.23 -41.60
N ILE E 229 -5.46 -9.21 -40.61
CA ILE E 229 -5.35 -10.32 -39.68
C ILE E 229 -6.68 -10.57 -38.99
N ASP E 230 -7.40 -9.51 -38.66
CA ASP E 230 -8.71 -9.66 -38.03
C ASP E 230 -9.75 -10.18 -39.02
N GLU E 231 -9.59 -9.86 -40.31
CA GLU E 231 -10.57 -10.29 -41.30
C GLU E 231 -10.37 -11.75 -41.69
N GLY E 232 -9.13 -12.13 -42.00
CA GLY E 232 -8.84 -13.44 -42.56
C GLY E 232 -8.63 -13.44 -44.06
N LYS E 233 -8.82 -12.30 -44.71
CA LYS E 233 -8.55 -12.15 -46.14
C LYS E 233 -7.38 -11.18 -46.30
N TYR E 234 -6.33 -11.62 -46.99
CA TYR E 234 -5.04 -10.95 -47.00
C TYR E 234 -4.72 -10.46 -48.41
N PRO E 235 -5.35 -9.38 -48.85
CA PRO E 235 -5.04 -8.85 -50.19
C PRO E 235 -3.62 -8.32 -50.25
N ALA E 236 -2.95 -8.63 -51.36
CA ALA E 236 -1.57 -8.17 -51.58
C ALA E 236 -1.59 -6.84 -52.34
N GLY E 237 -2.00 -5.79 -51.63
CA GLY E 237 -2.08 -4.48 -52.24
C GLY E 237 -0.72 -3.96 -52.68
N ASP E 238 0.28 -4.11 -51.84
CA ASP E 238 1.62 -3.61 -52.14
C ASP E 238 2.47 -4.66 -52.85
N ALA E 239 2.69 -5.80 -52.20
CA ALA E 239 3.51 -6.87 -52.77
C ALA E 239 2.92 -8.21 -52.36
N THR E 240 3.24 -9.23 -53.16
CA THR E 240 2.82 -10.60 -52.89
C THR E 240 3.96 -11.38 -52.25
N MET E 241 3.61 -12.51 -51.64
CA MET E 241 4.63 -13.35 -51.02
C MET E 241 5.69 -13.77 -52.01
N THR E 242 5.31 -13.91 -53.29
CA THR E 242 6.28 -14.23 -54.34
C THR E 242 7.43 -13.23 -54.34
N VAL E 243 7.10 -11.93 -54.32
CA VAL E 243 8.13 -10.91 -54.26
C VAL E 243 8.89 -10.99 -52.94
N HIS E 244 8.16 -11.00 -51.82
CA HIS E 244 8.79 -11.22 -50.52
C HIS E 244 9.71 -12.43 -50.58
N GLN E 245 9.18 -13.57 -51.04
CA GLN E 245 9.98 -14.78 -51.16
C GLN E 245 11.27 -14.52 -51.94
N ASP E 246 11.14 -13.95 -53.13
CA ASP E 246 12.31 -13.67 -53.95
C ASP E 246 13.25 -12.70 -53.26
N ALA E 247 12.71 -11.61 -52.71
CA ALA E 247 13.55 -10.65 -52.00
C ALA E 247 14.31 -11.31 -50.86
N MET E 248 13.64 -12.17 -50.09
CA MET E 248 14.32 -12.90 -49.02
C MET E 248 15.46 -13.75 -49.58
N GLU E 249 15.25 -14.36 -50.76
CA GLU E 249 16.30 -15.16 -51.37
C GLU E 249 17.55 -14.32 -51.60
N HIS E 250 17.40 -13.14 -52.19
CA HIS E 250 18.56 -12.29 -52.45
C HIS E 250 19.28 -11.94 -51.16
N LEU E 251 18.56 -11.39 -50.17
CA LEU E 251 19.19 -11.11 -48.89
C LEU E 251 19.79 -12.38 -48.28
N ALA E 252 19.11 -13.51 -48.44
CA ALA E 252 19.71 -14.78 -48.04
C ALA E 252 20.97 -15.07 -48.84
N GLU E 253 20.93 -14.82 -50.15
CA GLU E 253 22.09 -15.10 -50.99
C GLU E 253 23.26 -14.16 -50.66
N GLU E 254 22.99 -12.88 -50.49
CA GLU E 254 24.05 -11.93 -50.17
C GLU E 254 24.75 -12.31 -48.88
N SER E 255 23.98 -12.63 -47.84
CA SER E 255 24.58 -12.91 -46.54
C SER E 255 25.62 -14.02 -46.62
N GLU E 256 25.33 -15.09 -47.36
CA GLU E 256 26.30 -16.18 -47.48
C GLU E 256 27.46 -15.81 -48.38
N THR E 257 27.25 -14.90 -49.33
CA THR E 257 28.33 -14.49 -50.23
C THR E 257 29.42 -13.73 -49.48
N LEU E 258 29.02 -12.71 -48.70
CA LEU E 258 29.98 -11.88 -47.99
C LEU E 258 30.50 -12.54 -46.72
N GLY E 259 30.28 -13.83 -46.53
CA GLY E 259 30.90 -14.57 -45.45
C GLY E 259 30.28 -14.38 -44.09
N ILE E 260 29.13 -13.72 -43.99
CA ILE E 260 28.48 -13.54 -42.69
C ILE E 260 27.39 -14.58 -42.53
N SER E 261 26.70 -14.55 -41.39
CA SER E 261 25.61 -15.48 -41.15
C SER E 261 24.43 -15.16 -42.07
N ALA E 262 23.77 -16.22 -42.53
CA ALA E 262 22.55 -16.07 -43.31
C ALA E 262 21.40 -16.87 -42.71
N GLU E 263 21.56 -17.37 -41.48
CA GLU E 263 20.52 -18.18 -40.86
C GLU E 263 19.18 -17.44 -40.83
N MET E 264 19.18 -16.22 -40.29
CA MET E 264 17.94 -15.44 -40.26
C MET E 264 17.33 -15.25 -41.63
N PRO E 265 18.06 -14.76 -42.65
CA PRO E 265 17.45 -14.67 -43.99
C PRO E 265 16.94 -16.01 -44.50
N ARG E 266 17.72 -17.07 -44.28
CA ARG E 266 17.22 -18.43 -44.54
C ARG E 266 15.92 -18.66 -43.79
N PHE E 267 15.94 -18.46 -42.47
CA PHE E 267 14.76 -18.69 -41.64
C PHE E 267 13.56 -17.91 -42.16
N PHE E 268 13.77 -16.64 -42.54
CA PHE E 268 12.64 -15.82 -42.99
C PHE E 268 12.03 -16.37 -44.27
N LYS E 269 12.85 -16.91 -45.17
CA LYS E 269 12.32 -17.49 -46.40
C LYS E 269 11.53 -18.77 -46.11
N ALA E 270 12.04 -19.61 -45.21
CA ALA E 270 11.31 -20.82 -44.84
C ALA E 270 9.88 -20.48 -44.42
N LEU E 271 9.70 -19.40 -43.67
CA LEU E 271 8.35 -18.99 -43.28
C LEU E 271 7.55 -18.58 -44.51
N ALA E 272 8.14 -17.77 -45.39
CA ALA E 272 7.45 -17.39 -46.62
C ALA E 272 7.14 -18.61 -47.48
N ASP E 273 8.10 -19.54 -47.57
CA ASP E 273 7.88 -20.77 -48.33
C ASP E 273 6.61 -21.47 -47.88
N ARG E 274 6.37 -21.53 -46.57
CA ARG E 274 5.18 -22.19 -46.05
C ARG E 274 3.91 -21.43 -46.39
N ALA E 275 4.00 -20.11 -46.60
CA ALA E 275 2.82 -19.34 -46.94
C ALA E 275 2.38 -19.57 -48.38
N VAL E 276 3.34 -19.77 -49.29
CA VAL E 276 2.98 -20.07 -50.67
C VAL E 276 2.58 -21.53 -50.82
N ALA E 277 3.29 -22.44 -50.12
CA ALA E 277 2.90 -23.84 -50.13
C ALA E 277 1.45 -24.01 -49.71
N ASP E 278 0.95 -23.13 -48.86
CA ASP E 278 -0.45 -23.12 -48.46
C ASP E 278 -1.35 -22.37 -49.44
N GLY E 279 -0.80 -21.94 -50.58
CA GLY E 279 -1.59 -21.25 -51.58
C GLY E 279 -1.89 -19.81 -51.25
N HIS E 280 -0.85 -19.04 -50.87
CA HIS E 280 -1.00 -17.63 -50.56
C HIS E 280 -0.02 -16.76 -51.34
N ALA E 281 0.56 -17.30 -52.41
CA ALA E 281 1.56 -16.55 -53.18
C ALA E 281 1.03 -15.22 -53.66
N ASP E 282 -0.28 -15.07 -53.83
CA ASP E 282 -0.87 -13.84 -54.33
C ASP E 282 -1.50 -12.99 -53.24
N SER E 283 -1.37 -13.38 -51.98
CA SER E 283 -1.89 -12.61 -50.86
C SER E 283 -0.82 -11.69 -50.30
N GLY E 284 -1.27 -10.71 -49.51
CA GLY E 284 -0.33 -9.83 -48.85
C GLY E 284 0.47 -10.54 -47.79
N TYR E 285 1.45 -9.82 -47.24
CA TYR E 285 2.26 -10.41 -46.17
C TYR E 285 1.44 -10.69 -44.92
N ALA E 286 0.28 -10.04 -44.77
CA ALA E 286 -0.60 -10.34 -43.65
C ALA E 286 -0.91 -11.83 -43.56
N ALA E 287 -0.90 -12.52 -44.71
CA ALA E 287 -1.17 -13.95 -44.72
C ALA E 287 -0.19 -14.73 -43.85
N MET E 288 0.97 -14.16 -43.55
CA MET E 288 1.96 -14.88 -42.75
C MET E 288 1.46 -15.18 -41.33
N ILE E 289 0.40 -14.50 -40.89
CA ILE E 289 -0.17 -14.77 -39.57
C ILE E 289 -0.45 -16.25 -39.40
N GLU E 290 -0.85 -16.93 -40.47
CA GLU E 290 -1.10 -18.37 -40.39
C GLU E 290 0.16 -19.11 -39.94
N GLN E 291 1.31 -18.76 -40.51
CA GLN E 291 2.55 -19.43 -40.14
C GLN E 291 2.93 -19.20 -38.68
N PHE E 292 2.37 -18.16 -38.05
CA PHE E 292 2.67 -17.89 -36.66
C PHE E 292 1.65 -18.50 -35.71
N ARG E 293 0.43 -18.77 -36.17
CA ARG E 293 -0.57 -19.45 -35.37
C ARG E 293 -0.37 -20.98 -35.36
N LYS E 294 0.62 -21.48 -36.10
CA LYS E 294 0.83 -22.91 -36.23
C LYS E 294 1.84 -23.39 -35.20
N PRO E 295 1.45 -24.20 -34.20
CA PRO E 295 2.36 -24.77 -33.21
C PRO E 295 3.65 -25.29 -33.83
N ALA F 7 7.02 17.49 -69.76
CA ALA F 7 7.99 16.72 -70.53
C ALA F 7 9.43 17.12 -70.21
N GLN F 8 10.25 17.23 -71.24
CA GLN F 8 11.64 17.67 -71.10
C GLN F 8 12.55 16.59 -70.52
N ALA F 9 11.96 15.50 -70.03
CA ALA F 9 12.69 14.43 -69.38
C ALA F 9 11.96 13.12 -69.66
N PRO F 10 12.16 12.52 -70.84
CA PRO F 10 11.67 11.17 -71.12
C PRO F 10 12.38 10.11 -70.27
N VAL F 11 11.60 9.14 -69.79
CA VAL F 11 12.12 8.08 -68.96
C VAL F 11 11.49 6.78 -69.44
N SER F 12 12.34 5.80 -69.70
CA SER F 12 11.90 4.50 -70.19
C SER F 12 11.86 3.52 -69.03
N VAL F 13 10.68 3.04 -68.70
CA VAL F 13 10.47 2.09 -67.61
C VAL F 13 10.34 0.71 -68.24
N ILE F 14 11.35 -0.13 -68.04
CA ILE F 14 11.36 -1.51 -68.54
C ILE F 14 11.01 -2.42 -67.38
N GLY F 15 9.85 -3.06 -67.46
CA GLY F 15 9.36 -3.89 -66.37
C GLY F 15 8.14 -3.31 -65.70
N LEU F 16 6.98 -3.50 -66.30
CA LEU F 16 5.72 -2.94 -65.79
C LEU F 16 5.03 -3.93 -64.87
N GLY F 17 5.70 -4.24 -63.77
CA GLY F 17 5.18 -5.10 -62.73
C GLY F 17 4.62 -4.30 -61.57
N LEU F 18 4.62 -4.93 -60.38
CA LEU F 18 4.08 -4.28 -59.20
C LEU F 18 4.75 -2.93 -58.96
N MET F 19 6.08 -2.91 -58.89
CA MET F 19 6.81 -1.67 -58.64
C MET F 19 7.10 -0.90 -59.93
N GLY F 20 7.39 -1.60 -61.02
CA GLY F 20 7.65 -0.91 -62.28
C GLY F 20 6.51 -0.01 -62.70
N GLN F 21 5.28 -0.47 -62.52
CA GLN F 21 4.13 0.37 -62.82
C GLN F 21 4.14 1.65 -62.00
N ALA F 22 4.27 1.53 -60.68
CA ALA F 22 4.36 2.70 -59.83
C ALA F 22 5.57 3.57 -60.16
N LEU F 23 6.61 2.99 -60.75
CA LEU F 23 7.75 3.79 -61.19
C LEU F 23 7.37 4.64 -62.40
N ALA F 24 6.79 4.02 -63.42
CA ALA F 24 6.37 4.77 -64.59
C ALA F 24 5.33 5.83 -64.23
N ALA F 25 4.41 5.49 -63.32
CA ALA F 25 3.36 6.44 -62.94
C ALA F 25 3.93 7.66 -62.22
N ALA F 26 5.01 7.49 -61.45
CA ALA F 26 5.60 8.61 -60.74
C ALA F 26 6.20 9.62 -61.70
N PHE F 27 7.05 9.16 -62.62
CA PHE F 27 7.58 10.05 -63.66
C PHE F 27 6.45 10.70 -64.45
N LEU F 28 5.41 9.92 -64.76
CA LEU F 28 4.28 10.46 -65.51
C LEU F 28 3.62 11.62 -64.78
N LYS F 29 3.19 11.37 -63.54
CA LYS F 29 2.49 12.40 -62.78
C LYS F 29 3.36 13.60 -62.48
N ALA F 30 4.68 13.48 -62.63
CA ALA F 30 5.61 14.58 -62.36
C ALA F 30 6.03 15.30 -63.63
N GLY F 31 5.24 15.22 -64.70
CA GLY F 31 5.56 15.89 -65.94
C GLY F 31 6.51 15.11 -66.81
N HIS F 32 7.33 14.27 -66.20
CA HIS F 32 8.31 13.48 -66.94
C HIS F 32 7.61 12.58 -67.95
N PRO F 33 7.85 12.75 -69.26
CA PRO F 33 7.23 11.94 -70.30
C PRO F 33 7.71 10.49 -70.28
N TRP F 37 7.20 -0.58 -71.92
CA TRP F 37 7.53 -2.01 -72.22
C TRP F 37 7.60 -2.95 -71.02
N ASN F 38 6.90 -4.10 -71.11
CA ASN F 38 6.95 -5.17 -70.12
C ASN F 38 6.98 -6.53 -70.81
N ARG F 40 4.85 -8.80 -70.15
CA ARG F 40 3.55 -8.90 -70.79
C ARG F 40 3.01 -7.52 -71.17
N ALA F 41 2.49 -7.40 -72.38
CA ALA F 41 1.92 -6.12 -72.82
C ALA F 41 0.65 -5.78 -72.06
N ALA F 42 -0.10 -6.79 -71.61
CA ALA F 42 -1.33 -6.54 -70.87
C ALA F 42 -1.04 -5.83 -69.55
N LYS F 43 0.17 -6.02 -69.00
CA LYS F 43 0.54 -5.32 -67.77
C LYS F 43 0.77 -3.83 -67.99
N ALA F 44 0.78 -3.37 -69.24
CA ALA F 44 0.92 -1.95 -69.56
C ALA F 44 -0.37 -1.38 -70.15
N ASP F 45 -1.51 -2.05 -69.94
CA ASP F 45 -2.77 -1.59 -70.51
C ASP F 45 -3.29 -0.36 -69.78
N GLN F 46 -3.62 -0.51 -68.49
CA GLN F 46 -4.16 0.61 -67.74
C GLN F 46 -3.20 1.79 -67.70
N LEU F 47 -1.89 1.53 -67.81
CA LEU F 47 -0.92 2.61 -67.78
C LEU F 47 -1.07 3.54 -68.97
N VAL F 48 -1.04 2.98 -70.18
CA VAL F 48 -1.23 3.82 -71.37
C VAL F 48 -2.65 4.38 -71.42
N SER F 49 -3.61 3.67 -70.83
CA SER F 49 -4.97 4.21 -70.73
C SER F 49 -4.96 5.57 -70.04
N GLU F 50 -4.03 5.79 -69.12
CA GLU F 50 -3.86 7.12 -68.52
C GLU F 50 -3.40 8.13 -69.56
N GLY F 51 -2.68 7.69 -70.58
CA GLY F 51 -2.20 8.57 -71.62
C GLY F 51 -0.73 8.36 -71.95
N ALA F 52 -0.13 7.33 -71.39
CA ALA F 52 1.28 7.05 -71.61
C ALA F 52 1.49 6.38 -72.96
N THR F 53 2.72 6.44 -73.44
CA THR F 53 3.10 5.79 -74.69
C THR F 53 3.50 4.34 -74.43
N ARG F 54 3.26 3.49 -75.42
CA ARG F 54 3.49 2.06 -75.30
C ARG F 54 4.52 1.60 -76.33
N ALA F 55 5.42 0.73 -75.90
CA ALA F 55 6.46 0.20 -76.78
C ALA F 55 6.19 -1.26 -77.14
N SER F 57 8.35 -3.52 -78.11
CA SER F 57 9.65 -4.16 -77.91
C SER F 57 10.50 -3.36 -76.92
N VAL F 58 11.46 -4.04 -76.28
CA VAL F 58 12.30 -3.37 -75.30
C VAL F 58 13.20 -2.35 -75.97
N ALA F 59 13.81 -2.72 -77.10
CA ALA F 59 14.68 -1.80 -77.81
C ALA F 59 13.92 -0.55 -78.25
N ASP F 60 12.69 -0.72 -78.71
CA ASP F 60 11.88 0.42 -79.10
C ASP F 60 11.68 1.38 -77.93
N ALA F 61 11.56 0.85 -76.71
CA ALA F 61 11.43 1.69 -75.53
C ALA F 61 12.74 2.37 -75.16
N ILE F 62 13.87 1.86 -75.64
CA ILE F 62 15.16 2.45 -75.29
C ILE F 62 15.42 3.72 -76.10
N ALA F 63 15.04 3.71 -77.38
CA ALA F 63 15.20 4.88 -78.23
C ALA F 63 14.16 5.97 -77.95
N ALA F 64 13.36 5.81 -76.90
CA ALA F 64 12.30 6.76 -76.57
C ALA F 64 12.64 7.62 -75.36
N SER F 65 13.82 7.44 -74.76
CA SER F 65 14.18 8.24 -73.59
C SER F 65 15.65 8.03 -73.23
N PRO F 66 16.38 9.08 -72.86
CA PRO F 66 17.79 8.91 -72.50
C PRO F 66 17.99 8.23 -71.16
N LEU F 67 17.06 8.36 -70.23
CA LEU F 67 17.12 7.66 -68.95
C LEU F 67 16.28 6.38 -69.04
N VAL F 68 16.91 5.26 -68.72
CA VAL F 68 16.28 3.95 -68.77
C VAL F 68 16.28 3.36 -67.37
N VAL F 69 15.09 3.15 -66.81
CA VAL F 69 14.93 2.60 -65.48
C VAL F 69 14.56 1.13 -65.60
N LEU F 70 15.28 0.28 -64.86
CA LEU F 70 15.07 -1.16 -64.91
C LEU F 70 14.56 -1.64 -63.55
N CYS F 71 13.37 -2.26 -63.55
CA CYS F 71 12.79 -2.87 -62.35
C CYS F 71 12.22 -4.22 -62.80
N VAL F 72 13.10 -5.21 -62.95
CA VAL F 72 12.72 -6.52 -63.44
C VAL F 72 12.75 -7.53 -62.30
N SER F 73 12.61 -8.82 -62.63
CA SER F 73 12.54 -9.87 -61.62
C SER F 73 13.84 -9.95 -60.83
N ASP F 74 14.92 -10.36 -61.48
CA ASP F 74 16.23 -10.48 -60.84
C ASP F 74 17.29 -9.90 -61.78
N TYR F 75 18.55 -9.95 -61.34
CA TYR F 75 19.63 -9.50 -62.21
C TYR F 75 19.82 -10.42 -63.40
N GLY F 76 19.42 -11.68 -63.29
CA GLY F 76 19.41 -12.56 -64.44
C GLY F 76 18.53 -12.02 -65.55
N ALA F 77 17.34 -11.57 -65.21
CA ALA F 77 16.47 -10.89 -66.16
C ALA F 77 16.97 -9.49 -66.52
N VAL F 78 17.91 -8.95 -65.75
CA VAL F 78 18.46 -7.64 -66.07
C VAL F 78 19.42 -7.74 -67.25
N ARG F 79 20.32 -8.73 -67.22
CA ARG F 79 21.32 -8.85 -68.27
C ARG F 79 20.70 -9.28 -69.59
N GLU F 80 19.80 -10.27 -69.57
CA GLU F 80 19.17 -10.73 -70.80
C GLU F 80 18.39 -9.63 -71.51
N LEU F 81 18.14 -8.49 -70.86
CA LEU F 81 17.34 -7.42 -71.45
C LEU F 81 18.21 -6.43 -72.22
N LEU F 82 19.29 -5.97 -71.59
CA LEU F 82 20.22 -5.05 -72.24
C LEU F 82 21.33 -5.77 -73.00
N ASP F 83 21.33 -7.12 -72.99
CA ASP F 83 22.32 -7.86 -73.77
C ASP F 83 22.06 -7.68 -75.26
N PRO F 84 20.91 -8.05 -75.81
CA PRO F 84 20.59 -7.65 -77.19
C PRO F 84 20.49 -6.14 -77.35
N LEU F 85 20.53 -5.39 -76.25
CA LEU F 85 20.46 -3.94 -76.27
C LEU F 85 21.83 -3.27 -76.35
N ALA F 86 22.90 -4.02 -76.09
CA ALA F 86 24.26 -3.47 -76.09
C ALA F 86 24.55 -2.67 -77.36
N SER F 88 22.40 -0.18 -78.32
CA SER F 88 21.60 1.01 -78.55
C SER F 88 21.50 1.86 -77.30
N LEU F 89 22.39 1.61 -76.34
CA LEU F 89 22.42 2.37 -75.10
C LEU F 89 22.86 3.81 -75.33
N VAL F 93 21.18 7.32 -69.87
CA VAL F 93 21.65 6.73 -68.62
C VAL F 93 20.70 5.63 -68.17
N VAL F 94 21.26 4.58 -67.56
CA VAL F 94 20.48 3.44 -67.07
C VAL F 94 20.62 3.40 -65.56
N VAL F 95 19.49 3.37 -64.86
CA VAL F 95 19.44 3.29 -63.42
C VAL F 95 18.65 2.03 -63.07
N ASN F 96 19.34 0.98 -62.66
CA ASN F 96 18.69 -0.29 -62.33
C ASN F 96 18.14 -0.24 -60.91
N TYR F 97 16.94 -0.79 -60.73
CA TYR F 97 16.27 -0.78 -59.44
C TYR F 97 15.91 -2.17 -58.93
N THR F 98 16.21 -3.23 -59.67
CA THR F 98 15.78 -4.56 -59.27
C THR F 98 16.52 -5.01 -58.02
N THR F 99 15.80 -5.74 -57.16
CA THR F 99 16.40 -6.27 -55.94
C THR F 99 17.42 -7.35 -56.27
N GLY F 100 18.61 -7.22 -55.71
CA GLY F 100 19.65 -8.21 -55.95
C GLY F 100 20.81 -8.02 -55.01
N THR F 101 21.89 -8.75 -55.30
CA THR F 101 23.09 -8.68 -54.50
C THR F 101 24.06 -7.64 -55.07
N SER F 102 24.99 -7.21 -54.22
CA SER F 102 26.03 -6.30 -54.68
C SER F 102 26.95 -6.99 -55.69
N THR F 103 27.17 -8.30 -55.53
CA THR F 103 27.95 -9.05 -56.50
C THR F 103 27.36 -8.89 -57.90
N GLN F 104 26.07 -9.20 -58.06
CA GLN F 104 25.41 -8.97 -59.33
C GLN F 104 25.38 -7.48 -59.67
N ALA F 105 25.26 -6.62 -58.65
CA ALA F 105 25.25 -5.18 -58.89
C ALA F 105 26.58 -4.71 -59.46
N ARG F 106 27.69 -5.25 -58.95
CA ARG F 106 29.00 -4.84 -59.43
C ARG F 106 29.31 -5.42 -60.81
N GLU F 107 29.02 -6.70 -61.02
CA GLU F 107 29.24 -7.30 -62.33
C GLU F 107 28.48 -6.56 -63.41
N THR F 108 27.19 -6.26 -63.16
CA THR F 108 26.40 -5.50 -64.12
C THR F 108 26.91 -4.06 -64.25
N ALA F 109 27.65 -3.56 -63.27
CA ALA F 109 28.24 -2.24 -63.36
C ALA F 109 29.50 -2.22 -64.22
N GLU F 110 30.14 -3.37 -64.40
CA GLU F 110 31.31 -3.45 -65.27
C GLU F 110 30.91 -3.63 -66.73
N TRP F 111 30.03 -4.61 -67.00
CA TRP F 111 29.52 -4.80 -68.35
C TRP F 111 28.82 -3.55 -68.87
N ALA F 112 28.36 -2.68 -67.98
CA ALA F 112 27.77 -1.42 -68.42
C ALA F 112 28.83 -0.42 -68.85
N ALA F 113 30.01 -0.44 -68.20
CA ALA F 113 31.08 0.46 -68.59
C ALA F 113 31.64 0.14 -69.97
N GLY F 114 31.40 -1.07 -70.47
CA GLY F 114 31.88 -1.45 -71.78
C GLY F 114 30.86 -1.24 -72.87
N VAL F 115 29.59 -1.33 -72.53
CA VAL F 115 28.51 -1.14 -73.49
C VAL F 115 28.08 0.32 -73.53
N TYR F 119 26.13 3.74 -65.36
CA TYR F 119 25.25 2.82 -64.65
C TYR F 119 25.07 3.25 -63.19
N LEU F 120 23.82 3.44 -62.79
CA LEU F 120 23.48 3.82 -61.43
C LEU F 120 22.64 2.70 -60.82
N ASP F 121 23.18 2.04 -59.80
CA ASP F 121 22.44 1.01 -59.09
C ASP F 121 21.45 1.67 -58.13
N GLY F 122 20.16 1.47 -58.38
CA GLY F 122 19.12 2.09 -57.60
C GLY F 122 18.38 1.09 -56.71
N ALA F 123 17.60 1.63 -55.79
CA ALA F 123 16.83 0.82 -54.85
C ALA F 123 15.68 1.64 -54.32
N ILE F 124 14.59 0.95 -53.98
CA ILE F 124 13.40 1.57 -53.40
C ILE F 124 13.03 0.78 -52.15
N MET F 125 13.18 1.41 -50.99
CA MET F 125 12.94 0.74 -49.70
C MET F 125 11.51 1.01 -49.28
N GLY F 126 10.65 0.00 -49.45
CA GLY F 126 9.27 0.11 -49.06
C GLY F 126 8.31 -0.28 -50.15
N PRO F 127 7.01 -0.29 -49.85
CA PRO F 127 6.01 -0.69 -50.85
C PRO F 127 5.80 0.39 -51.88
N PRO F 128 5.30 0.04 -53.05
CA PRO F 128 5.09 1.04 -54.12
C PRO F 128 4.21 2.18 -53.67
N PRO F 129 3.16 1.90 -52.85
CA PRO F 129 2.31 2.98 -52.35
C PRO F 129 3.09 4.14 -51.74
N TRP F 130 4.33 3.88 -51.30
CA TRP F 130 5.18 4.92 -50.76
C TRP F 130 5.78 5.81 -51.82
N LEU F 131 5.55 5.53 -53.09
CA LEU F 131 6.13 6.32 -54.18
C LEU F 131 5.32 7.59 -54.40
N ALA F 132 5.99 8.59 -54.98
CA ALA F 132 5.45 9.93 -55.22
C ALA F 132 5.21 10.70 -53.92
N THR F 133 5.52 10.11 -52.77
CA THR F 133 5.39 10.77 -51.47
C THR F 133 6.75 10.80 -50.79
N ASP F 134 6.81 11.51 -49.65
CA ASP F 134 8.04 11.59 -48.89
C ASP F 134 8.31 10.33 -48.07
N ARG F 135 7.34 9.41 -47.99
CA ARG F 135 7.61 8.10 -47.42
C ARG F 135 8.59 7.30 -48.28
N ALA F 136 8.77 7.71 -49.54
CA ALA F 136 9.62 6.95 -50.45
C ALA F 136 11.10 7.16 -50.11
N ILE F 137 11.88 6.10 -50.33
CA ILE F 137 13.32 6.11 -50.11
C ILE F 137 13.98 5.50 -51.34
N LEU F 138 14.79 6.31 -52.03
CA LEU F 138 15.47 5.89 -53.24
C LEU F 138 16.97 6.12 -53.08
N LEU F 139 17.74 5.04 -53.15
CA LEU F 139 19.18 5.07 -52.99
C LEU F 139 19.86 4.87 -54.33
N TYR F 140 20.90 5.66 -54.59
CA TYR F 140 21.63 5.62 -55.84
C TYR F 140 23.12 5.51 -55.56
N SER F 141 23.79 4.61 -56.28
CA SER F 141 25.22 4.39 -56.15
C SER F 141 25.87 4.34 -57.51
N GLY F 142 27.04 4.97 -57.63
CA GLY F 142 27.74 5.06 -58.89
C GLY F 142 28.36 6.42 -59.10
N PRO F 143 28.50 6.83 -60.36
CA PRO F 143 29.07 8.16 -60.64
C PRO F 143 28.20 9.26 -60.04
N LYS F 144 28.83 10.09 -59.20
CA LYS F 144 28.10 11.20 -58.60
C LYS F 144 27.72 12.26 -59.63
N ALA F 145 28.40 12.28 -60.78
CA ALA F 145 28.06 13.25 -61.82
C ALA F 145 26.75 12.87 -62.51
N ALA F 146 26.64 11.59 -62.88
CA ALA F 146 25.39 11.12 -63.53
C ALA F 146 24.27 11.03 -62.50
N GLU F 148 23.43 13.42 -60.75
CA GLU F 148 22.90 14.78 -60.63
C GLU F 148 22.31 15.31 -61.93
N GLU F 149 22.68 14.74 -63.09
CA GLU F 149 22.05 15.14 -64.33
C GLU F 149 20.54 14.94 -64.27
N HIS F 150 20.12 13.68 -64.15
CA HIS F 150 18.72 13.33 -63.98
C HIS F 150 18.23 13.47 -62.54
N GLU F 151 18.97 14.22 -61.71
CA GLU F 151 18.58 14.40 -60.32
C GLU F 151 17.18 15.01 -60.22
N ALA F 152 16.89 16.01 -61.04
CA ALA F 152 15.57 16.62 -61.03
C ALA F 152 14.49 15.68 -61.54
N THR F 153 14.85 14.70 -62.36
CA THR F 153 13.89 13.75 -62.89
C THR F 153 13.65 12.56 -61.97
N LEU F 154 14.67 12.14 -61.21
CA LEU F 154 14.52 11.01 -60.30
C LEU F 154 13.77 11.38 -59.03
N ARG F 155 13.68 12.67 -58.70
CA ARG F 155 12.92 13.09 -57.52
C ARG F 155 11.42 12.91 -57.70
N ALA F 156 10.95 12.71 -58.93
CA ALA F 156 9.52 12.47 -59.14
C ALA F 156 9.03 11.30 -58.29
N LEU F 157 9.88 10.30 -58.08
CA LEU F 157 9.54 9.15 -57.24
C LEU F 157 9.62 9.46 -55.75
N GLY F 158 10.04 10.66 -55.37
CA GLY F 158 10.17 11.03 -53.98
C GLY F 158 11.18 12.13 -53.75
N ALA F 159 10.71 13.29 -53.29
CA ALA F 159 11.60 14.43 -53.13
C ALA F 159 12.51 14.27 -51.90
N ALA F 160 11.96 13.73 -50.81
CA ALA F 160 12.71 13.58 -49.57
C ALA F 160 13.46 12.26 -49.48
N GLY F 161 13.16 11.30 -50.34
CA GLY F 161 13.77 9.99 -50.26
C GLY F 161 14.99 9.82 -51.16
N THR F 162 15.12 10.67 -52.18
CA THR F 162 16.25 10.59 -53.09
C THR F 162 17.56 10.78 -52.32
N THR F 163 18.41 9.76 -52.35
CA THR F 163 19.64 9.76 -51.56
C THR F 163 20.78 9.15 -52.36
N TYR F 164 21.92 9.82 -52.34
CA TYR F 164 23.14 9.32 -52.98
C TYR F 164 24.04 8.67 -51.94
N LEU F 165 24.78 7.65 -52.38
CA LEU F 165 25.63 6.87 -51.48
C LEU F 165 27.11 7.03 -51.80
N ASP F 166 27.54 6.60 -52.99
CA ASP F 166 28.95 6.69 -53.36
C ASP F 166 29.19 6.07 -54.73
N THR F 167 30.46 5.92 -55.12
CA THR F 167 30.79 5.40 -56.44
C THR F 167 30.46 3.91 -56.55
N ASP F 168 30.84 3.12 -55.56
CA ASP F 168 30.61 1.68 -55.61
C ASP F 168 29.16 1.36 -55.90
N HIS F 169 28.90 0.77 -57.07
CA HIS F 169 27.52 0.48 -57.48
C HIS F 169 26.81 -0.39 -56.45
N GLY F 170 27.46 -1.46 -56.00
CA GLY F 170 26.88 -2.37 -55.03
C GLY F 170 26.51 -1.75 -53.70
N LEU F 171 26.80 -0.47 -53.46
CA LEU F 171 26.46 0.13 -52.18
C LEU F 171 24.96 0.15 -51.95
N SER F 172 24.19 0.55 -52.97
CA SER F 172 22.74 0.58 -52.84
C SER F 172 22.18 -0.83 -52.65
N ALA F 173 22.63 -1.78 -53.47
CA ALA F 173 22.18 -3.15 -53.32
C ALA F 173 22.46 -3.69 -51.92
N LEU F 174 23.63 -3.35 -51.36
CA LEU F 174 23.95 -3.74 -50.00
C LEU F 174 22.96 -3.14 -49.02
N TYR F 175 22.78 -1.81 -49.07
CA TYR F 175 21.76 -1.17 -48.25
C TYR F 175 20.40 -1.81 -48.50
N ASP F 176 20.14 -2.22 -49.73
CA ASP F 176 18.90 -2.92 -50.03
C ASP F 176 18.81 -4.22 -49.25
N MET F 177 19.91 -4.98 -49.20
CA MET F 177 19.87 -6.27 -48.52
C MET F 177 19.81 -6.13 -47.00
N SER F 178 20.07 -4.93 -46.48
CA SER F 178 20.06 -4.70 -45.04
C SER F 178 18.75 -4.07 -44.55
N LEU F 179 18.05 -3.31 -45.40
CA LEU F 179 16.84 -2.63 -44.96
C LEU F 179 15.62 -3.54 -45.02
N LEU F 180 15.52 -4.37 -46.05
CA LEU F 180 14.38 -5.28 -46.15
C LEU F 180 14.35 -6.27 -44.99
N GLY F 181 15.52 -6.73 -44.54
CA GLY F 181 15.55 -7.61 -43.39
C GLY F 181 14.95 -6.99 -42.16
N ILE F 182 15.19 -5.69 -41.95
CA ILE F 182 14.59 -5.00 -40.81
C ILE F 182 13.08 -4.96 -40.94
N MET F 183 12.57 -4.66 -42.15
CA MET F 183 11.12 -4.62 -42.32
C MET F 183 10.50 -5.99 -42.08
N TRP F 184 11.21 -7.06 -42.46
CA TRP F 184 10.71 -8.40 -42.19
C TRP F 184 10.77 -8.73 -40.71
N GLY F 185 11.86 -8.34 -40.04
CA GLY F 185 11.94 -8.57 -38.60
C GLY F 185 10.78 -7.94 -37.84
N VAL F 186 10.47 -6.68 -38.17
CA VAL F 186 9.38 -5.98 -37.48
C VAL F 186 8.05 -6.66 -37.77
N LEU F 187 7.68 -6.76 -39.06
CA LEU F 187 6.43 -7.41 -39.42
C LEU F 187 6.33 -8.81 -38.83
N ASN F 188 7.46 -9.52 -38.72
CA ASN F 188 7.44 -10.85 -38.14
C ASN F 188 7.23 -10.80 -36.63
N GLY F 189 7.92 -9.89 -35.95
CA GLY F 189 7.67 -9.71 -34.53
C GLY F 189 6.23 -9.29 -34.24
N PHE F 190 5.71 -8.36 -35.03
CA PHE F 190 4.32 -7.94 -34.86
C PHE F 190 3.37 -9.11 -35.07
N LEU F 191 3.63 -9.94 -36.09
CA LEU F 191 2.77 -11.09 -36.33
C LEU F 191 2.82 -12.08 -35.18
N GLN F 192 4.01 -12.30 -34.62
CA GLN F 192 4.12 -13.19 -33.47
C GLN F 192 3.34 -12.65 -32.27
N GLY F 193 3.31 -11.33 -32.10
CA GLY F 193 2.55 -10.76 -31.01
C GLY F 193 1.05 -10.87 -31.22
N ALA F 194 0.58 -10.50 -32.41
CA ALA F 194 -0.84 -10.65 -32.72
C ALA F 194 -1.29 -12.10 -32.56
N ALA F 195 -0.40 -13.05 -32.84
CA ALA F 195 -0.74 -14.46 -32.65
C ALA F 195 -0.89 -14.79 -31.17
N LEU F 196 -0.04 -14.21 -30.33
CA LEU F 196 -0.15 -14.43 -28.89
C LEU F 196 -1.40 -13.77 -28.34
N LEU F 197 -1.54 -12.46 -28.53
CA LEU F 197 -2.71 -11.75 -28.05
C LEU F 197 -4.01 -12.27 -28.68
N GLY F 198 -3.91 -12.90 -29.86
CA GLY F 198 -5.09 -13.56 -30.41
C GLY F 198 -5.64 -14.62 -29.48
N THR F 199 -4.75 -15.41 -28.86
CA THR F 199 -5.17 -16.42 -27.91
C THR F 199 -6.00 -15.83 -26.77
N ALA F 200 -5.90 -14.52 -26.53
CA ALA F 200 -6.68 -13.84 -25.51
C ALA F 200 -7.81 -13.02 -26.11
N LYS F 201 -8.22 -13.32 -27.34
CA LYS F 201 -9.27 -12.58 -28.02
C LYS F 201 -8.95 -11.09 -28.10
N VAL F 202 -7.68 -10.77 -28.38
CA VAL F 202 -7.22 -9.41 -28.55
C VAL F 202 -7.07 -9.16 -30.05
N LYS F 203 -7.95 -8.34 -30.61
CA LYS F 203 -7.91 -8.06 -32.03
C LYS F 203 -6.60 -7.38 -32.40
N ALA F 204 -6.09 -7.71 -33.59
CA ALA F 204 -4.86 -7.09 -34.06
C ALA F 204 -4.98 -5.57 -34.06
N THR F 205 -6.14 -5.04 -34.44
CA THR F 205 -6.35 -3.60 -34.43
C THR F 205 -6.17 -3.02 -33.05
N THR F 206 -6.48 -3.79 -32.01
CA THR F 206 -6.25 -3.33 -30.64
C THR F 206 -4.76 -3.37 -30.29
N PHE F 207 -4.02 -4.28 -30.88
CA PHE F 207 -2.59 -4.42 -30.63
C PHE F 207 -1.74 -3.51 -31.52
N ALA F 208 -2.24 -3.17 -32.70
CA ALA F 208 -1.46 -2.34 -33.62
C ALA F 208 -0.98 -1.04 -33.02
N PRO F 209 -1.80 -0.28 -32.27
CA PRO F 209 -1.28 0.99 -31.72
C PRO F 209 -0.14 0.78 -30.74
N LEU F 210 -0.30 -0.14 -29.78
CA LEU F 210 0.77 -0.39 -28.82
C LEU F 210 2.03 -0.86 -29.51
N ALA F 211 1.90 -1.82 -30.43
CA ALA F 211 3.06 -2.34 -31.14
C ALA F 211 3.84 -1.23 -31.82
N ASN F 212 3.14 -0.39 -32.59
CA ASN F 212 3.82 0.71 -33.26
C ASN F 212 4.56 1.59 -32.26
N THR F 213 3.87 1.99 -31.19
CA THR F 213 4.52 2.75 -30.12
C THR F 213 5.89 2.17 -29.77
N LEU F 214 5.92 0.89 -29.38
CA LEU F 214 7.20 0.25 -29.08
C LEU F 214 8.14 0.35 -30.27
N ILE F 215 7.60 0.22 -31.49
CA ILE F 215 8.44 0.34 -32.68
C ILE F 215 9.10 1.71 -32.75
N ASN F 216 8.29 2.77 -32.65
CA ASN F 216 8.85 4.11 -32.64
C ASN F 216 9.91 4.27 -31.56
N LEU F 217 9.67 3.68 -30.38
CA LEU F 217 10.57 3.88 -29.25
C LEU F 217 11.86 3.09 -29.39
N ILE F 218 11.79 1.88 -29.95
CA ILE F 218 12.97 1.02 -30.00
C ILE F 218 14.08 1.64 -30.86
N THR F 219 13.74 2.59 -31.74
CA THR F 219 14.76 3.27 -32.50
C THR F 219 15.79 3.93 -31.59
N GLU F 220 15.39 4.31 -30.38
CA GLU F 220 16.34 4.87 -29.42
C GLU F 220 17.44 3.87 -29.10
N ARG F 221 17.10 2.58 -29.00
CA ARG F 221 18.10 1.56 -28.70
C ARG F 221 19.00 1.32 -29.91
N VAL F 222 18.45 1.35 -31.12
CA VAL F 222 19.28 1.23 -32.32
C VAL F 222 20.35 2.30 -32.33
N THR F 223 19.93 3.56 -32.15
CA THR F 223 20.90 4.65 -32.09
C THR F 223 21.92 4.43 -30.99
N ALA F 224 21.49 3.86 -29.86
CA ALA F 224 22.39 3.65 -28.74
C ALA F 224 23.36 2.49 -28.99
N TYR F 225 22.93 1.45 -29.72
CA TYR F 225 23.77 0.28 -29.91
C TYR F 225 24.75 0.46 -31.06
N ALA F 226 24.42 1.31 -32.04
CA ALA F 226 25.25 1.46 -33.23
C ALA F 226 26.69 1.78 -32.84
N PRO F 227 26.94 2.85 -32.07
CA PRO F 227 28.32 3.14 -31.66
C PRO F 227 29.01 1.96 -31.01
N GLN F 228 28.28 1.12 -30.27
CA GLN F 228 28.91 -0.03 -29.63
C GLN F 228 29.36 -1.06 -30.66
N ILE F 229 28.59 -1.23 -31.74
CA ILE F 229 28.99 -2.17 -32.78
C ILE F 229 30.29 -1.71 -33.43
N ASP F 230 30.39 -0.41 -33.74
CA ASP F 230 31.58 0.09 -34.41
C ASP F 230 32.79 0.07 -33.48
N GLU F 231 32.59 0.39 -32.20
CA GLU F 231 33.72 0.44 -31.27
C GLU F 231 34.22 -0.96 -30.92
N GLY F 232 33.36 -1.97 -30.97
CA GLY F 232 33.74 -3.32 -30.62
C GLY F 232 33.64 -3.65 -29.14
N LYS F 233 33.26 -2.69 -28.30
CA LYS F 233 33.05 -2.91 -26.89
C LYS F 233 31.57 -2.86 -26.59
N TYR F 234 31.03 -3.90 -25.94
CA TYR F 234 29.60 -4.10 -25.77
C TYR F 234 29.24 -4.03 -24.29
N PRO F 235 29.32 -2.85 -23.69
CA PRO F 235 28.94 -2.71 -22.27
C PRO F 235 27.46 -3.01 -22.07
N ALA F 236 27.17 -3.81 -21.04
CA ALA F 236 25.79 -4.15 -20.69
C ALA F 236 25.23 -3.07 -19.76
N GLY F 237 24.96 -1.91 -20.35
CA GLY F 237 24.48 -0.79 -19.58
C GLY F 237 23.00 -0.84 -19.28
N ASP F 238 22.20 -1.38 -20.20
CA ASP F 238 20.76 -1.50 -20.00
C ASP F 238 20.35 -2.90 -19.58
N ALA F 239 20.84 -3.93 -20.28
CA ALA F 239 20.48 -5.31 -19.96
C ALA F 239 21.54 -6.23 -20.52
N THR F 240 21.85 -7.29 -19.79
CA THR F 240 22.83 -8.28 -20.22
C THR F 240 22.15 -9.35 -21.09
N MET F 241 22.98 -10.12 -21.79
CA MET F 241 22.46 -11.17 -22.65
C MET F 241 21.76 -12.25 -21.84
N THR F 242 22.26 -12.53 -20.63
CA THR F 242 21.57 -13.49 -19.77
C THR F 242 20.16 -13.02 -19.43
N VAL F 243 19.97 -11.71 -19.31
CA VAL F 243 18.62 -11.17 -19.13
C VAL F 243 17.84 -11.26 -20.44
N HIS F 244 18.53 -11.15 -21.57
CA HIS F 244 17.85 -11.27 -22.87
C HIS F 244 17.40 -12.69 -23.14
N GLN F 245 18.31 -13.66 -22.99
CA GLN F 245 17.96 -15.04 -23.29
C GLN F 245 16.91 -15.57 -22.33
N ASP F 246 16.98 -15.18 -21.05
CA ASP F 246 15.93 -15.57 -20.11
C ASP F 246 14.57 -15.06 -20.59
N ALA F 247 14.52 -13.82 -21.09
CA ALA F 247 13.27 -13.29 -21.62
C ALA F 247 12.88 -14.01 -22.91
N MET F 248 13.85 -14.28 -23.78
CA MET F 248 13.57 -15.06 -24.98
C MET F 248 13.06 -16.45 -24.61
N GLU F 249 13.67 -17.07 -23.60
CA GLU F 249 13.20 -18.36 -23.12
C GLU F 249 11.72 -18.31 -22.74
N HIS F 250 11.29 -17.22 -22.10
CA HIS F 250 9.90 -17.09 -21.70
C HIS F 250 8.98 -16.95 -22.91
N LEU F 251 9.39 -16.15 -23.90
CA LEU F 251 8.56 -15.98 -25.09
C LEU F 251 8.35 -17.30 -25.81
N ALA F 252 9.33 -18.22 -25.72
CA ALA F 252 9.16 -19.54 -26.31
C ALA F 252 8.14 -20.35 -25.52
N GLU F 253 8.37 -20.51 -24.22
CA GLU F 253 7.43 -21.25 -23.38
C GLU F 253 6.01 -20.74 -23.55
N GLU F 254 5.82 -19.42 -23.43
CA GLU F 254 4.49 -18.85 -23.58
C GLU F 254 3.90 -19.18 -24.94
N SER F 255 4.72 -19.14 -25.99
CA SER F 255 4.23 -19.45 -27.33
C SER F 255 3.77 -20.90 -27.42
N GLU F 256 4.60 -21.83 -26.95
CA GLU F 256 4.19 -23.23 -26.93
C GLU F 256 2.94 -23.44 -26.09
N THR F 257 2.88 -22.80 -24.92
CA THR F 257 1.76 -23.01 -24.02
C THR F 257 0.45 -22.56 -24.61
N LEU F 258 0.48 -21.55 -25.48
CA LEU F 258 -0.73 -20.92 -25.98
C LEU F 258 -1.18 -21.47 -27.34
N GLY F 259 -0.53 -22.53 -27.83
CA GLY F 259 -0.97 -23.14 -29.07
C GLY F 259 -0.51 -22.46 -30.34
N ILE F 260 0.56 -21.68 -30.27
CA ILE F 260 1.07 -20.99 -31.44
C ILE F 260 2.54 -21.33 -31.66
N SER F 261 3.15 -20.75 -32.69
CA SER F 261 4.50 -21.12 -33.07
C SER F 261 5.53 -20.54 -32.10
N ALA F 262 6.54 -21.34 -31.81
CA ALA F 262 7.73 -20.89 -31.09
C ALA F 262 8.97 -20.91 -31.98
N GLU F 263 8.80 -21.11 -33.28
CA GLU F 263 9.92 -21.20 -34.19
C GLU F 263 10.81 -19.95 -34.10
N MET F 264 10.23 -18.79 -34.39
CA MET F 264 10.98 -17.55 -34.28
C MET F 264 11.48 -17.32 -32.86
N PRO F 265 10.68 -17.48 -31.81
CA PRO F 265 11.23 -17.35 -30.45
C PRO F 265 12.38 -18.29 -30.18
N ARG F 266 12.26 -19.57 -30.55
CA ARG F 266 13.36 -20.50 -30.36
C ARG F 266 14.57 -20.13 -31.23
N PHE F 267 14.31 -19.55 -32.40
CA PHE F 267 15.42 -19.09 -33.25
C PHE F 267 16.17 -17.94 -32.58
N PHE F 268 15.45 -17.01 -31.96
CA PHE F 268 16.12 -15.90 -31.28
C PHE F 268 17.01 -16.39 -30.15
N LYS F 269 16.52 -17.36 -29.36
CA LYS F 269 17.31 -17.88 -28.25
C LYS F 269 18.51 -18.67 -28.74
N ALA F 270 18.39 -19.33 -29.90
CA ALA F 270 19.52 -20.05 -30.47
C ALA F 270 20.74 -19.15 -30.62
N LEU F 271 20.53 -17.95 -31.18
CA LEU F 271 21.64 -17.02 -31.35
C LEU F 271 22.12 -16.48 -30.01
N ALA F 272 21.19 -15.98 -29.19
CA ALA F 272 21.57 -15.50 -27.86
C ALA F 272 22.33 -16.58 -27.09
N ASP F 273 21.98 -17.84 -27.30
CA ASP F 273 22.75 -18.93 -26.69
C ASP F 273 24.19 -18.92 -27.19
N ARG F 274 24.38 -18.74 -28.50
CA ARG F 274 25.73 -18.72 -29.05
C ARG F 274 26.53 -17.54 -28.51
N ALA F 275 25.92 -16.36 -28.50
CA ALA F 275 26.60 -15.18 -27.96
C ALA F 275 27.04 -15.41 -26.52
N VAL F 276 26.17 -16.03 -25.72
CA VAL F 276 26.54 -16.34 -24.33
C VAL F 276 27.70 -17.32 -24.29
N ALA F 277 27.65 -18.35 -25.15
CA ALA F 277 28.75 -19.30 -25.21
C ALA F 277 30.06 -18.61 -25.60
N ASP F 278 29.97 -17.56 -26.41
CA ASP F 278 31.17 -16.81 -26.81
C ASP F 278 31.58 -15.83 -25.71
N GLY F 279 31.24 -16.15 -24.46
CA GLY F 279 31.67 -15.35 -23.34
C GLY F 279 31.06 -13.97 -23.26
N HIS F 280 29.89 -13.75 -23.86
CA HIS F 280 29.24 -12.45 -23.84
C HIS F 280 28.02 -12.44 -22.92
N ALA F 281 27.94 -13.37 -21.98
CA ALA F 281 26.78 -13.45 -21.10
C ALA F 281 26.53 -12.12 -20.40
N ASP F 282 27.57 -11.45 -19.94
CA ASP F 282 27.46 -10.19 -19.22
C ASP F 282 27.64 -8.98 -20.12
N SER F 283 27.56 -9.15 -21.44
CA SER F 283 27.65 -8.04 -22.36
C SER F 283 26.25 -7.56 -22.73
N GLY F 284 26.21 -6.38 -23.35
CA GLY F 284 24.96 -5.88 -23.89
C GLY F 284 24.53 -6.65 -25.12
N TYR F 285 23.32 -6.34 -25.59
CA TYR F 285 22.81 -7.01 -26.79
C TYR F 285 23.64 -6.67 -28.02
N ALA F 286 24.45 -5.61 -27.97
CA ALA F 286 25.29 -5.25 -29.11
C ALA F 286 26.22 -6.39 -29.50
N ALA F 287 26.62 -7.23 -28.53
CA ALA F 287 27.49 -8.36 -28.85
C ALA F 287 26.87 -9.29 -29.87
N MET F 288 25.55 -9.24 -30.08
CA MET F 288 24.92 -10.10 -31.07
C MET F 288 25.40 -9.84 -32.48
N ILE F 289 26.14 -8.74 -32.70
CA ILE F 289 26.69 -8.49 -34.03
C ILE F 289 27.66 -9.59 -34.43
N GLU F 290 28.41 -10.14 -33.47
CA GLU F 290 29.33 -11.22 -33.78
C GLU F 290 28.61 -12.42 -34.36
N GLN F 291 27.43 -12.74 -33.82
CA GLN F 291 26.67 -13.88 -34.32
C GLN F 291 26.20 -13.64 -35.76
N PHE F 292 25.80 -12.42 -36.08
CA PHE F 292 25.34 -12.10 -37.42
C PHE F 292 26.48 -11.96 -38.42
N ARG F 293 27.70 -12.34 -38.02
CA ARG F 293 28.86 -12.31 -38.91
C ARG F 293 29.42 -13.69 -39.21
N LYS F 294 29.28 -14.65 -38.30
CA LYS F 294 29.79 -15.99 -38.53
C LYS F 294 29.05 -16.63 -39.70
N PRO F 295 29.76 -17.31 -40.62
CA PRO F 295 29.13 -17.98 -41.76
C PRO F 295 28.41 -19.27 -41.35
N ALA G 7 41.36 -37.88 50.66
CA ALA G 7 40.25 -38.67 51.21
C ALA G 7 39.87 -38.19 52.60
N GLN G 8 39.23 -39.08 53.36
CA GLN G 8 38.82 -38.77 54.74
C GLN G 8 37.55 -37.94 54.75
N ALA G 9 37.23 -37.30 53.62
CA ALA G 9 36.00 -36.53 53.51
C ALA G 9 34.89 -37.43 53.01
N PRO G 10 33.86 -37.70 53.80
CA PRO G 10 32.81 -38.62 53.35
C PRO G 10 31.99 -38.03 52.21
N VAL G 11 31.46 -38.92 51.38
CA VAL G 11 30.61 -38.51 50.26
C VAL G 11 29.59 -39.61 50.00
N SER G 12 28.36 -39.21 49.74
CA SER G 12 27.28 -40.11 49.37
C SER G 12 26.90 -39.88 47.91
N VAL G 13 26.45 -40.94 47.25
CA VAL G 13 26.05 -40.90 45.84
C VAL G 13 24.65 -41.48 45.73
N ILE G 14 23.69 -40.65 45.34
CA ILE G 14 22.29 -41.04 45.19
C ILE G 14 22.00 -41.17 43.69
N GLY G 15 21.69 -42.39 43.26
CA GLY G 15 21.45 -42.65 41.86
C GLY G 15 22.61 -43.38 41.21
N LEU G 16 22.47 -44.69 41.05
CA LEU G 16 23.59 -45.50 40.57
C LEU G 16 23.37 -46.00 39.15
N GLY G 17 23.09 -45.09 38.23
CA GLY G 17 23.14 -45.42 36.83
C GLY G 17 24.57 -45.61 36.37
N LEU G 18 24.74 -45.64 35.05
CA LEU G 18 26.08 -45.81 34.49
C LEU G 18 27.02 -44.70 34.97
N MET G 19 26.53 -43.46 35.02
CA MET G 19 27.33 -42.36 35.54
C MET G 19 27.43 -42.42 37.05
N GLY G 20 26.34 -42.76 37.73
CA GLY G 20 26.37 -42.83 39.18
C GLY G 20 27.42 -43.79 39.71
N GLN G 21 27.56 -44.96 39.07
CA GLN G 21 28.57 -45.91 39.49
C GLN G 21 29.97 -45.35 39.25
N ALA G 22 30.19 -44.73 38.10
CA ALA G 22 31.49 -44.12 37.83
C ALA G 22 31.82 -43.04 38.85
N LEU G 23 30.80 -42.35 39.36
CA LEU G 23 31.02 -41.36 40.41
C LEU G 23 31.47 -42.02 41.71
N ALA G 24 30.67 -42.97 42.20
CA ALA G 24 30.99 -43.64 43.45
C ALA G 24 32.31 -44.40 43.35
N ALA G 25 32.56 -45.03 42.20
CA ALA G 25 33.82 -45.76 42.02
C ALA G 25 35.01 -44.81 42.10
N ALA G 26 34.91 -43.66 41.43
CA ALA G 26 36.00 -42.68 41.48
C ALA G 26 36.25 -42.20 42.90
N PHE G 27 35.18 -41.90 43.64
CA PHE G 27 35.34 -41.50 45.04
C PHE G 27 36.00 -42.62 45.84
N LEU G 28 35.61 -43.87 45.57
CA LEU G 28 36.20 -45.00 46.30
C LEU G 28 37.69 -45.11 46.03
N LYS G 29 38.08 -45.09 44.75
CA LYS G 29 39.49 -45.23 44.41
C LYS G 29 40.34 -44.12 45.02
N ALA G 30 39.74 -42.96 45.27
CA ALA G 30 40.45 -41.86 45.92
C ALA G 30 40.51 -42.02 47.43
N GLY G 31 39.92 -43.08 47.98
CA GLY G 31 39.94 -43.33 49.41
C GLY G 31 38.82 -42.70 50.19
N HIS G 32 37.81 -42.15 49.53
CA HIS G 32 36.73 -41.49 50.24
C HIS G 32 35.77 -42.53 50.82
N PRO G 33 35.39 -42.39 52.08
CA PRO G 33 34.28 -43.22 52.60
C PRO G 33 32.99 -42.90 51.87
N THR G 34 32.58 -43.78 50.97
CA THR G 34 31.49 -43.50 50.05
C THR G 34 30.26 -44.32 50.43
N THR G 35 29.18 -43.62 50.78
CA THR G 35 27.87 -44.23 50.96
C THR G 35 27.06 -44.08 49.68
N VAL G 36 26.40 -45.16 49.26
CA VAL G 36 25.65 -45.17 48.01
C VAL G 36 24.22 -45.59 48.27
N TRP G 37 23.32 -45.11 47.41
CA TRP G 37 21.92 -45.52 47.42
C TRP G 37 21.39 -45.50 46.00
N ASN G 38 20.56 -46.49 45.68
CA ASN G 38 19.91 -46.56 44.37
C ASN G 38 18.52 -47.13 44.53
N ARG G 39 17.56 -46.54 43.82
CA ARG G 39 16.17 -46.99 43.90
C ARG G 39 16.07 -48.49 43.60
N ARG G 40 16.94 -49.00 42.73
CA ARG G 40 17.07 -50.44 42.50
C ARG G 40 18.35 -50.88 43.21
N ALA G 41 18.20 -51.41 44.42
CA ALA G 41 19.35 -51.76 45.24
C ALA G 41 20.33 -52.70 44.54
N ALA G 42 19.85 -53.46 43.55
CA ALA G 42 20.73 -54.41 42.87
C ALA G 42 21.89 -53.72 42.17
N LYS G 43 21.69 -52.47 41.73
CA LYS G 43 22.73 -51.75 40.99
C LYS G 43 23.86 -51.25 41.88
N ALA G 44 23.76 -51.42 43.20
CA ALA G 44 24.80 -51.01 44.13
C ALA G 44 25.62 -52.18 44.65
N ASP G 45 25.62 -53.30 43.94
CA ASP G 45 26.26 -54.51 44.44
C ASP G 45 27.78 -54.46 44.29
N GLN G 46 28.26 -54.36 43.05
CA GLN G 46 29.70 -54.33 42.82
C GLN G 46 30.37 -53.20 43.59
N LEU G 47 29.68 -52.07 43.73
CA LEU G 47 30.24 -50.95 44.47
C LEU G 47 30.48 -51.32 45.93
N VAL G 48 29.54 -52.05 46.53
CA VAL G 48 29.72 -52.49 47.92
C VAL G 48 30.96 -53.37 48.03
N SER G 49 31.14 -54.30 47.10
CA SER G 49 32.36 -55.09 47.08
C SER G 49 33.59 -54.19 46.95
N GLU G 50 33.47 -53.08 46.23
CA GLU G 50 34.57 -52.16 46.02
C GLU G 50 34.84 -51.27 47.23
N GLY G 51 34.09 -51.44 48.32
CA GLY G 51 34.31 -50.69 49.54
C GLY G 51 33.19 -49.73 49.92
N ALA G 52 32.20 -49.54 49.05
CA ALA G 52 31.14 -48.60 49.35
C ALA G 52 30.20 -49.18 50.41
N THR G 53 29.46 -48.28 51.05
CA THR G 53 28.47 -48.64 52.07
C THR G 53 27.09 -48.44 51.47
N ARG G 54 26.35 -49.54 51.30
CA ARG G 54 24.99 -49.46 50.79
C ARG G 54 24.06 -48.85 51.84
N ALA G 55 23.31 -47.84 51.44
CA ALA G 55 22.33 -47.19 52.30
C ALA G 55 20.96 -47.77 52.03
N GLY G 56 20.25 -48.14 53.10
CA GLY G 56 18.93 -48.72 52.93
C GLY G 56 17.92 -47.72 52.37
N SER G 57 17.96 -46.48 52.87
CA SER G 57 17.02 -45.44 52.47
C SER G 57 17.80 -44.23 52.00
N VAL G 58 17.10 -43.37 51.24
CA VAL G 58 17.69 -42.10 50.82
C VAL G 58 18.12 -41.29 52.02
N ALA G 59 17.40 -41.40 53.13
CA ALA G 59 17.76 -40.68 54.35
C ALA G 59 19.05 -41.22 54.95
N ASP G 60 19.24 -42.53 54.91
CA ASP G 60 20.46 -43.12 55.46
C ASP G 60 21.69 -42.59 54.74
N ALA G 61 21.66 -42.56 53.41
CA ALA G 61 22.81 -42.03 52.66
C ALA G 61 23.04 -40.56 52.97
N ILE G 62 21.96 -39.79 53.15
CA ILE G 62 22.10 -38.36 53.41
C ILE G 62 22.85 -38.13 54.71
N ALA G 63 22.50 -38.88 55.76
CA ALA G 63 23.11 -38.66 57.06
C ALA G 63 24.57 -39.10 57.10
N ALA G 64 25.02 -39.91 56.14
CA ALA G 64 26.35 -40.49 56.20
C ALA G 64 27.46 -39.52 55.80
N SER G 65 27.14 -38.48 55.04
CA SER G 65 28.16 -37.62 54.47
C SER G 65 27.70 -36.17 54.52
N PRO G 66 28.65 -35.23 54.62
CA PRO G 66 28.29 -33.80 54.51
C PRO G 66 28.08 -33.36 53.06
N LEU G 67 28.49 -34.17 52.09
CA LEU G 67 28.37 -33.86 50.67
C LEU G 67 27.56 -34.94 49.99
N VAL G 68 26.40 -34.58 49.44
CA VAL G 68 25.49 -35.52 48.80
C VAL G 68 25.55 -35.30 47.30
N VAL G 69 25.90 -36.36 46.56
CA VAL G 69 26.01 -36.32 45.11
C VAL G 69 24.78 -37.01 44.52
N LEU G 70 24.10 -36.34 43.60
CA LEU G 70 22.91 -36.86 42.96
C LEU G 70 23.18 -37.07 41.47
N CYS G 71 22.80 -38.25 40.96
CA CYS G 71 22.91 -38.56 39.54
C CYS G 71 21.74 -39.49 39.19
N VAL G 72 20.58 -38.88 38.96
CA VAL G 72 19.37 -39.64 38.64
C VAL G 72 18.95 -39.34 37.20
N SER G 73 17.77 -39.84 36.82
CA SER G 73 17.34 -39.72 35.43
C SER G 73 17.03 -38.27 35.06
N ASP G 74 16.17 -37.61 35.83
CA ASP G 74 15.75 -36.25 35.52
C ASP G 74 15.59 -35.47 36.82
N TYR G 75 15.29 -34.18 36.69
CA TYR G 75 15.05 -33.35 37.86
C TYR G 75 13.75 -33.73 38.57
N GLY G 76 12.81 -34.36 37.87
CA GLY G 76 11.63 -34.87 38.54
C GLY G 76 11.98 -35.81 39.68
N ALA G 77 12.82 -36.81 39.40
CA ALA G 77 13.30 -37.69 40.45
C ALA G 77 14.12 -36.92 41.48
N VAL G 78 14.76 -35.83 41.06
CA VAL G 78 15.53 -35.01 42.00
C VAL G 78 14.63 -34.47 43.10
N ARG G 79 13.64 -33.67 42.70
CA ARG G 79 12.70 -33.13 43.69
C ARG G 79 11.90 -34.23 44.37
N GLU G 80 11.71 -35.36 43.69
CA GLU G 80 10.99 -36.47 44.32
C GLU G 80 11.75 -37.00 45.52
N LEU G 81 13.02 -37.37 45.33
CA LEU G 81 13.80 -37.95 46.41
C LEU G 81 14.18 -36.90 47.45
N LEU G 82 14.36 -35.64 47.05
CA LEU G 82 14.90 -34.63 47.94
C LEU G 82 13.82 -33.91 48.74
N ASP G 83 12.67 -33.64 48.13
CA ASP G 83 11.61 -32.89 48.81
C ASP G 83 11.31 -33.41 50.21
N PRO G 84 11.09 -34.71 50.43
CA PRO G 84 10.74 -35.18 51.78
C PRO G 84 11.86 -35.00 52.81
N LEU G 85 13.06 -34.59 52.40
CA LEU G 85 14.20 -34.48 53.30
C LEU G 85 14.61 -33.03 53.54
N ALA G 86 13.67 -32.10 53.40
CA ALA G 86 14.01 -30.68 53.48
C ALA G 86 14.76 -30.35 54.78
N GLY G 87 14.40 -31.00 55.88
CA GLY G 87 15.04 -30.72 57.15
C GLY G 87 16.40 -31.36 57.31
N SER G 88 16.60 -32.55 56.75
CA SER G 88 17.84 -33.28 56.93
C SER G 88 19.00 -32.66 56.15
N LEU G 89 18.71 -31.83 55.15
CA LEU G 89 19.76 -31.27 54.30
C LEU G 89 20.43 -30.03 54.90
N LYS G 90 19.85 -29.45 55.94
CA LYS G 90 20.42 -28.24 56.54
C LYS G 90 21.86 -28.49 56.95
N GLY G 91 22.77 -27.68 56.40
CA GLY G 91 24.19 -27.79 56.71
C GLY G 91 25.00 -28.64 55.77
N LYS G 92 24.39 -29.20 54.73
CA LYS G 92 25.08 -30.06 53.78
C LYS G 92 25.14 -29.39 52.42
N VAL G 93 25.91 -30.00 51.52
CA VAL G 93 26.06 -29.52 50.15
C VAL G 93 25.52 -30.61 49.21
N VAL G 94 24.58 -30.22 48.36
CA VAL G 94 24.02 -31.11 47.36
C VAL G 94 24.65 -30.77 46.01
N VAL G 95 25.34 -31.72 45.42
CA VAL G 95 25.91 -31.58 44.08
C VAL G 95 25.10 -32.46 43.14
N ASN G 96 24.36 -31.83 42.23
CA ASN G 96 23.41 -32.52 41.37
C ASN G 96 23.95 -32.54 39.95
N TYR G 97 24.44 -33.70 39.51
CA TYR G 97 24.94 -33.88 38.16
C TYR G 97 23.86 -34.30 37.16
N THR G 98 22.60 -34.34 37.58
CA THR G 98 21.55 -34.84 36.72
C THR G 98 21.40 -33.97 35.48
N THR G 99 21.10 -34.60 34.35
CA THR G 99 20.90 -33.88 33.10
C THR G 99 19.57 -33.14 33.13
N GLY G 100 19.60 -31.88 32.73
CA GLY G 100 18.39 -31.07 32.75
C GLY G 100 18.64 -29.71 32.17
N THR G 101 17.57 -28.93 32.07
CA THR G 101 17.62 -27.60 31.51
C THR G 101 18.04 -26.58 32.56
N SER G 102 18.54 -25.44 32.07
CA SER G 102 18.94 -24.36 32.97
C SER G 102 17.77 -23.91 33.84
N THR G 103 16.54 -24.06 33.34
CA THR G 103 15.37 -23.69 34.12
C THR G 103 15.21 -24.60 35.33
N GLN G 104 15.34 -25.91 35.12
CA GLN G 104 15.26 -26.85 36.24
C GLN G 104 16.36 -26.59 37.26
N ALA G 105 17.61 -26.50 36.79
CA ALA G 105 18.73 -26.27 37.70
C ALA G 105 18.52 -25.02 38.53
N ARG G 106 17.91 -23.97 37.94
CA ARG G 106 17.64 -22.76 38.68
C ARG G 106 16.44 -22.92 39.61
N GLU G 107 15.43 -23.65 39.16
CA GLU G 107 14.27 -23.90 40.02
C GLU G 107 14.67 -24.71 41.25
N THR G 108 15.57 -25.68 41.07
CA THR G 108 16.06 -26.44 42.22
C THR G 108 16.90 -25.59 43.15
N ALA G 109 17.69 -24.67 42.59
CA ALA G 109 18.52 -23.80 43.41
C ALA G 109 17.67 -22.96 44.35
N GLU G 110 16.51 -22.49 43.87
CA GLU G 110 15.61 -21.72 44.72
C GLU G 110 15.02 -22.60 45.82
N TRP G 111 14.72 -23.86 45.49
CA TRP G 111 14.18 -24.78 46.51
C TRP G 111 15.20 -25.01 47.62
N ALA G 112 16.47 -25.20 47.26
CA ALA G 112 17.51 -25.36 48.27
C ALA G 112 17.53 -24.17 49.23
N ALA G 113 17.46 -22.95 48.69
CA ALA G 113 17.44 -21.77 49.53
C ALA G 113 16.30 -21.82 50.54
N GLY G 114 15.14 -22.29 50.11
CA GLY G 114 13.99 -22.34 51.01
C GLY G 114 14.19 -23.31 52.16
N VAL G 115 14.76 -24.49 51.87
CA VAL G 115 14.97 -25.49 52.90
C VAL G 115 16.33 -25.25 53.55
N GLU G 116 16.94 -24.11 53.25
CA GLU G 116 18.20 -23.70 53.85
C GLU G 116 19.26 -24.79 53.74
N THR G 117 19.56 -25.15 52.50
CA THR G 117 20.65 -26.06 52.18
C THR G 117 21.43 -25.51 51.01
N THR G 118 22.71 -25.88 50.93
CA THR G 118 23.58 -25.43 49.87
C THR G 118 23.46 -26.37 48.67
N TYR G 119 23.40 -25.79 47.47
CA TYR G 119 23.15 -26.54 46.25
C TYR G 119 24.18 -26.17 45.19
N LEU G 120 24.82 -27.18 44.62
CA LEU G 120 25.78 -27.01 43.53
C LEU G 120 25.26 -27.77 42.32
N ASP G 121 24.86 -27.03 41.29
CA ASP G 121 24.44 -27.64 40.04
C ASP G 121 25.68 -27.97 39.21
N GLY G 122 25.83 -29.24 38.85
CA GLY G 122 26.99 -29.67 38.11
C GLY G 122 26.65 -30.35 36.80
N ALA G 123 27.64 -30.48 35.92
CA ALA G 123 27.44 -31.12 34.63
C ALA G 123 28.71 -31.85 34.24
N ILE G 124 28.59 -33.14 33.95
CA ILE G 124 29.71 -33.96 33.50
C ILE G 124 29.68 -34.01 31.99
N MET G 125 30.76 -33.53 31.36
CA MET G 125 30.85 -33.48 29.90
C MET G 125 31.75 -34.63 29.45
N GLY G 126 31.12 -35.75 29.12
CA GLY G 126 31.84 -36.92 28.67
C GLY G 126 31.24 -38.21 29.19
N PRO G 127 31.64 -39.34 28.60
CA PRO G 127 31.13 -40.64 29.05
C PRO G 127 31.63 -40.97 30.43
N PRO G 128 31.13 -42.04 31.04
CA PRO G 128 31.54 -42.41 32.40
C PRO G 128 33.02 -42.69 32.48
N PRO G 129 33.57 -43.51 31.56
CA PRO G 129 35.00 -43.86 31.65
C PRO G 129 35.92 -42.66 31.83
N TRP G 130 35.53 -41.47 31.34
CA TRP G 130 36.38 -40.30 31.46
C TRP G 130 36.54 -39.84 32.91
N LEU G 131 35.67 -40.29 33.81
CA LEU G 131 35.74 -39.85 35.20
C LEU G 131 37.02 -40.32 35.85
N ALA G 132 37.56 -39.49 36.74
CA ALA G 132 38.80 -39.76 37.47
C ALA G 132 40.01 -39.83 36.55
N THR G 133 39.91 -39.25 35.35
CA THR G 133 41.02 -39.17 34.41
C THR G 133 41.29 -37.71 34.08
N ASP G 134 42.27 -37.48 33.21
CA ASP G 134 42.61 -36.14 32.78
C ASP G 134 41.71 -35.64 31.65
N ALA G 136 38.42 -35.98 31.89
CA ALA G 136 37.15 -35.64 32.51
C ALA G 136 36.94 -34.13 32.51
N ILE G 137 35.70 -33.72 32.26
CA ILE G 137 35.29 -32.32 32.34
C ILE G 137 34.04 -32.26 33.20
N LEU G 138 34.09 -31.48 34.28
CA LEU G 138 32.96 -31.32 35.19
C LEU G 138 32.80 -29.85 35.51
N LEU G 139 31.62 -29.31 35.25
CA LEU G 139 31.32 -27.91 35.49
C LEU G 139 30.41 -27.77 36.70
N TYR G 140 30.61 -26.68 37.45
CA TYR G 140 29.85 -26.41 38.65
C TYR G 140 29.41 -24.95 38.66
N SER G 141 28.16 -24.73 39.07
CA SER G 141 27.60 -23.39 39.19
C SER G 141 26.91 -23.25 40.53
N GLY G 142 27.17 -22.15 41.22
CA GLY G 142 26.61 -21.92 42.52
C GLY G 142 27.59 -21.20 43.43
N PRO G 143 27.41 -21.35 44.74
CA PRO G 143 28.26 -20.63 45.70
C PRO G 143 29.72 -21.07 45.58
N LYS G 144 30.59 -20.11 45.25
CA LYS G 144 32.02 -20.41 45.19
C LYS G 144 32.54 -20.89 46.54
N ALA G 145 31.88 -20.49 47.63
CA ALA G 145 32.25 -21.00 48.94
C ALA G 145 31.98 -22.50 49.04
N ALA G 146 30.84 -22.94 48.53
CA ALA G 146 30.53 -24.37 48.56
C ALA G 146 31.50 -25.17 47.71
N PHE G 147 31.90 -24.63 46.56
CA PHE G 147 32.80 -25.36 45.67
C PHE G 147 34.19 -25.48 46.28
N GLU G 148 34.78 -24.36 46.70
CA GLU G 148 36.13 -24.40 47.25
C GLU G 148 36.20 -25.27 48.49
N GLU G 149 35.13 -25.30 49.29
CA GLU G 149 35.12 -26.16 50.48
C GLU G 149 35.27 -27.63 50.10
N HIS G 150 34.53 -28.06 49.07
CA HIS G 150 34.49 -29.45 48.67
C HIS G 150 35.31 -29.72 47.41
N GLU G 151 36.10 -28.74 46.95
CA GLU G 151 36.85 -28.93 45.71
C GLU G 151 37.81 -30.11 45.80
N ALA G 152 38.42 -30.31 46.96
CA ALA G 152 39.37 -31.41 47.12
C ALA G 152 38.68 -32.76 46.95
N THR G 153 37.44 -32.88 47.43
CA THR G 153 36.68 -34.10 47.19
C THR G 153 36.23 -34.16 45.74
N LEU G 154 35.67 -33.06 45.23
CA LEU G 154 35.20 -33.04 43.84
C LEU G 154 36.31 -33.38 42.87
N ARG G 155 37.53 -32.90 43.12
CA ARG G 155 38.64 -33.17 42.22
C ARG G 155 39.03 -34.64 42.16
N ALA G 156 38.29 -35.52 42.83
CA ALA G 156 38.50 -36.95 42.67
C ALA G 156 37.83 -37.50 41.41
N LEU G 157 36.79 -36.83 40.92
CA LEU G 157 36.10 -37.24 39.70
C LEU G 157 36.80 -36.77 38.44
N GLY G 158 37.88 -36.01 38.56
CA GLY G 158 38.56 -35.46 37.42
C GLY G 158 39.36 -34.23 37.79
N ALA G 159 40.63 -34.43 38.13
CA ALA G 159 41.46 -33.32 38.60
C ALA G 159 41.52 -32.19 37.59
N ALA G 160 41.96 -32.50 36.37
CA ALA G 160 42.19 -31.44 35.39
C ALA G 160 40.89 -30.77 34.96
N GLY G 161 39.78 -31.51 34.94
CA GLY G 161 38.54 -31.00 34.39
C GLY G 161 37.65 -30.21 35.33
N THR G 162 37.89 -30.30 36.64
CA THR G 162 37.02 -29.63 37.61
C THR G 162 37.07 -28.11 37.39
N THR G 163 35.93 -27.54 37.04
CA THR G 163 35.85 -26.13 36.68
C THR G 163 34.62 -25.49 37.32
N TYR G 164 34.85 -24.44 38.09
CA TYR G 164 33.75 -23.64 38.65
C TYR G 164 33.38 -22.55 37.64
N LEU G 165 32.13 -22.56 37.20
CA LEU G 165 31.67 -21.60 36.20
C LEU G 165 31.38 -20.25 36.84
N ASP G 166 30.24 -20.13 37.50
CA ASP G 166 29.86 -18.90 38.17
C ASP G 166 28.70 -19.21 39.11
N THR G 167 28.09 -18.16 39.68
CA THR G 167 27.11 -18.33 40.75
C THR G 167 25.72 -18.68 40.23
N ASP G 168 25.40 -18.35 38.99
CA ASP G 168 24.10 -18.71 38.43
C ASP G 168 24.04 -20.23 38.27
N HIS G 169 23.22 -20.88 39.10
CA HIS G 169 23.17 -22.34 39.09
C HIS G 169 22.88 -22.89 37.70
N GLY G 170 21.98 -22.24 36.96
CA GLY G 170 21.63 -22.72 35.64
C GLY G 170 22.79 -22.76 34.66
N LEU G 171 23.88 -22.04 34.97
CA LEU G 171 25.01 -21.96 34.05
C LEU G 171 25.48 -23.34 33.64
N SER G 172 25.73 -24.23 34.60
CA SER G 172 26.17 -25.58 34.29
C SER G 172 25.24 -26.24 33.28
N ALA G 173 23.93 -26.09 33.47
CA ALA G 173 22.97 -26.67 32.54
C ALA G 173 23.12 -26.07 31.15
N LEU G 174 23.39 -24.76 31.08
CA LEU G 174 23.51 -24.11 29.78
C LEU G 174 24.69 -24.67 28.98
N TYR G 175 25.87 -24.69 29.59
CA TYR G 175 27.03 -25.27 28.92
C TYR G 175 26.77 -26.71 28.52
N ASP G 176 26.03 -27.45 29.35
CA ASP G 176 25.74 -28.84 29.05
C ASP G 176 24.92 -28.96 27.77
N MET G 177 23.75 -28.32 27.73
CA MET G 177 22.92 -28.35 26.53
C MET G 177 23.71 -27.87 25.31
N SER G 178 24.44 -26.75 25.47
CA SER G 178 25.20 -26.19 24.36
C SER G 178 26.23 -27.20 23.85
N LEU G 179 27.02 -27.77 24.76
CA LEU G 179 28.00 -28.76 24.34
C LEU G 179 27.34 -30.00 23.74
N LEU G 180 26.17 -30.38 24.24
CA LEU G 180 25.49 -31.58 23.74
C LEU G 180 25.08 -31.40 22.29
N GLY G 181 24.50 -30.25 21.96
CA GLY G 181 24.16 -29.99 20.56
C GLY G 181 25.36 -30.07 19.65
N ILE G 182 26.54 -29.70 20.15
CA ILE G 182 27.76 -29.82 19.35
C ILE G 182 28.08 -31.28 19.08
N MET G 183 28.03 -32.11 20.12
CA MET G 183 28.35 -33.53 19.95
C MET G 183 27.45 -34.18 18.90
N TRP G 184 26.16 -33.90 18.94
CA TRP G 184 25.25 -34.51 17.97
C TRP G 184 25.47 -33.96 16.57
N GLY G 185 25.85 -32.69 16.45
CA GLY G 185 26.13 -32.14 15.14
C GLY G 185 27.28 -32.83 14.44
N VAL G 186 28.40 -32.99 15.16
CA VAL G 186 29.54 -33.72 14.60
C VAL G 186 29.12 -35.12 14.20
N LEU G 187 28.61 -35.89 15.17
CA LEU G 187 28.23 -37.27 14.89
C LEU G 187 27.24 -37.36 13.75
N ASN G 188 26.21 -36.52 13.76
CA ASN G 188 25.27 -36.50 12.65
C ASN G 188 25.94 -36.09 11.35
N GLY G 189 26.98 -35.25 11.43
CA GLY G 189 27.71 -34.88 10.22
C GLY G 189 28.48 -36.04 9.63
N PHE G 190 29.15 -36.84 10.47
CA PHE G 190 29.79 -38.05 10.00
C PHE G 190 28.77 -38.97 9.34
N LEU G 191 27.76 -39.40 10.11
CA LEU G 191 26.81 -40.40 9.62
C LEU G 191 26.27 -40.02 8.24
N GLN G 192 26.01 -38.73 8.02
CA GLN G 192 25.54 -38.30 6.70
C GLN G 192 26.60 -38.54 5.64
N GLY G 193 27.87 -38.33 5.99
CA GLY G 193 28.94 -38.59 5.03
C GLY G 193 29.15 -40.09 4.82
N ALA G 194 29.27 -40.84 5.92
CA ALA G 194 29.40 -42.29 5.81
C ALA G 194 28.28 -42.88 4.98
N ALA G 195 27.05 -42.39 5.17
CA ALA G 195 25.93 -42.87 4.36
C ALA G 195 26.17 -42.60 2.89
N LEU G 196 26.80 -41.47 2.56
CA LEU G 196 27.08 -41.16 1.16
C LEU G 196 28.21 -42.03 0.62
N LEU G 197 29.36 -42.02 1.30
CA LEU G 197 30.49 -42.84 0.86
C LEU G 197 30.19 -44.33 0.98
N GLY G 198 29.35 -44.72 1.95
CA GLY G 198 28.84 -46.08 1.99
C GLY G 198 28.23 -46.52 0.67
N THR G 199 27.76 -45.57 -0.15
CA THR G 199 27.29 -45.88 -1.49
C THR G 199 28.42 -46.37 -2.40
N ALA G 200 29.68 -46.13 -2.02
CA ALA G 200 30.83 -46.46 -2.85
C ALA G 200 31.91 -47.14 -2.01
N LYS G 201 31.55 -48.25 -1.36
CA LYS G 201 32.53 -49.13 -0.73
C LYS G 201 33.19 -48.50 0.50
N VAL G 202 33.12 -47.17 0.62
CA VAL G 202 33.82 -46.50 1.70
C VAL G 202 33.13 -46.82 3.02
N LYS G 203 33.94 -47.36 3.93
CA LYS G 203 33.43 -47.71 5.27
C LYS G 203 34.04 -46.76 6.30
N ALA G 204 33.37 -46.61 7.44
CA ALA G 204 33.82 -45.71 8.49
C ALA G 204 35.33 -45.82 8.72
N THR G 205 35.87 -47.01 8.50
CA THR G 205 37.31 -47.21 8.68
C THR G 205 38.12 -46.31 7.74
N THR G 206 37.62 -46.11 6.52
CA THR G 206 38.35 -45.29 5.55
C THR G 206 38.06 -43.81 5.73
N PHE G 207 36.84 -43.45 6.12
CA PHE G 207 36.48 -42.04 6.31
C PHE G 207 37.01 -41.51 7.63
N ALA G 208 36.74 -42.22 8.73
CA ALA G 208 37.00 -41.82 10.11
C ALA G 208 38.21 -40.91 10.26
N PRO G 209 39.42 -41.37 9.86
CA PRO G 209 40.61 -40.56 10.15
C PRO G 209 40.67 -39.28 9.33
N LEU G 210 40.29 -39.34 8.05
CA LEU G 210 40.23 -38.11 7.25
C LEU G 210 39.16 -37.17 7.79
N ALA G 211 37.99 -37.70 8.11
CA ALA G 211 36.97 -36.89 8.78
C ALA G 211 37.53 -36.27 10.05
N ASN G 212 38.02 -37.10 10.96
CA ASN G 212 38.59 -36.61 12.20
C ASN G 212 39.60 -35.50 11.98
N THR G 213 40.27 -35.50 10.82
CA THR G 213 41.15 -34.38 10.48
C THR G 213 40.35 -33.11 10.21
N LEU G 214 39.24 -33.23 9.47
CA LEU G 214 38.42 -32.06 9.20
C LEU G 214 37.85 -31.47 10.48
N ILE G 215 37.34 -32.32 11.38
CA ILE G 215 36.80 -31.82 12.64
C ILE G 215 37.86 -31.04 13.39
N ASN G 216 39.10 -31.55 13.42
CA ASN G 216 40.20 -30.82 14.04
C ASN G 216 40.38 -29.45 13.40
N LEU G 217 40.32 -29.38 12.07
CA LEU G 217 40.47 -28.11 11.37
C LEU G 217 39.32 -27.16 11.71
N ILE G 218 38.10 -27.69 11.81
CA ILE G 218 36.94 -26.84 12.07
C ILE G 218 37.14 -26.03 13.34
N THR G 219 37.94 -26.54 14.27
CA THR G 219 38.18 -25.82 15.52
C THR G 219 38.70 -24.41 15.25
N GLU G 220 39.54 -24.26 14.23
CA GLU G 220 40.08 -22.94 13.90
C GLU G 220 38.97 -22.00 13.46
N ARG G 221 38.08 -22.47 12.57
CA ARG G 221 36.95 -21.63 12.16
C ARG G 221 36.10 -21.25 13.36
N VAL G 222 35.93 -22.17 14.31
CA VAL G 222 35.20 -21.83 15.54
C VAL G 222 35.90 -20.72 16.29
N THR G 223 37.23 -20.81 16.39
CA THR G 223 37.98 -19.76 17.09
C THR G 223 37.80 -18.42 16.42
N ALA G 224 37.82 -18.39 15.08
CA ALA G 224 37.71 -17.13 14.36
C ALA G 224 36.29 -16.59 14.34
N TYR G 225 35.29 -17.48 14.48
CA TYR G 225 33.90 -17.04 14.39
C TYR G 225 33.41 -16.41 15.69
N ALA G 226 33.93 -16.84 16.84
CA ALA G 226 33.44 -16.41 18.14
C ALA G 226 33.38 -14.90 18.24
N PRO G 227 34.49 -14.19 18.02
CA PRO G 227 34.46 -12.72 18.17
C PRO G 227 33.52 -12.05 17.18
N GLN G 228 33.46 -12.55 15.94
CA GLN G 228 32.54 -11.97 14.96
C GLN G 228 31.09 -12.09 15.42
N ILE G 229 30.74 -13.23 16.01
CA ILE G 229 29.42 -13.38 16.63
C ILE G 229 29.21 -12.29 17.67
N ASP G 230 30.23 -12.06 18.52
CA ASP G 230 30.11 -11.07 19.56
C ASP G 230 30.04 -9.65 19.00
N GLU G 231 30.69 -9.41 17.85
CA GLU G 231 30.72 -8.08 17.27
C GLU G 231 29.50 -7.78 16.41
N GLY G 232 28.86 -8.80 15.86
CA GLY G 232 27.77 -8.57 14.93
C GLY G 232 28.21 -8.25 13.52
N LYS G 233 29.44 -8.62 13.15
CA LYS G 233 29.97 -8.42 11.82
C LYS G 233 30.64 -9.71 11.38
N TYR G 234 30.28 -10.20 10.19
CA TYR G 234 30.67 -11.53 9.72
C TYR G 234 31.31 -11.43 8.35
N PRO G 235 32.54 -10.92 8.28
CA PRO G 235 33.27 -10.94 7.00
C PRO G 235 33.50 -12.38 6.54
N ALA G 236 33.66 -12.54 5.23
CA ALA G 236 33.81 -13.87 4.62
C ALA G 236 35.28 -14.16 4.43
N GLY G 237 35.85 -14.90 5.39
CA GLY G 237 37.24 -15.32 5.28
C GLY G 237 37.38 -16.67 4.61
N ASP G 238 36.38 -17.55 4.80
CA ASP G 238 36.38 -18.86 4.19
C ASP G 238 35.56 -18.89 2.91
N ALA G 239 34.26 -18.59 3.02
CA ALA G 239 33.35 -18.62 1.89
C ALA G 239 32.06 -17.91 2.27
N THR G 240 31.48 -17.19 1.33
CA THR G 240 30.23 -16.48 1.61
C THR G 240 29.10 -17.49 1.80
N MET G 241 27.99 -16.99 2.35
CA MET G 241 26.83 -17.85 2.54
C MET G 241 26.28 -18.37 1.21
N THR G 242 26.52 -17.63 0.13
CA THR G 242 26.10 -18.10 -1.19
C THR G 242 26.82 -19.39 -1.56
N VAL G 243 28.13 -19.44 -1.31
CA VAL G 243 28.89 -20.65 -1.64
C VAL G 243 28.52 -21.79 -0.68
N HIS G 244 28.32 -21.47 0.59
CA HIS G 244 27.81 -22.47 1.52
C HIS G 244 26.44 -22.97 1.09
N GLN G 245 25.58 -22.05 0.67
CA GLN G 245 24.24 -22.42 0.22
C GLN G 245 24.31 -23.40 -0.95
N ASP G 246 25.06 -23.05 -2.00
CA ASP G 246 25.20 -23.94 -3.15
C ASP G 246 25.81 -25.27 -2.74
N ALA G 247 26.74 -25.26 -1.78
CA ALA G 247 27.35 -26.52 -1.33
C ALA G 247 26.32 -27.41 -0.66
N MET G 248 25.48 -26.85 0.21
CA MET G 248 24.44 -27.65 0.84
C MET G 248 23.46 -28.17 -0.20
N GLU G 249 23.13 -27.34 -1.20
CA GLU G 249 22.24 -27.78 -2.27
C GLU G 249 22.80 -29.01 -2.97
N HIS G 250 24.12 -29.06 -3.18
CA HIS G 250 24.72 -30.20 -3.85
C HIS G 250 24.68 -31.44 -2.96
N LEU G 251 24.91 -31.27 -1.67
CA LEU G 251 24.83 -32.41 -0.75
C LEU G 251 23.44 -33.01 -0.75
N ALA G 252 22.41 -32.16 -0.66
CA ALA G 252 21.04 -32.65 -0.69
C ALA G 252 20.75 -33.41 -1.98
N GLU G 253 21.03 -32.77 -3.13
CA GLU G 253 20.67 -33.38 -4.40
C GLU G 253 21.33 -34.74 -4.59
N GLU G 254 22.64 -34.82 -4.30
CA GLU G 254 23.32 -36.10 -4.48
C GLU G 254 22.86 -37.13 -3.46
N SER G 255 22.58 -36.70 -2.23
CA SER G 255 22.03 -37.63 -1.25
C SER G 255 20.72 -38.23 -1.69
N GLU G 256 19.98 -37.54 -2.58
CA GLU G 256 18.73 -38.06 -3.09
C GLU G 256 18.95 -39.03 -4.25
N THR G 257 19.74 -38.60 -5.25
CA THR G 257 20.00 -39.47 -6.40
C THR G 257 20.68 -40.77 -5.99
N LEU G 258 21.48 -40.73 -4.92
CA LEU G 258 22.16 -41.93 -4.44
C LEU G 258 21.33 -42.72 -3.42
N GLY G 259 20.16 -42.22 -3.05
CA GLY G 259 19.22 -43.01 -2.27
C GLY G 259 19.44 -43.03 -0.77
N ILE G 260 20.02 -41.97 -0.21
CA ILE G 260 20.17 -41.89 1.24
C ILE G 260 19.29 -40.76 1.76
N SER G 261 19.43 -40.44 3.04
CA SER G 261 18.62 -39.39 3.63
C SER G 261 19.12 -38.03 3.17
N ALA G 262 18.19 -37.22 2.66
CA ALA G 262 18.47 -35.84 2.30
C ALA G 262 17.75 -34.86 3.22
N GLU G 263 17.42 -35.28 4.44
CA GLU G 263 16.72 -34.36 5.33
C GLU G 263 17.67 -33.32 5.94
N MET G 264 18.86 -33.75 6.35
CA MET G 264 19.78 -32.83 7.03
C MET G 264 20.27 -31.77 6.07
N PRO G 265 20.95 -32.11 4.98
CA PRO G 265 21.40 -31.09 4.04
C PRO G 265 20.32 -30.11 3.68
N ARG G 266 19.11 -30.62 3.45
CA ARG G 266 18.01 -29.74 3.09
C ARG G 266 17.59 -28.88 4.26
N PHE G 267 17.64 -29.40 5.48
CA PHE G 267 17.40 -28.56 6.65
C PHE G 267 18.48 -27.49 6.78
N PHE G 268 19.73 -27.87 6.53
CA PHE G 268 20.83 -26.90 6.59
C PHE G 268 20.67 -25.83 5.54
N LYS G 269 20.43 -26.23 4.29
CA LYS G 269 20.22 -25.25 3.22
C LYS G 269 19.13 -24.26 3.59
N ALA G 270 18.03 -24.75 4.17
CA ALA G 270 16.94 -23.86 4.57
C ALA G 270 17.44 -22.75 5.47
N LEU G 271 18.31 -23.08 6.43
CA LEU G 271 18.86 -22.07 7.32
C LEU G 271 19.67 -21.04 6.54
N ALA G 272 20.44 -21.48 5.54
CA ALA G 272 21.17 -20.53 4.71
C ALA G 272 20.23 -19.64 3.92
N ASP G 273 19.16 -20.22 3.36
CA ASP G 273 18.17 -19.42 2.66
C ASP G 273 17.70 -18.26 3.51
N ARG G 274 17.46 -18.52 4.80
CA ARG G 274 17.08 -17.43 5.71
C ARG G 274 18.22 -16.44 5.88
N ALA G 275 19.46 -16.93 5.94
CA ALA G 275 20.60 -16.03 6.06
C ALA G 275 20.72 -15.13 4.84
N VAL G 276 20.49 -15.68 3.65
CA VAL G 276 20.54 -14.87 2.44
C VAL G 276 19.42 -13.84 2.43
N ALA G 277 18.20 -14.28 2.77
CA ALA G 277 17.08 -13.35 2.82
C ALA G 277 17.32 -12.24 3.85
N ASP G 278 18.05 -12.55 4.92
CA ASP G 278 18.40 -11.55 5.93
C ASP G 278 19.56 -10.67 5.51
N GLY G 279 20.04 -10.82 4.27
CA GLY G 279 21.06 -9.93 3.74
C GLY G 279 22.49 -10.32 4.03
N HIS G 280 22.79 -11.62 4.12
CA HIS G 280 24.13 -12.09 4.44
C HIS G 280 24.66 -13.04 3.37
N ALA G 281 24.25 -12.83 2.12
CA ALA G 281 24.73 -13.69 1.03
C ALA G 281 26.24 -13.63 0.90
N ASP G 282 26.85 -12.49 1.23
CA ASP G 282 28.30 -12.31 1.11
C ASP G 282 29.03 -12.43 2.44
N SER G 283 28.30 -12.65 3.54
CA SER G 283 28.93 -12.81 4.84
C SER G 283 29.50 -14.22 4.99
N GLY G 284 30.32 -14.38 6.02
CA GLY G 284 30.79 -15.71 6.37
C GLY G 284 29.75 -16.48 7.15
N TYR G 285 30.01 -17.78 7.32
CA TYR G 285 29.06 -18.64 8.02
C TYR G 285 28.73 -18.13 9.41
N ALA G 286 29.60 -17.32 10.02
CA ALA G 286 29.33 -16.81 11.36
C ALA G 286 28.00 -16.08 11.43
N ALA G 287 27.54 -15.53 10.31
CA ALA G 287 26.26 -14.83 10.29
C ALA G 287 25.09 -15.76 10.64
N MET G 288 25.26 -17.07 10.48
CA MET G 288 24.18 -18.01 10.77
C MET G 288 23.70 -17.90 12.21
N ILE G 289 24.49 -17.30 13.10
CA ILE G 289 24.07 -17.18 14.50
C ILE G 289 22.73 -16.49 14.61
N GLU G 290 22.44 -15.55 13.71
CA GLU G 290 21.15 -14.86 13.75
C GLU G 290 20.00 -15.81 13.43
N GLN G 291 20.27 -16.87 12.66
CA GLN G 291 19.22 -17.84 12.36
C GLN G 291 18.96 -18.74 13.56
N PHE G 292 20.00 -19.07 14.33
CA PHE G 292 19.84 -19.90 15.51
C PHE G 292 19.26 -19.15 16.70
N ARG G 293 19.15 -17.83 16.62
CA ARG G 293 18.54 -17.04 17.68
C ARG G 293 17.04 -16.85 17.48
N LYS G 294 16.55 -16.94 16.26
CA LYS G 294 15.14 -16.72 15.98
C LYS G 294 14.29 -17.85 16.55
N PRO G 295 13.30 -17.55 17.41
CA PRO G 295 12.36 -18.54 17.95
C PRO G 295 11.77 -19.43 16.86
N ALA H 136 43.86 -25.16 0.52
CA ALA H 136 44.34 -25.83 1.71
C ALA H 136 44.06 -27.32 1.66
N ILE H 137 43.03 -27.70 0.90
CA ILE H 137 42.66 -29.11 0.76
C ILE H 137 42.08 -29.34 -0.62
N LEU H 138 42.79 -30.12 -1.44
CA LEU H 138 42.30 -30.52 -2.74
C LEU H 138 41.74 -31.94 -2.65
N LEU H 139 41.26 -32.46 -3.77
CA LEU H 139 40.66 -33.80 -3.77
C LEU H 139 40.74 -34.36 -5.18
N TYR H 140 41.51 -35.45 -5.34
CA TYR H 140 41.68 -36.11 -6.62
C TYR H 140 41.23 -37.56 -6.51
N SER H 141 40.57 -38.06 -7.54
CA SER H 141 40.07 -39.43 -7.57
C SER H 141 40.19 -39.97 -8.99
N GLY H 142 40.51 -41.26 -9.09
CA GLY H 142 40.64 -41.91 -10.37
C GLY H 142 41.91 -42.76 -10.46
N PRO H 143 42.46 -42.85 -11.67
CA PRO H 143 43.68 -43.65 -11.86
C PRO H 143 44.85 -43.13 -11.03
N LYS H 144 45.25 -43.89 -10.02
CA LYS H 144 46.36 -43.48 -9.16
C LYS H 144 47.65 -43.28 -9.95
N ALA H 145 47.77 -43.90 -11.12
CA ALA H 145 49.00 -43.77 -11.91
C ALA H 145 49.26 -42.32 -12.28
N ALA H 146 48.26 -41.65 -12.87
CA ALA H 146 48.42 -40.25 -13.26
C ALA H 146 48.63 -39.33 -12.06
N PHE H 147 48.25 -39.78 -10.86
CA PHE H 147 48.42 -38.94 -9.68
C PHE H 147 49.89 -38.74 -9.35
N GLU H 148 50.58 -39.83 -8.98
CA GLU H 148 52.01 -39.71 -8.65
C GLU H 148 52.82 -39.22 -9.83
N GLU H 149 52.44 -39.60 -11.05
CA GLU H 149 53.12 -39.12 -12.25
C GLU H 149 53.13 -37.59 -12.28
N HIS H 150 51.93 -36.99 -12.34
CA HIS H 150 51.78 -35.54 -12.31
C HIS H 150 51.73 -34.98 -10.90
N GLU H 151 52.25 -35.71 -9.91
CA GLU H 151 52.36 -35.17 -8.56
C GLU H 151 53.43 -34.08 -8.54
N ALA H 152 53.69 -33.55 -7.35
CA ALA H 152 54.61 -32.41 -7.21
C ALA H 152 54.02 -31.20 -7.93
N THR H 153 53.73 -31.35 -9.23
CA THR H 153 52.97 -30.33 -9.94
C THR H 153 51.64 -30.09 -9.25
N LEU H 154 50.96 -31.16 -8.82
CA LEU H 154 49.75 -30.99 -8.03
C LEU H 154 50.07 -30.45 -6.64
N ARG H 155 51.12 -30.95 -6.01
CA ARG H 155 51.51 -30.50 -4.69
C ARG H 155 51.82 -29.01 -4.65
N ALA H 156 51.87 -28.34 -5.80
CA ALA H 156 52.10 -26.89 -5.80
C ALA H 156 50.98 -26.16 -5.06
N LEU H 157 49.77 -26.69 -5.07
CA LEU H 157 48.64 -26.07 -4.40
C LEU H 157 48.40 -26.63 -3.00
N GLY H 158 49.24 -27.54 -2.55
CA GLY H 158 49.11 -28.13 -1.22
C GLY H 158 50.45 -28.63 -0.75
N ALA H 159 50.43 -29.67 0.09
CA ALA H 159 51.65 -30.25 0.62
C ALA H 159 51.29 -31.28 1.68
N ALA H 160 50.83 -30.82 2.84
CA ALA H 160 50.19 -31.71 3.81
C ALA H 160 48.71 -31.86 3.55
N GLY H 161 48.11 -30.94 2.79
CA GLY H 161 46.72 -31.05 2.39
C GLY H 161 46.58 -31.66 1.01
N THR H 162 47.61 -32.40 0.60
CA THR H 162 47.61 -33.12 -0.68
C THR H 162 47.52 -34.61 -0.34
N THR H 163 46.29 -35.11 -0.27
CA THR H 163 46.03 -36.50 0.10
C THR H 163 44.74 -36.94 -0.55
N TYR H 164 44.83 -37.87 -1.50
CA TYR H 164 43.70 -38.26 -2.33
C TYR H 164 43.75 -39.77 -2.58
N LEU H 165 42.59 -40.39 -2.67
CA LEU H 165 42.50 -41.84 -2.56
C LEU H 165 41.47 -42.41 -3.53
N ASP H 166 41.73 -43.65 -3.96
CA ASP H 166 40.78 -44.48 -4.70
C ASP H 166 40.45 -43.93 -6.08
N THR H 167 39.92 -44.80 -6.94
CA THR H 167 39.75 -44.51 -8.36
C THR H 167 38.28 -44.41 -8.76
N ASP H 168 37.38 -44.22 -7.79
CA ASP H 168 35.95 -44.14 -8.10
C ASP H 168 35.61 -42.96 -9.00
N HIS H 169 36.52 -42.00 -9.15
CA HIS H 169 36.27 -40.81 -9.97
C HIS H 169 35.26 -39.90 -9.28
N GLY H 170 34.11 -40.44 -8.91
CA GLY H 170 33.16 -39.71 -8.08
C GLY H 170 33.48 -39.69 -6.61
N LEU H 171 34.52 -40.43 -6.20
CA LEU H 171 34.89 -40.46 -4.79
C LEU H 171 35.36 -39.10 -4.29
N SER H 172 36.04 -38.33 -5.15
CA SER H 172 36.52 -37.02 -4.73
C SER H 172 35.37 -36.08 -4.40
N ALA H 173 34.42 -35.93 -5.34
CA ALA H 173 33.26 -35.09 -5.07
C ALA H 173 32.44 -35.62 -3.90
N LEU H 174 32.45 -36.93 -3.68
CA LEU H 174 31.73 -37.49 -2.54
C LEU H 174 32.35 -37.03 -1.23
N TYR H 175 33.66 -37.27 -1.05
CA TYR H 175 34.34 -36.80 0.14
C TYR H 175 34.18 -35.29 0.32
N ASP H 176 34.05 -34.56 -0.80
CA ASP H 176 33.85 -33.11 -0.72
C ASP H 176 32.59 -32.79 0.09
N MET H 177 31.43 -33.23 -0.40
CA MET H 177 30.18 -32.92 0.27
C MET H 177 30.11 -33.59 1.65
N SER H 178 30.57 -34.84 1.75
CA SER H 178 30.58 -35.52 3.04
C SER H 178 31.32 -34.69 4.08
N LEU H 179 32.55 -34.28 3.76
CA LEU H 179 33.32 -33.47 4.70
C LEU H 179 32.67 -32.12 4.93
N LEU H 180 32.07 -31.54 3.88
CA LEU H 180 31.33 -30.30 4.07
C LEU H 180 30.19 -30.48 5.07
N GLY H 181 29.51 -31.62 5.02
CA GLY H 181 28.43 -31.88 5.95
C GLY H 181 28.90 -31.91 7.39
N ILE H 182 30.11 -32.43 7.62
CA ILE H 182 30.64 -32.43 8.97
C ILE H 182 30.97 -31.02 9.43
N MET H 183 31.40 -30.16 8.52
CA MET H 183 31.68 -28.77 8.87
C MET H 183 30.42 -28.05 9.28
N TRP H 184 29.36 -28.17 8.47
CA TRP H 184 28.09 -27.53 8.82
C TRP H 184 27.53 -28.09 10.12
N GLY H 185 27.61 -29.41 10.30
CA GLY H 185 27.15 -29.99 11.56
C GLY H 185 27.89 -29.43 12.75
N VAL H 186 29.23 -29.36 12.65
CA VAL H 186 30.02 -28.81 13.75
C VAL H 186 29.66 -27.36 13.99
N LEU H 187 29.70 -26.54 12.94
CA LEU H 187 29.44 -25.11 13.11
C LEU H 187 28.03 -24.87 13.61
N ASN H 188 27.03 -25.55 13.03
CA ASN H 188 25.66 -25.36 13.45
C ASN H 188 25.47 -25.75 14.91
N GLY H 189 26.17 -26.78 15.38
CA GLY H 189 26.12 -27.11 16.79
C GLY H 189 26.72 -26.02 17.65
N PHE H 190 27.87 -25.47 17.24
CA PHE H 190 28.50 -24.40 17.99
C PHE H 190 27.61 -23.16 18.02
N LEU H 191 27.08 -22.76 16.87
CA LEU H 191 26.18 -21.61 16.83
C LEU H 191 24.99 -21.82 17.74
N GLN H 192 24.39 -23.02 17.71
CA GLN H 192 23.32 -23.34 18.65
C GLN H 192 23.79 -23.12 20.08
N GLY H 193 24.96 -23.66 20.43
CA GLY H 193 25.49 -23.42 21.76
C GLY H 193 25.73 -21.95 22.04
N ALA H 194 26.39 -21.27 21.10
CA ALA H 194 26.63 -19.84 21.27
C ALA H 194 25.32 -19.08 21.46
N ALA H 195 24.27 -19.47 20.74
CA ALA H 195 22.97 -18.83 20.91
C ALA H 195 22.44 -19.06 22.33
N LEU H 196 22.43 -20.31 22.77
CA LEU H 196 21.98 -20.64 24.12
C LEU H 196 22.73 -19.81 25.16
N LEU H 197 24.06 -19.98 25.20
CA LEU H 197 24.85 -19.28 26.21
C LEU H 197 24.75 -17.77 26.06
N GLY H 198 24.45 -17.29 24.85
CA GLY H 198 24.26 -15.87 24.66
C GLY H 198 23.15 -15.32 25.54
N THR H 199 22.08 -16.10 25.72
CA THR H 199 20.99 -15.67 26.59
C THR H 199 21.51 -15.34 27.99
N ALA H 200 22.49 -16.10 28.47
CA ALA H 200 23.11 -15.86 29.76
C ALA H 200 24.28 -14.88 29.68
N LYS H 201 24.27 -13.99 28.69
CA LYS H 201 25.28 -12.95 28.52
C LYS H 201 26.69 -13.52 28.36
N VAL H 202 26.83 -14.81 28.10
CA VAL H 202 28.14 -15.42 27.88
C VAL H 202 28.58 -15.13 26.46
N LYS H 203 29.82 -14.65 26.31
CA LYS H 203 30.35 -14.33 24.99
C LYS H 203 30.87 -15.57 24.30
N ALA H 204 30.62 -15.67 22.99
CA ALA H 204 31.05 -16.82 22.22
C ALA H 204 32.55 -17.06 22.37
N THR H 205 33.34 -15.99 22.40
CA THR H 205 34.78 -16.13 22.51
C THR H 205 35.20 -16.81 23.81
N THR H 206 34.34 -16.78 24.83
CA THR H 206 34.64 -17.52 26.06
C THR H 206 34.18 -18.97 25.96
N PHE H 207 33.05 -19.21 25.29
CA PHE H 207 32.57 -20.57 25.08
C PHE H 207 33.37 -21.31 24.02
N ALA H 208 34.05 -20.57 23.13
CA ALA H 208 34.76 -21.21 22.02
C ALA H 208 35.86 -22.16 22.47
N PRO H 209 36.73 -21.80 23.41
CA PRO H 209 37.78 -22.74 23.81
C PRO H 209 37.22 -24.05 24.35
N LEU H 210 36.26 -23.97 25.28
CA LEU H 210 35.59 -25.18 25.76
C LEU H 210 34.95 -25.94 24.61
N ALA H 211 34.17 -25.25 23.79
CA ALA H 211 33.52 -25.88 22.64
C ALA H 211 34.54 -26.66 21.81
N ASN H 212 35.73 -26.11 21.64
CA ASN H 212 36.74 -26.78 20.82
C ASN H 212 37.34 -27.97 21.54
N THR H 213 37.46 -27.92 22.86
CA THR H 213 37.94 -29.08 23.61
C THR H 213 37.04 -30.29 23.35
N LEU H 214 35.74 -30.13 23.52
CA LEU H 214 34.82 -31.22 23.25
C LEU H 214 34.88 -31.65 21.79
N ILE H 215 34.97 -30.69 20.87
CA ILE H 215 35.07 -31.03 19.45
C ILE H 215 36.24 -31.98 19.24
N ASN H 216 37.41 -31.61 19.73
CA ASN H 216 38.57 -32.47 19.62
C ASN H 216 38.39 -33.74 20.43
N LEU H 217 37.56 -33.70 21.47
CA LEU H 217 37.30 -34.90 22.27
C LEU H 217 36.30 -35.81 21.59
N ILE H 218 35.28 -35.23 20.93
CA ILE H 218 34.30 -36.04 20.20
C ILE H 218 35.01 -36.99 19.25
N THR H 219 36.16 -36.57 18.71
CA THR H 219 37.00 -37.41 17.89
C THR H 219 37.13 -38.81 18.47
N GLU H 220 37.31 -38.89 19.78
CA GLU H 220 37.48 -40.22 20.42
C GLU H 220 36.23 -41.04 20.11
N ARG H 221 35.05 -40.43 20.25
CA ARG H 221 33.81 -41.16 20.02
C ARG H 221 33.52 -41.34 18.54
N VAL H 222 34.22 -40.62 17.66
CA VAL H 222 33.99 -40.76 16.22
C VAL H 222 34.59 -42.05 15.69
N THR H 223 35.89 -42.24 15.92
CA THR H 223 36.55 -43.48 15.49
C THR H 223 36.02 -44.69 16.25
N ALA H 224 35.60 -44.50 17.50
CA ALA H 224 35.05 -45.60 18.28
C ALA H 224 33.78 -46.14 17.62
N TYR H 225 32.86 -45.25 17.27
CA TYR H 225 31.66 -45.66 16.55
C TYR H 225 31.94 -46.12 15.14
N ALA H 226 33.14 -45.86 14.65
CA ALA H 226 33.46 -46.22 13.26
C ALA H 226 33.28 -47.74 13.09
N PRO H 227 33.94 -48.62 13.87
CA PRO H 227 33.73 -50.07 13.69
C PRO H 227 32.29 -50.48 13.89
N GLN H 228 31.60 -49.92 14.88
CA GLN H 228 30.19 -50.24 15.09
C GLN H 228 29.40 -50.09 13.80
N ILE H 229 29.83 -49.20 12.91
CA ILE H 229 29.22 -49.12 11.58
C ILE H 229 29.61 -50.32 10.73
N ASP H 230 30.77 -50.91 10.99
CA ASP H 230 31.21 -52.10 10.26
C ASP H 230 30.65 -53.37 10.88
N GLU H 231 30.76 -53.53 12.20
CA GLU H 231 30.28 -54.73 12.85
C GLU H 231 28.82 -54.99 12.55
N GLY H 232 28.00 -53.93 12.57
CA GLY H 232 26.58 -54.03 12.34
C GLY H 232 25.75 -53.83 13.59
N LYS H 233 26.33 -54.04 14.77
CA LYS H 233 25.66 -53.76 16.04
C LYS H 233 26.49 -52.74 16.81
N TYR H 234 25.87 -52.14 17.82
CA TYR H 234 26.41 -50.94 18.46
C TYR H 234 26.27 -51.04 19.98
N PRO H 235 27.35 -51.41 20.68
CA PRO H 235 27.30 -51.51 22.15
C PRO H 235 27.37 -50.14 22.80
N ALA H 236 26.48 -49.89 23.75
CA ALA H 236 26.36 -48.58 24.38
C ALA H 236 27.01 -48.61 25.76
N GLY H 237 28.34 -48.73 25.75
CA GLY H 237 29.10 -48.65 26.99
C GLY H 237 29.11 -47.27 27.62
N ASP H 238 28.83 -46.24 26.83
CA ASP H 238 28.74 -44.86 27.32
C ASP H 238 27.30 -44.40 27.49
N ALA H 239 26.47 -44.57 26.46
CA ALA H 239 25.09 -44.13 26.53
C ALA H 239 24.28 -44.83 25.43
N THR H 240 23.03 -45.10 25.73
CA THR H 240 22.11 -45.76 24.80
C THR H 240 21.27 -44.72 24.07
N MET H 241 20.64 -45.16 22.98
CA MET H 241 19.78 -44.28 22.21
C MET H 241 18.69 -43.66 23.08
N THR H 242 18.31 -44.34 24.17
CA THR H 242 17.27 -43.80 25.05
C THR H 242 17.78 -42.59 25.82
N VAL H 243 19.02 -42.65 26.32
CA VAL H 243 19.55 -41.53 27.09
C VAL H 243 19.89 -40.37 26.15
N HIS H 244 20.40 -40.68 24.95
CA HIS H 244 20.56 -39.65 23.94
C HIS H 244 19.23 -38.95 23.67
N GLN H 245 18.22 -39.74 23.30
CA GLN H 245 16.87 -39.23 23.12
C GLN H 245 16.47 -38.28 24.26
N ASP H 246 16.60 -38.74 25.51
CA ASP H 246 16.21 -37.93 26.64
C ASP H 246 17.02 -36.64 26.74
N ALA H 247 18.31 -36.71 26.39
CA ALA H 247 19.14 -35.50 26.43
C ALA H 247 18.73 -34.52 25.33
N MET H 248 18.37 -35.04 24.16
CA MET H 248 17.96 -34.16 23.06
C MET H 248 16.66 -33.43 23.39
N GLU H 249 15.70 -34.14 24.01
CA GLU H 249 14.47 -33.48 24.42
C GLU H 249 14.77 -32.29 25.33
N HIS H 250 15.74 -32.44 26.24
CA HIS H 250 16.08 -31.33 27.13
C HIS H 250 16.65 -30.15 26.35
N LEU H 251 17.52 -30.43 25.38
CA LEU H 251 18.06 -29.35 24.55
C LEU H 251 16.94 -28.60 23.83
N ALA H 252 15.95 -29.33 23.33
CA ALA H 252 14.81 -28.68 22.67
C ALA H 252 14.05 -27.80 23.65
N GLU H 253 13.62 -28.37 24.77
CA GLU H 253 12.93 -27.58 25.79
C GLU H 253 13.76 -26.37 26.20
N GLU H 254 15.06 -26.60 26.44
CA GLU H 254 15.94 -25.50 26.82
C GLU H 254 15.93 -24.39 25.77
N SER H 255 16.02 -24.77 24.49
CA SER H 255 15.98 -23.77 23.43
C SER H 255 14.62 -23.10 23.34
N GLU H 256 13.54 -23.88 23.43
CA GLU H 256 12.21 -23.31 23.38
C GLU H 256 12.00 -22.30 24.51
N THR H 257 12.49 -22.62 25.71
CA THR H 257 12.26 -21.76 26.86
C THR H 257 13.05 -20.46 26.75
N LEU H 258 14.34 -20.56 26.41
CA LEU H 258 15.18 -19.37 26.32
C LEU H 258 14.82 -18.47 25.13
N GLY H 259 13.94 -18.91 24.25
CA GLY H 259 13.49 -18.08 23.15
C GLY H 259 14.34 -18.15 21.90
N ILE H 260 15.25 -19.11 21.79
CA ILE H 260 16.08 -19.25 20.60
C ILE H 260 15.45 -20.30 19.69
N SER H 261 16.05 -20.50 18.52
CA SER H 261 15.55 -21.52 17.60
C SER H 261 15.63 -22.90 18.22
N ALA H 262 14.58 -23.69 18.02
CA ALA H 262 14.55 -25.08 18.43
C ALA H 262 14.38 -26.04 17.25
N GLU H 263 14.56 -25.53 16.02
CA GLU H 263 14.36 -26.37 14.84
C GLU H 263 15.36 -27.52 14.80
N MET H 264 16.65 -27.19 14.83
CA MET H 264 17.67 -28.23 14.82
C MET H 264 17.49 -29.21 15.99
N PRO H 265 17.33 -28.77 17.23
CA PRO H 265 17.10 -29.73 18.33
C PRO H 265 15.96 -30.68 18.04
N ARG H 266 14.78 -30.16 17.70
CA ARG H 266 13.65 -31.03 17.36
C ARG H 266 14.02 -31.99 16.25
N PHE H 267 14.75 -31.51 15.24
CA PHE H 267 15.14 -32.37 14.13
C PHE H 267 16.02 -33.52 14.62
N PHE H 268 16.99 -33.23 15.48
CA PHE H 268 17.82 -34.29 16.03
C PHE H 268 17.01 -35.23 16.92
N LYS H 269 16.10 -34.67 17.72
CA LYS H 269 15.22 -35.51 18.52
C LYS H 269 14.32 -36.37 17.63
N ALA H 270 13.82 -35.79 16.54
CA ALA H 270 13.03 -36.56 15.59
C ALA H 270 13.81 -37.75 15.06
N LEU H 271 15.09 -37.53 14.73
CA LEU H 271 15.91 -38.63 14.23
C LEU H 271 16.12 -39.70 15.30
N ALA H 272 16.33 -39.29 16.55
CA ALA H 272 16.51 -40.26 17.63
C ALA H 272 15.25 -41.09 17.83
N ASP H 273 14.07 -40.44 17.80
CA ASP H 273 12.81 -41.17 17.93
C ASP H 273 12.73 -42.28 16.88
N ARG H 274 13.04 -41.94 15.62
CA ARG H 274 13.03 -42.96 14.57
C ARG H 274 13.94 -44.12 14.93
N ALA H 275 15.08 -43.84 15.55
CA ALA H 275 15.98 -44.90 15.98
C ALA H 275 15.29 -45.81 16.99
N VAL H 276 14.78 -45.22 18.08
CA VAL H 276 14.08 -46.01 19.09
C VAL H 276 12.92 -46.77 18.47
N ALA H 277 12.10 -46.07 17.67
CA ALA H 277 10.96 -46.71 17.03
C ALA H 277 11.40 -47.83 16.09
N ASP H 278 12.66 -47.85 15.68
CA ASP H 278 13.20 -48.91 14.83
C ASP H 278 13.79 -50.06 15.62
N GLY H 279 13.65 -50.05 16.95
CA GLY H 279 14.13 -51.13 17.77
C GLY H 279 15.54 -50.99 18.30
N HIS H 280 16.15 -49.81 18.16
CA HIS H 280 17.51 -49.58 18.63
C HIS H 280 17.54 -48.80 19.94
N ALA H 281 16.42 -48.70 20.63
CA ALA H 281 16.34 -47.91 21.86
C ALA H 281 17.47 -48.23 22.84
N ASP H 282 18.09 -49.41 22.73
CA ASP H 282 19.17 -49.81 23.62
C ASP H 282 20.51 -49.87 22.92
N SER H 283 20.61 -49.36 21.68
CA SER H 283 21.88 -49.29 20.99
C SER H 283 22.55 -47.96 21.27
N GLY H 284 23.75 -47.77 20.69
CA GLY H 284 24.44 -46.51 20.77
C GLY H 284 24.18 -45.64 19.55
N TYR H 285 24.60 -44.38 19.65
CA TYR H 285 24.36 -43.43 18.57
C TYR H 285 24.81 -43.97 17.23
N ALA H 286 25.82 -44.84 17.21
CA ALA H 286 26.26 -45.44 15.96
C ALA H 286 25.11 -46.09 15.21
N ALA H 287 24.08 -46.53 15.93
CA ALA H 287 22.90 -47.11 15.28
C ALA H 287 22.16 -46.09 14.43
N MET H 288 22.33 -44.79 14.71
CA MET H 288 21.64 -43.76 13.95
C MET H 288 21.98 -43.79 12.47
N ILE H 289 23.07 -44.47 12.09
CA ILE H 289 23.45 -44.57 10.68
C ILE H 289 22.26 -45.04 9.85
N GLU H 290 21.42 -45.91 10.41
CA GLU H 290 20.28 -46.43 9.66
C GLU H 290 19.38 -45.30 9.19
N GLN H 291 19.16 -44.29 10.04
CA GLN H 291 18.27 -43.20 9.67
C GLN H 291 18.84 -42.37 8.53
N PHE H 292 20.16 -42.23 8.45
CA PHE H 292 20.77 -41.43 7.41
C PHE H 292 20.85 -42.16 6.07
N ARG H 293 20.64 -43.48 6.06
CA ARG H 293 20.58 -44.23 4.81
C ARG H 293 19.16 -44.31 4.25
N LYS H 294 18.14 -44.08 5.08
CA LYS H 294 16.75 -44.17 4.66
C LYS H 294 16.34 -42.91 3.90
N PRO H 295 16.08 -43.00 2.59
CA PRO H 295 15.61 -41.88 1.78
C PRO H 295 14.49 -41.08 2.47
#